data_4YAK
#
_entry.id   4YAK
#
_cell.length_a   106.410
_cell.length_b   111.690
_cell.length_c   125.970
_cell.angle_alpha   90.00
_cell.angle_beta   90.00
_cell.angle_gamma   90.00
#
_symmetry.space_group_name_H-M   'P 21 21 21'
#
loop_
_entity.id
_entity.type
_entity.pdbx_description
1 polymer 'alpha subunit of Acyl-CoA synthetase (NDP forming)'
2 polymer 'beta subunit of Acyl-CoA synthetase (NDP forming)'
3 non-polymer 'COENZYME A'
4 non-polymer 'ACETYL COENZYME *A'
5 water water
#
loop_
_entity_poly.entity_id
_entity_poly.type
_entity_poly.pdbx_seq_one_letter_code
_entity_poly.pdbx_strand_id
1 'polypeptide(L)'
;MNDLERLFNPSAIAVVGASKDPSKIGSQILRNLLSYGFKGKVYPINPTADELMGLKCYPKVSDVPDKVDVAVISVPSDKV
LGVIDDCGKAGVKFAVVITSGFKEVGNEELEEELVRRAHSYGMRVLGPNIFGYLYAPARLNATFGPKDVLSGNVAFISQS
GALGIALMGYTVVENIGISSIVSVGNKADLDDVDLLDFFDKDPNTGVIMIYLEGIAPGRGRMFIDVASRVSLRKPIIVIK
AGRTEVGARAAAS(NEP)TGSIAGSVAIYESAFKQSGILMAKSVEDAFDWTKALSWNPIPEGERLIVLTNGGGAGVQSTD
TFADNGIYLSKPPESLIQEIKKFVPPFASFANPIDITGMAPDDWYYMGTLAALKNPDVDALTVLYCQTAVTTPIGVAKGI
VDAIKEAGNSKPVTVGMVGGPEVAEAVSFLNKQRIAAYPTPERASSAMSALYAYARARSYVMKSLAVR
;
A,C
2 'polypeptide(L)'
;MSSRDLLLKAKENGRKSLLEHEAKYFISSYGIPVTNIRLAKSEEEAVNFSREIGFPVVLKIVSPQVVHKSDVGGVKVNLR
SEEEVRKAYREIIENVKRNVPNAEIEGILVQEFAPPGVELIIGLLRDPQFGPTVMFGLGGVFVELFRDVSFRVAPLSEQD
AESMIKEVKAYKLLTGFRGMEPVDIEAIKDALIRAGRIGVENEEIAEMDLNPVIAYPKGIKVVDARIILR
;
B,D
#
# COMPACT_ATOMS: atom_id res chain seq x y z
N ASN A 2 18.35 -28.44 -23.42
CA ASN A 2 17.36 -27.58 -22.80
C ASN A 2 16.67 -26.66 -23.82
N ASP A 3 16.89 -26.93 -25.10
CA ASP A 3 16.33 -26.10 -26.17
C ASP A 3 14.85 -26.38 -26.32
N LEU A 4 14.04 -25.34 -26.21
CA LEU A 4 12.59 -25.49 -26.28
C LEU A 4 12.01 -25.01 -27.59
N GLU A 5 12.86 -24.86 -28.60
CA GLU A 5 12.40 -24.44 -29.91
C GLU A 5 11.34 -25.39 -30.47
N ARG A 6 11.58 -26.70 -30.33
CA ARG A 6 10.72 -27.72 -30.92
C ARG A 6 9.43 -27.93 -30.10
N LEU A 7 9.41 -27.42 -28.87
CA LEU A 7 8.20 -27.46 -28.05
C LEU A 7 7.20 -26.42 -28.53
N PHE A 8 7.68 -25.19 -28.73
CA PHE A 8 6.82 -24.09 -29.16
C PHE A 8 6.58 -24.09 -30.66
N ASN A 9 7.54 -24.63 -31.41
CA ASN A 9 7.45 -24.70 -32.87
C ASN A 9 7.61 -26.12 -33.38
N PRO A 10 6.69 -27.02 -33.01
CA PRO A 10 6.80 -28.42 -33.42
C PRO A 10 6.37 -28.66 -34.86
N SER A 11 7.00 -29.63 -35.50
CA SER A 11 6.57 -30.08 -36.83
C SER A 11 5.35 -30.99 -36.68
N ALA A 12 5.38 -31.84 -35.66
CA ALA A 12 4.31 -32.80 -35.41
C ALA A 12 4.00 -32.88 -33.94
N ILE A 13 2.71 -32.96 -33.63
CA ILE A 13 2.24 -33.07 -32.26
C ILE A 13 1.19 -34.17 -32.16
N ALA A 14 1.27 -34.95 -31.08
CA ALA A 14 0.33 -36.03 -30.82
C ALA A 14 -0.53 -35.70 -29.60
N VAL A 15 -1.82 -36.00 -29.69
CA VAL A 15 -2.72 -35.83 -28.57
C VAL A 15 -3.17 -37.20 -28.06
N VAL A 16 -2.60 -37.63 -26.95
CA VAL A 16 -2.96 -38.90 -26.35
C VAL A 16 -4.08 -38.69 -25.35
N GLY A 17 -5.22 -39.32 -25.62
CA GLY A 17 -6.39 -39.21 -24.77
C GLY A 17 -7.58 -38.64 -25.50
N ALA A 18 -7.41 -38.30 -26.78
CA ALA A 18 -8.54 -37.86 -27.59
C ALA A 18 -9.52 -39.03 -27.69
N SER A 19 -10.81 -38.72 -27.83
CA SER A 19 -11.86 -39.73 -27.84
C SER A 19 -13.00 -39.37 -28.76
N LYS A 20 -13.81 -40.38 -29.08
CA LYS A 20 -15.03 -40.18 -29.85
C LYS A 20 -15.98 -39.29 -29.06
N ASP A 21 -15.90 -39.36 -27.73
CA ASP A 21 -16.67 -38.51 -26.85
C ASP A 21 -16.09 -37.09 -26.90
N PRO A 22 -16.85 -36.13 -27.44
CA PRO A 22 -16.31 -34.76 -27.59
C PRO A 22 -16.20 -34.00 -26.27
N SER A 23 -16.75 -34.56 -25.19
CA SER A 23 -16.77 -33.90 -23.90
C SER A 23 -15.44 -34.04 -23.17
N LYS A 24 -14.76 -35.17 -23.36
CA LYS A 24 -13.51 -35.44 -22.65
C LYS A 24 -12.46 -34.39 -22.98
N ILE A 25 -11.55 -34.17 -22.04
CA ILE A 25 -10.58 -33.09 -22.13
C ILE A 25 -9.64 -33.27 -23.33
N GLY A 26 -9.20 -34.50 -23.56
CA GLY A 26 -8.32 -34.78 -24.68
C GLY A 26 -8.90 -34.32 -25.99
N SER A 27 -10.22 -34.37 -26.11
CA SER A 27 -10.90 -33.97 -27.33
C SER A 27 -11.01 -32.46 -27.43
N GLN A 28 -11.15 -31.79 -26.29
CA GLN A 28 -11.21 -30.34 -26.25
C GLN A 28 -9.89 -29.75 -26.75
N ILE A 29 -8.79 -30.35 -26.31
CA ILE A 29 -7.47 -29.97 -26.77
C ILE A 29 -7.38 -30.13 -28.27
N LEU A 30 -7.70 -31.34 -28.74
CA LEU A 30 -7.69 -31.64 -30.17
C LEU A 30 -8.51 -30.63 -30.99
N ARG A 31 -9.65 -30.23 -30.45
CA ARG A 31 -10.52 -29.29 -31.14
C ARG A 31 -9.88 -27.90 -31.24
N ASN A 32 -9.12 -27.52 -30.21
CA ASN A 32 -8.44 -26.23 -30.21
C ASN A 32 -7.27 -26.18 -31.18
N LEU A 33 -6.52 -27.27 -31.27
CA LEU A 33 -5.42 -27.35 -32.23
C LEU A 33 -5.89 -27.04 -33.64
N LEU A 34 -6.96 -27.72 -34.07
CA LEU A 34 -7.48 -27.52 -35.43
C LEU A 34 -8.13 -26.16 -35.62
N SER A 35 -8.87 -25.70 -34.62
CA SER A 35 -9.58 -24.44 -34.73
C SER A 35 -8.60 -23.26 -34.80
N TYR A 36 -7.58 -23.30 -33.96
CA TYR A 36 -6.61 -22.21 -33.91
C TYR A 36 -5.76 -22.19 -35.18
N GLY A 37 -5.72 -23.32 -35.90
CA GLY A 37 -5.15 -23.36 -37.23
C GLY A 37 -3.70 -23.83 -37.29
N PHE A 38 -3.37 -24.86 -36.52
CA PHE A 38 -2.04 -25.43 -36.53
C PHE A 38 -1.71 -25.96 -37.93
N LYS A 39 -0.58 -25.51 -38.48
CA LYS A 39 -0.18 -25.84 -39.84
C LYS A 39 0.66 -27.11 -39.93
N GLY A 40 1.05 -27.64 -38.77
CA GLY A 40 1.82 -28.86 -38.73
C GLY A 40 0.97 -30.11 -38.77
N LYS A 41 1.57 -31.21 -38.35
CA LYS A 41 0.92 -32.51 -38.37
C LYS A 41 0.34 -32.80 -36.99
N VAL A 42 -0.91 -33.25 -36.96
CA VAL A 42 -1.57 -33.59 -35.71
C VAL A 42 -1.92 -35.06 -35.71
N TYR A 43 -1.52 -35.78 -34.66
CA TYR A 43 -1.72 -37.21 -34.56
C TYR A 43 -2.52 -37.60 -33.31
N PRO A 44 -3.86 -37.72 -33.45
CA PRO A 44 -4.67 -38.23 -32.33
C PRO A 44 -4.25 -39.65 -31.98
N ILE A 45 -4.24 -39.99 -30.69
CA ILE A 45 -3.87 -41.32 -30.24
C ILE A 45 -4.96 -41.89 -29.32
N ASN A 46 -5.55 -43.01 -29.74
CA ASN A 46 -6.64 -43.64 -29.02
C ASN A 46 -6.61 -45.15 -29.26
N PRO A 47 -6.91 -45.95 -28.22
CA PRO A 47 -6.73 -47.40 -28.38
C PRO A 47 -7.55 -48.06 -29.49
N THR A 48 -8.68 -47.47 -29.89
CA THR A 48 -9.62 -48.11 -30.81
C THR A 48 -10.00 -47.29 -32.05
N ALA A 49 -10.23 -45.99 -31.87
CA ALA A 49 -10.75 -45.13 -32.94
C ALA A 49 -9.89 -45.13 -34.21
N ASP A 50 -10.54 -44.94 -35.35
CA ASP A 50 -9.86 -44.93 -36.63
C ASP A 50 -9.59 -43.52 -37.13
N GLU A 51 -10.44 -42.59 -36.73
CA GLU A 51 -10.34 -41.22 -37.18
C GLU A 51 -11.03 -40.26 -36.19
N LEU A 52 -10.29 -39.30 -35.69
CA LEU A 52 -10.87 -38.28 -34.83
C LEU A 52 -10.66 -36.95 -35.51
N MET A 53 -11.73 -36.16 -35.58
CA MET A 53 -11.69 -34.83 -36.19
C MET A 53 -11.20 -34.89 -37.64
N GLY A 54 -11.48 -36.02 -38.31
CA GLY A 54 -11.10 -36.19 -39.70
C GLY A 54 -9.63 -36.50 -39.88
N LEU A 55 -8.99 -36.97 -38.82
CA LEU A 55 -7.55 -37.23 -38.82
C LEU A 55 -7.26 -38.69 -38.52
N LYS A 56 -6.35 -39.29 -39.27
CA LYS A 56 -5.98 -40.66 -39.00
C LYS A 56 -5.46 -40.82 -37.57
N CYS A 57 -6.16 -41.63 -36.79
CA CYS A 57 -5.82 -41.87 -35.41
C CYS A 57 -4.98 -43.15 -35.33
N TYR A 58 -4.13 -43.24 -34.30
CA TYR A 58 -3.25 -44.40 -34.11
C TYR A 58 -3.40 -44.92 -32.69
N PRO A 59 -3.20 -46.24 -32.49
CA PRO A 59 -3.36 -46.77 -31.13
C PRO A 59 -2.29 -46.26 -30.18
N LYS A 60 -1.11 -45.97 -30.70
CA LYS A 60 -0.03 -45.44 -29.87
C LYS A 60 0.94 -44.58 -30.68
N VAL A 61 1.66 -43.70 -29.98
CA VAL A 61 2.54 -42.74 -30.62
C VAL A 61 3.64 -43.38 -31.46
N SER A 62 4.20 -44.49 -30.97
CA SER A 62 5.32 -45.15 -31.66
C SER A 62 4.88 -45.80 -32.97
N ASP A 63 3.59 -45.89 -33.20
CA ASP A 63 3.04 -46.42 -34.45
C ASP A 63 2.92 -45.34 -35.52
N VAL A 64 3.22 -44.11 -35.15
CA VAL A 64 3.09 -43.00 -36.08
C VAL A 64 4.28 -42.94 -37.04
N PRO A 65 4.02 -42.91 -38.36
CA PRO A 65 5.09 -42.84 -39.36
C PRO A 65 5.62 -41.41 -39.52
N ASP A 66 6.19 -40.90 -38.44
CA ASP A 66 6.69 -39.54 -38.42
C ASP A 66 7.50 -39.33 -37.15
N LYS A 67 8.32 -38.30 -37.12
CA LYS A 67 9.03 -37.90 -35.91
C LYS A 67 8.12 -36.95 -35.13
N VAL A 68 7.63 -37.41 -33.98
CA VAL A 68 6.72 -36.60 -33.16
C VAL A 68 7.50 -35.75 -32.16
N ASP A 69 7.39 -34.43 -32.27
CA ASP A 69 8.13 -33.53 -31.38
C ASP A 69 7.49 -33.47 -30.01
N VAL A 70 6.18 -33.27 -29.98
CA VAL A 70 5.44 -33.08 -28.73
C VAL A 70 4.25 -34.03 -28.62
N ALA A 71 4.01 -34.52 -27.41
CA ALA A 71 2.83 -35.34 -27.11
C ALA A 71 2.04 -34.76 -25.93
N VAL A 72 0.79 -34.39 -26.19
CA VAL A 72 -0.09 -33.93 -25.11
C VAL A 72 -0.80 -35.14 -24.52
N ILE A 73 -0.50 -35.44 -23.26
CA ILE A 73 -1.01 -36.64 -22.62
C ILE A 73 -2.22 -36.31 -21.73
N SER A 74 -3.38 -36.85 -22.11
CA SER A 74 -4.61 -36.62 -21.37
C SER A 74 -5.28 -37.96 -21.00
N VAL A 75 -4.61 -38.71 -20.13
CA VAL A 75 -5.14 -39.99 -19.66
C VAL A 75 -4.93 -40.09 -18.16
N PRO A 76 -5.74 -40.92 -17.48
CA PRO A 76 -5.64 -41.02 -16.01
C PRO A 76 -4.23 -41.33 -15.54
N SER A 77 -3.89 -40.93 -14.32
CA SER A 77 -2.52 -41.04 -13.83
C SER A 77 -1.99 -42.48 -13.87
N ASP A 78 -2.87 -43.46 -13.72
CA ASP A 78 -2.44 -44.85 -13.69
C ASP A 78 -2.03 -45.39 -15.07
N LYS A 79 -2.20 -44.57 -16.11
CA LYS A 79 -1.84 -44.95 -17.48
C LYS A 79 -0.74 -44.06 -18.06
N VAL A 80 -0.34 -43.03 -17.32
CA VAL A 80 0.60 -42.05 -17.84
C VAL A 80 1.98 -42.65 -18.07
N LEU A 81 2.49 -43.39 -17.09
CA LEU A 81 3.80 -44.03 -17.23
C LEU A 81 3.85 -44.91 -18.46
N GLY A 82 2.78 -45.65 -18.72
CA GLY A 82 2.69 -46.48 -19.90
C GLY A 82 2.91 -45.68 -21.17
N VAL A 83 2.23 -44.54 -21.25
CA VAL A 83 2.33 -43.67 -22.41
C VAL A 83 3.73 -43.04 -22.52
N ILE A 84 4.33 -42.73 -21.38
CA ILE A 84 5.68 -42.17 -21.37
C ILE A 84 6.67 -43.11 -22.03
N ASP A 85 6.58 -44.40 -21.71
CA ASP A 85 7.49 -45.39 -22.28
C ASP A 85 7.34 -45.47 -23.78
N ASP A 86 6.11 -45.42 -24.26
CA ASP A 86 5.87 -45.46 -25.70
C ASP A 86 6.38 -44.20 -26.40
N CYS A 87 6.19 -43.07 -25.75
CA CYS A 87 6.68 -41.80 -26.28
C CYS A 87 8.19 -41.81 -26.35
N GLY A 88 8.83 -42.31 -25.31
CA GLY A 88 10.27 -42.42 -25.26
C GLY A 88 10.80 -43.29 -26.38
N LYS A 89 10.14 -44.43 -26.57
CA LYS A 89 10.46 -45.35 -27.65
C LYS A 89 10.34 -44.65 -29.01
N ALA A 90 9.37 -43.76 -29.13
CA ALA A 90 9.12 -43.04 -30.37
C ALA A 90 10.03 -41.81 -30.52
N GLY A 91 10.87 -41.56 -29.52
CA GLY A 91 11.81 -40.44 -29.57
C GLY A 91 11.17 -39.07 -29.41
N VAL A 92 10.07 -39.01 -28.68
CA VAL A 92 9.41 -37.74 -28.41
C VAL A 92 10.28 -36.88 -27.51
N LYS A 93 10.36 -35.59 -27.83
CA LYS A 93 11.23 -34.67 -27.08
C LYS A 93 10.53 -33.98 -25.92
N PHE A 94 9.21 -33.85 -26.01
CA PHE A 94 8.47 -33.15 -24.97
C PHE A 94 7.14 -33.81 -24.64
N ALA A 95 6.98 -34.21 -23.38
CA ALA A 95 5.72 -34.76 -22.91
C ALA A 95 4.96 -33.71 -22.13
N VAL A 96 3.83 -33.27 -22.69
CA VAL A 96 2.99 -32.28 -22.06
C VAL A 96 1.85 -32.98 -21.31
N VAL A 97 2.01 -33.15 -20.00
CA VAL A 97 1.14 -34.00 -19.20
C VAL A 97 0.01 -33.23 -18.53
N ILE A 98 -1.18 -33.29 -19.12
CA ILE A 98 -2.37 -32.66 -18.57
C ILE A 98 -2.77 -33.31 -17.25
N THR A 99 -2.57 -34.62 -17.16
CA THR A 99 -3.05 -35.44 -16.06
C THR A 99 -2.77 -34.88 -14.66
N SER A 100 -3.76 -34.98 -13.80
CA SER A 100 -3.65 -34.60 -12.39
C SER A 100 -3.50 -35.83 -11.52
N GLY A 101 -3.30 -35.63 -10.21
CA GLY A 101 -3.21 -36.73 -9.27
C GLY A 101 -1.78 -37.09 -8.94
N PHE A 102 -0.92 -36.08 -8.84
CA PHE A 102 0.50 -36.29 -8.56
C PHE A 102 0.90 -35.62 -7.23
N LYS A 103 1.92 -34.78 -7.26
CA LYS A 103 2.46 -34.21 -6.02
C LYS A 103 1.46 -33.32 -5.31
N GLU A 104 0.52 -32.74 -6.06
CA GLU A 104 -0.42 -31.79 -5.49
C GLU A 104 -1.46 -32.48 -4.60
N VAL A 105 -1.62 -33.78 -4.77
CA VAL A 105 -2.54 -34.58 -3.95
C VAL A 105 -1.79 -35.57 -3.07
N GLY A 106 -0.48 -35.43 -2.98
CA GLY A 106 0.34 -36.23 -2.08
C GLY A 106 1.12 -37.36 -2.73
N ASN A 107 0.78 -37.70 -3.97
CA ASN A 107 1.49 -38.77 -4.67
C ASN A 107 2.78 -38.28 -5.32
N GLU A 108 3.75 -37.93 -4.48
CA GLU A 108 5.02 -37.38 -4.95
C GLU A 108 5.91 -38.45 -5.59
N GLU A 109 5.79 -39.68 -5.12
CA GLU A 109 6.58 -40.79 -5.63
C GLU A 109 6.33 -40.96 -7.11
N LEU A 110 5.06 -40.89 -7.49
CA LEU A 110 4.67 -41.09 -8.87
C LEU A 110 5.24 -40.00 -9.77
N GLU A 111 5.20 -38.77 -9.27
CA GLU A 111 5.71 -37.63 -10.04
C GLU A 111 7.20 -37.79 -10.32
N GLU A 112 7.97 -38.12 -9.29
CA GLU A 112 9.41 -38.27 -9.44
C GLU A 112 9.74 -39.44 -10.38
N GLU A 113 8.86 -40.43 -10.44
CA GLU A 113 9.04 -41.55 -11.35
C GLU A 113 8.77 -41.12 -12.79
N LEU A 114 7.69 -40.36 -12.98
CA LEU A 114 7.36 -39.81 -14.29
C LEU A 114 8.55 -39.06 -14.90
N VAL A 115 9.12 -38.15 -14.12
CA VAL A 115 10.25 -37.36 -14.61
C VAL A 115 11.44 -38.26 -14.89
N ARG A 116 11.68 -39.23 -14.03
CA ARG A 116 12.83 -40.12 -14.16
C ARG A 116 12.79 -40.90 -15.46
N ARG A 117 11.65 -41.53 -15.72
CA ARG A 117 11.51 -42.35 -16.91
C ARG A 117 11.57 -41.49 -18.16
N ALA A 118 11.02 -40.29 -18.09
CA ALA A 118 11.09 -39.36 -19.22
C ALA A 118 12.55 -39.03 -19.55
N HIS A 119 13.30 -38.62 -18.53
CA HIS A 119 14.71 -38.23 -18.71
C HIS A 119 15.56 -39.35 -19.30
N SER A 120 15.23 -40.58 -18.96
CA SER A 120 15.98 -41.73 -19.47
C SER A 120 15.87 -41.84 -20.98
N TYR A 121 14.82 -41.26 -21.56
CA TYR A 121 14.64 -41.26 -23.01
C TYR A 121 15.05 -39.93 -23.61
N GLY A 122 15.69 -39.08 -22.82
CA GLY A 122 16.07 -37.75 -23.29
C GLY A 122 14.84 -36.91 -23.58
N MET A 123 13.80 -37.16 -22.81
CA MET A 123 12.51 -36.47 -22.98
C MET A 123 12.25 -35.50 -21.80
N ARG A 124 11.65 -34.35 -22.12
CA ARG A 124 11.34 -33.35 -21.10
C ARG A 124 9.85 -33.34 -20.77
N VAL A 125 9.54 -33.00 -19.52
CA VAL A 125 8.16 -33.00 -19.05
C VAL A 125 7.68 -31.60 -18.69
N LEU A 126 6.54 -31.22 -19.25
CA LEU A 126 5.85 -30.01 -18.85
C LEU A 126 4.71 -30.40 -17.91
N GLY A 127 4.66 -29.79 -16.74
CA GLY A 127 3.67 -30.13 -15.73
C GLY A 127 4.23 -31.14 -14.73
N PRO A 128 3.43 -32.15 -14.34
CA PRO A 128 2.07 -32.44 -14.80
C PRO A 128 1.04 -31.53 -14.16
N ASN A 129 -0.24 -31.87 -14.26
CA ASN A 129 -1.31 -31.08 -13.66
C ASN A 129 -1.39 -29.68 -14.26
N ILE A 130 -1.56 -29.63 -15.58
CA ILE A 130 -1.59 -28.37 -16.32
C ILE A 130 -2.78 -28.38 -17.28
N PHE A 131 -3.06 -27.21 -17.88
CA PHE A 131 -4.11 -27.12 -18.88
C PHE A 131 -3.53 -26.94 -20.28
N GLY A 132 -2.24 -27.23 -20.43
CA GLY A 132 -1.60 -27.18 -21.74
C GLY A 132 -0.80 -25.92 -22.00
N TYR A 133 -0.67 -25.57 -23.27
CA TYR A 133 0.05 -24.35 -23.64
C TYR A 133 -0.36 -23.87 -25.02
N LEU A 134 -0.05 -22.61 -25.30
CA LEU A 134 -0.37 -21.98 -26.56
C LEU A 134 0.81 -21.16 -27.07
N TYR A 135 1.01 -21.16 -28.38
CA TYR A 135 2.02 -20.33 -28.99
C TYR A 135 1.45 -19.74 -30.27
N ALA A 136 1.20 -18.44 -30.24
CA ALA A 136 0.54 -17.76 -31.35
C ALA A 136 1.38 -17.74 -32.63
N PRO A 137 2.71 -17.51 -32.53
CA PRO A 137 3.55 -17.46 -33.74
C PRO A 137 3.61 -18.78 -34.51
N ALA A 138 3.08 -19.85 -33.93
CA ALA A 138 3.03 -21.16 -34.56
C ALA A 138 1.58 -21.63 -34.70
N ARG A 139 0.64 -20.72 -34.45
CA ARG A 139 -0.78 -21.05 -34.50
C ARG A 139 -1.06 -22.34 -33.75
N LEU A 140 -0.51 -22.43 -32.54
CA LEU A 140 -0.59 -23.65 -31.74
C LEU A 140 -1.34 -23.41 -30.43
N ASN A 141 -2.53 -23.98 -30.34
CA ASN A 141 -3.32 -23.93 -29.11
C ASN A 141 -3.55 -25.33 -28.56
N ALA A 142 -2.64 -25.77 -27.69
CA ALA A 142 -2.73 -27.09 -27.09
C ALA A 142 -3.29 -27.01 -25.67
N THR A 143 -4.45 -26.36 -25.54
CA THR A 143 -5.11 -26.21 -24.26
C THR A 143 -6.58 -26.59 -24.38
N PHE A 144 -7.26 -26.71 -23.25
CA PHE A 144 -8.73 -26.85 -23.24
C PHE A 144 -9.38 -25.59 -22.68
N GLY A 145 -8.75 -24.46 -22.94
CA GLY A 145 -9.29 -23.17 -22.59
C GLY A 145 -9.99 -22.56 -23.78
N PRO A 146 -10.12 -21.23 -23.81
CA PRO A 146 -10.69 -20.54 -24.96
C PRO A 146 -10.01 -20.97 -26.25
N LYS A 147 -10.73 -20.94 -27.37
CA LYS A 147 -10.15 -21.40 -28.63
C LYS A 147 -9.26 -20.35 -29.26
N ASP A 148 -9.29 -19.14 -28.74
CA ASP A 148 -8.61 -18.02 -29.38
C ASP A 148 -8.07 -17.01 -28.36
N VAL A 149 -7.11 -16.20 -28.81
CA VAL A 149 -6.61 -15.05 -28.05
C VAL A 149 -6.21 -13.97 -29.03
N LEU A 150 -6.03 -12.75 -28.56
CA LEU A 150 -5.51 -11.68 -29.41
C LEU A 150 -4.01 -11.91 -29.59
N SER A 151 -3.52 -11.68 -30.80
CA SER A 151 -2.09 -11.83 -31.08
C SER A 151 -1.32 -10.61 -30.57
N GLY A 152 -0.13 -10.87 -30.03
CA GLY A 152 0.73 -9.81 -29.53
C GLY A 152 2.06 -10.33 -29.04
N ASN A 153 2.70 -9.58 -28.14
CA ASN A 153 4.05 -9.91 -27.71
C ASN A 153 4.14 -10.30 -26.24
N VAL A 154 3.01 -10.68 -25.64
CA VAL A 154 2.99 -11.02 -24.22
C VAL A 154 2.98 -12.53 -23.99
N ALA A 155 3.96 -13.01 -23.23
CA ALA A 155 3.98 -14.39 -22.77
C ALA A 155 3.45 -14.48 -21.34
N PHE A 156 2.52 -15.41 -21.11
CA PHE A 156 1.94 -15.60 -19.79
C PHE A 156 2.24 -17.01 -19.30
N ILE A 157 2.91 -17.09 -18.16
CA ILE A 157 3.24 -18.37 -17.52
C ILE A 157 2.45 -18.48 -16.23
N SER A 158 1.65 -19.55 -16.11
CA SER A 158 0.77 -19.72 -14.95
C SER A 158 1.01 -21.02 -14.20
N GLN A 159 1.28 -20.90 -12.90
CA GLN A 159 1.43 -22.06 -12.02
C GLN A 159 0.06 -22.49 -11.46
N SER A 160 -0.95 -21.64 -11.66
CA SER A 160 -2.31 -21.95 -11.25
C SER A 160 -3.12 -22.45 -12.44
N GLY A 161 -3.95 -23.46 -12.20
CA GLY A 161 -4.74 -24.05 -13.26
C GLY A 161 -5.97 -23.22 -13.60
N ALA A 162 -6.97 -23.24 -12.73
CA ALA A 162 -8.22 -22.57 -13.01
C ALA A 162 -8.05 -21.06 -13.19
N LEU A 163 -7.25 -20.42 -12.36
CA LEU A 163 -7.02 -18.99 -12.49
C LEU A 163 -6.32 -18.70 -13.82
N GLY A 164 -5.29 -19.50 -14.13
CA GLY A 164 -4.54 -19.35 -15.35
C GLY A 164 -5.39 -19.46 -16.60
N ILE A 165 -6.25 -20.48 -16.65
CA ILE A 165 -7.09 -20.72 -17.83
C ILE A 165 -8.15 -19.63 -17.93
N ALA A 166 -8.56 -19.10 -16.78
CA ALA A 166 -9.52 -18.02 -16.75
C ALA A 166 -8.86 -16.73 -17.21
N LEU A 167 -7.67 -16.46 -16.69
CA LEU A 167 -6.91 -15.26 -17.07
C LEU A 167 -6.60 -15.26 -18.55
N MET A 168 -6.43 -16.45 -19.12
CA MET A 168 -6.26 -16.59 -20.56
C MET A 168 -7.44 -15.94 -21.28
N GLY A 169 -8.64 -16.17 -20.80
CA GLY A 169 -9.82 -15.56 -21.40
C GLY A 169 -9.91 -14.08 -21.09
N TYR A 170 -9.41 -13.70 -19.92
CA TYR A 170 -9.47 -12.32 -19.48
C TYR A 170 -8.62 -11.39 -20.34
N THR A 171 -7.53 -11.92 -20.91
CA THR A 171 -6.64 -11.14 -21.79
C THR A 171 -7.39 -10.54 -22.96
N VAL A 172 -8.40 -11.24 -23.46
CA VAL A 172 -9.21 -10.75 -24.57
C VAL A 172 -9.99 -9.52 -24.16
N VAL A 173 -10.62 -9.57 -22.98
CA VAL A 173 -11.41 -8.45 -22.49
C VAL A 173 -10.57 -7.21 -22.26
N GLU A 174 -9.35 -7.42 -21.78
CA GLU A 174 -8.44 -6.32 -21.48
C GLU A 174 -7.58 -5.95 -22.68
N ASN A 175 -7.89 -6.56 -23.83
CA ASN A 175 -7.23 -6.25 -25.10
C ASN A 175 -5.73 -6.48 -25.08
N ILE A 176 -5.28 -7.48 -24.34
CA ILE A 176 -3.86 -7.80 -24.27
C ILE A 176 -3.50 -8.78 -25.36
N GLY A 177 -2.52 -8.41 -26.17
CA GLY A 177 -2.02 -9.26 -27.24
C GLY A 177 -1.09 -10.32 -26.69
N ILE A 178 -1.39 -11.58 -27.00
CA ILE A 178 -0.67 -12.72 -26.45
C ILE A 178 0.21 -13.37 -27.50
N SER A 179 1.41 -13.76 -27.08
CA SER A 179 2.34 -14.54 -27.91
C SER A 179 2.36 -15.98 -27.41
N SER A 180 2.13 -16.16 -26.11
CA SER A 180 2.12 -17.49 -25.54
C SER A 180 1.39 -17.60 -24.19
N ILE A 181 0.73 -18.74 -24.01
CA ILE A 181 0.14 -19.12 -22.74
C ILE A 181 0.80 -20.44 -22.37
N VAL A 182 1.38 -20.52 -21.18
CA VAL A 182 2.03 -21.75 -20.72
C VAL A 182 1.59 -22.10 -19.31
N SER A 183 0.87 -23.21 -19.19
CA SER A 183 0.54 -23.80 -17.90
C SER A 183 1.72 -24.67 -17.44
N VAL A 184 2.33 -24.34 -16.32
CA VAL A 184 3.49 -25.08 -15.83
C VAL A 184 3.12 -26.03 -14.67
N GLY A 185 1.98 -25.78 -14.05
CA GLY A 185 1.44 -26.68 -13.03
C GLY A 185 2.38 -27.04 -11.90
N ASN A 186 2.70 -28.32 -11.79
CA ASN A 186 3.49 -28.83 -10.67
C ASN A 186 5.00 -28.60 -10.84
N LYS A 187 5.41 -28.18 -12.03
CA LYS A 187 6.82 -27.90 -12.29
C LYS A 187 7.72 -29.05 -11.87
N ALA A 188 7.35 -30.26 -12.25
CA ALA A 188 8.13 -31.43 -11.87
C ALA A 188 9.47 -31.45 -12.57
N ASP A 189 9.54 -30.77 -13.73
CA ASP A 189 10.76 -30.77 -14.56
C ASP A 189 11.01 -29.38 -15.18
N LEU A 190 10.32 -29.07 -16.26
CA LEU A 190 10.43 -27.74 -16.87
C LEU A 190 9.80 -26.68 -15.97
N ASP A 191 10.53 -25.60 -15.72
CA ASP A 191 10.02 -24.53 -14.86
C ASP A 191 10.18 -23.15 -15.50
N ASP A 192 10.03 -22.11 -14.69
CA ASP A 192 10.07 -20.73 -15.18
C ASP A 192 11.45 -20.35 -15.70
N VAL A 193 12.48 -20.94 -15.12
CA VAL A 193 13.84 -20.68 -15.57
C VAL A 193 14.05 -21.16 -17.00
N ASP A 194 13.59 -22.38 -17.29
CA ASP A 194 13.72 -22.94 -18.64
C ASP A 194 12.93 -22.12 -19.65
N LEU A 195 11.76 -21.66 -19.24
CA LEU A 195 10.89 -20.88 -20.12
C LEU A 195 11.42 -19.47 -20.35
N LEU A 196 11.92 -18.84 -19.28
CA LEU A 196 12.52 -17.52 -19.40
C LEU A 196 13.68 -17.54 -20.37
N ASP A 197 14.42 -18.64 -20.41
CA ASP A 197 15.52 -18.79 -21.35
C ASP A 197 15.03 -18.80 -22.79
N PHE A 198 13.90 -19.46 -23.04
CA PHE A 198 13.33 -19.50 -24.38
C PHE A 198 12.74 -18.16 -24.78
N PHE A 199 11.97 -17.54 -23.88
CA PHE A 199 11.31 -16.29 -24.20
C PHE A 199 12.30 -15.15 -24.29
N ASP A 200 13.49 -15.33 -23.70
CA ASP A 200 14.59 -14.40 -23.86
C ASP A 200 14.97 -14.28 -25.33
N LYS A 201 15.11 -15.44 -25.98
CA LYS A 201 15.55 -15.47 -27.38
C LYS A 201 14.40 -15.20 -28.34
N ASP A 202 13.17 -15.42 -27.90
CA ASP A 202 12.03 -15.34 -28.80
C ASP A 202 11.74 -13.90 -29.26
N PRO A 203 11.94 -13.62 -30.57
CA PRO A 203 11.69 -12.27 -31.10
C PRO A 203 10.21 -11.88 -31.12
N ASN A 204 9.33 -12.84 -30.86
CA ASN A 204 7.89 -12.59 -30.83
C ASN A 204 7.41 -12.10 -29.47
N THR A 205 8.18 -12.39 -28.44
CA THR A 205 7.81 -12.05 -27.07
C THR A 205 8.56 -10.80 -26.58
N GLY A 206 7.82 -9.82 -26.10
CA GLY A 206 8.40 -8.57 -25.63
C GLY A 206 8.17 -8.31 -24.16
N VAL A 207 7.12 -8.93 -23.60
CA VAL A 207 6.80 -8.86 -22.18
C VAL A 207 6.52 -10.26 -21.66
N ILE A 208 6.90 -10.51 -20.42
CA ILE A 208 6.66 -11.81 -19.79
C ILE A 208 5.95 -11.62 -18.46
N MET A 209 4.79 -12.25 -18.32
CA MET A 209 3.99 -12.15 -17.11
C MET A 209 3.87 -13.53 -16.48
N ILE A 210 4.10 -13.62 -15.17
CA ILE A 210 4.13 -14.91 -14.50
C ILE A 210 3.25 -14.95 -13.24
N TYR A 211 2.37 -15.94 -13.16
CA TYR A 211 1.69 -16.25 -11.91
C TYR A 211 2.53 -17.30 -11.20
N LEU A 212 3.15 -16.90 -10.09
CA LEU A 212 4.16 -17.70 -9.42
C LEU A 212 3.79 -17.96 -7.98
N GLU A 213 3.67 -19.22 -7.62
CA GLU A 213 3.37 -19.60 -6.24
C GLU A 213 4.65 -19.94 -5.49
N GLY A 214 5.61 -20.54 -6.19
CA GLY A 214 6.86 -20.91 -5.58
C GLY A 214 7.87 -21.45 -6.58
N ILE A 215 9.13 -21.50 -6.14
CA ILE A 215 10.22 -22.03 -6.95
C ILE A 215 10.79 -23.25 -6.25
N ALA A 216 11.35 -24.17 -7.04
CA ALA A 216 11.91 -25.40 -6.49
C ALA A 216 13.12 -25.09 -5.61
N PRO A 217 13.35 -25.89 -4.56
CA PRO A 217 14.57 -25.76 -3.76
C PRO A 217 15.86 -25.79 -4.59
N GLY A 218 16.79 -24.88 -4.28
CA GLY A 218 18.08 -24.82 -4.94
C GLY A 218 18.01 -24.28 -6.35
N ARG A 219 16.89 -23.68 -6.71
CA ARG A 219 16.64 -23.21 -8.06
C ARG A 219 16.65 -21.69 -8.15
N GLY A 220 16.55 -21.04 -6.99
CA GLY A 220 16.39 -19.60 -6.93
C GLY A 220 17.58 -18.81 -7.44
N ARG A 221 18.79 -19.31 -7.19
CA ARG A 221 19.99 -18.62 -7.64
C ARG A 221 20.01 -18.52 -9.16
N MET A 222 19.73 -19.65 -9.82
CA MET A 222 19.67 -19.70 -11.26
C MET A 222 18.54 -18.80 -11.76
N PHE A 223 17.45 -18.76 -11.01
CA PHE A 223 16.29 -17.95 -11.37
C PHE A 223 16.67 -16.46 -11.46
N ILE A 224 17.52 -16.00 -10.54
CA ILE A 224 17.93 -14.60 -10.55
C ILE A 224 18.87 -14.33 -11.72
N ASP A 225 19.84 -15.21 -11.94
CA ASP A 225 20.79 -15.05 -13.05
C ASP A 225 20.09 -14.92 -14.39
N VAL A 226 19.10 -15.79 -14.62
CA VAL A 226 18.35 -15.78 -15.87
C VAL A 226 17.39 -14.60 -15.97
N ALA A 227 16.59 -14.42 -14.93
CA ALA A 227 15.58 -13.37 -14.92
C ALA A 227 16.21 -11.98 -15.03
N SER A 228 17.31 -11.76 -14.31
CA SER A 228 18.00 -10.47 -14.33
C SER A 228 18.49 -10.18 -15.75
N ARG A 229 19.00 -11.21 -16.41
CA ARG A 229 19.54 -11.07 -17.77
C ARG A 229 18.43 -10.76 -18.77
N VAL A 230 17.26 -11.35 -18.57
CA VAL A 230 16.12 -11.10 -19.42
C VAL A 230 15.59 -9.68 -19.18
N SER A 231 15.56 -9.27 -17.92
CA SER A 231 15.05 -7.95 -17.53
C SER A 231 15.76 -6.81 -18.25
N LEU A 232 16.98 -7.07 -18.72
CA LEU A 232 17.75 -6.06 -19.43
C LEU A 232 17.10 -5.63 -20.73
N ARG A 233 16.35 -6.55 -21.37
CA ARG A 233 15.75 -6.25 -22.66
C ARG A 233 14.24 -6.38 -22.66
N LYS A 234 13.70 -7.18 -21.73
CA LYS A 234 12.27 -7.44 -21.67
C LYS A 234 11.74 -7.40 -20.24
N PRO A 235 10.69 -6.60 -19.97
CA PRO A 235 10.14 -6.54 -18.61
C PRO A 235 9.42 -7.82 -18.19
N ILE A 236 9.62 -8.16 -16.92
CA ILE A 236 8.99 -9.33 -16.31
C ILE A 236 8.09 -8.89 -15.17
N ILE A 237 6.82 -9.29 -15.23
CA ILE A 237 5.85 -9.04 -14.17
C ILE A 237 5.51 -10.37 -13.50
N VAL A 238 5.64 -10.41 -12.18
CA VAL A 238 5.31 -11.58 -11.40
C VAL A 238 4.12 -11.26 -10.50
N ILE A 239 3.07 -12.05 -10.63
CA ILE A 239 1.97 -12.04 -9.68
C ILE A 239 2.29 -13.10 -8.64
N LYS A 240 2.80 -12.67 -7.49
CA LYS A 240 3.22 -13.59 -6.45
C LYS A 240 2.02 -14.04 -5.64
N ALA A 241 1.74 -15.34 -5.68
CA ALA A 241 0.73 -15.94 -4.82
C ALA A 241 1.40 -16.32 -3.49
N GLY A 242 0.94 -15.71 -2.40
CA GLY A 242 1.57 -15.91 -1.11
C GLY A 242 2.51 -14.77 -0.77
N ARG A 243 1.97 -13.55 -0.79
CA ARG A 243 2.74 -12.36 -0.42
C ARG A 243 2.66 -12.12 1.08
N THR A 244 1.83 -12.92 1.74
CA THR A 244 1.63 -12.84 3.18
C THR A 244 1.92 -14.19 3.79
N GLU A 245 2.18 -14.21 5.09
CA GLU A 245 2.42 -15.47 5.79
C GLU A 245 1.24 -16.42 5.63
N VAL A 246 0.04 -15.91 5.87
CA VAL A 246 -1.16 -16.72 5.84
C VAL A 246 -1.49 -17.17 4.42
N GLY A 247 -1.17 -16.31 3.45
CA GLY A 247 -1.41 -16.62 2.06
C GLY A 247 -0.39 -17.61 1.52
N ALA A 248 0.85 -17.49 2.01
CA ALA A 248 1.93 -18.39 1.63
C ALA A 248 1.56 -19.82 1.99
N ARG A 249 1.03 -20.00 3.20
CA ARG A 249 0.60 -21.30 3.67
C ARG A 249 -0.52 -21.86 2.81
N ALA A 250 -1.44 -20.97 2.42
CA ALA A 250 -2.58 -21.37 1.60
C ALA A 250 -2.12 -21.84 0.22
N ALA A 251 -1.13 -21.15 -0.32
CA ALA A 251 -0.58 -21.49 -1.62
C ALA A 251 0.20 -22.79 -1.54
N ALA A 252 0.90 -22.97 -0.41
CA ALA A 252 1.67 -24.18 -0.15
C ALA A 252 0.79 -25.41 -0.19
N SER A 253 -0.41 -25.31 0.38
CA SER A 253 -1.33 -26.44 0.42
C SER A 253 -1.81 -26.84 -0.97
N THR A 255 -0.57 -26.29 -3.66
CA THR A 255 0.57 -26.70 -4.47
C THR A 255 1.12 -28.06 -4.03
N GLY A 256 1.13 -28.31 -2.73
CA GLY A 256 1.67 -29.55 -2.20
C GLY A 256 3.16 -29.45 -1.90
N SER A 257 3.60 -28.25 -1.52
CA SER A 257 5.01 -28.01 -1.24
C SER A 257 5.16 -27.09 -0.03
N ILE A 258 6.36 -26.97 0.50
CA ILE A 258 6.64 -26.09 1.63
C ILE A 258 6.67 -24.63 1.18
N ALA A 259 6.29 -23.72 2.08
CA ALA A 259 6.26 -22.29 1.76
C ALA A 259 7.60 -21.61 2.07
N GLY A 260 8.12 -20.86 1.09
CA GLY A 260 9.37 -20.15 1.24
C GLY A 260 9.22 -18.81 1.92
N SER A 261 10.33 -18.13 2.15
CA SER A 261 10.34 -16.84 2.83
C SER A 261 9.81 -15.69 1.97
N VAL A 262 8.84 -14.96 2.50
CA VAL A 262 8.24 -13.87 1.76
C VAL A 262 9.24 -12.75 1.48
N ALA A 263 9.99 -12.36 2.50
CA ALA A 263 10.92 -11.25 2.38
C ALA A 263 12.02 -11.56 1.38
N ILE A 264 12.45 -12.80 1.35
CA ILE A 264 13.56 -13.21 0.50
C ILE A 264 13.09 -13.32 -0.96
N TYR A 265 11.86 -13.74 -1.18
CA TYR A 265 11.32 -13.71 -2.54
C TYR A 265 11.28 -12.26 -3.04
N GLU A 266 10.90 -11.33 -2.18
CA GLU A 266 10.80 -9.92 -2.58
C GLU A 266 12.17 -9.37 -2.95
N SER A 267 13.20 -9.81 -2.22
CA SER A 267 14.56 -9.40 -2.52
C SER A 267 15.02 -9.95 -3.86
N ALA A 268 14.82 -11.25 -4.06
CA ALA A 268 15.18 -11.92 -5.32
C ALA A 268 14.54 -11.22 -6.51
N PHE A 269 13.29 -10.81 -6.37
CA PHE A 269 12.62 -10.11 -7.46
C PHE A 269 13.28 -8.77 -7.75
N LYS A 270 13.69 -8.07 -6.69
CA LYS A 270 14.36 -6.80 -6.85
C LYS A 270 15.71 -6.99 -7.57
N GLN A 271 16.45 -8.01 -7.14
CA GLN A 271 17.74 -8.31 -7.75
C GLN A 271 17.61 -8.79 -9.19
N SER A 272 16.41 -9.22 -9.58
CA SER A 272 16.15 -9.72 -10.93
C SER A 272 15.55 -8.64 -11.83
N GLY A 273 15.28 -7.46 -11.28
CA GLY A 273 14.64 -6.39 -12.03
C GLY A 273 13.18 -6.71 -12.34
N ILE A 274 12.55 -7.48 -11.46
CA ILE A 274 11.18 -7.91 -11.68
C ILE A 274 10.18 -6.99 -11.01
N LEU A 275 9.11 -6.68 -11.72
CA LEU A 275 7.99 -5.95 -11.14
C LEU A 275 7.05 -6.93 -10.47
N MET A 276 6.82 -6.76 -9.18
CA MET A 276 5.90 -7.60 -8.44
C MET A 276 4.54 -6.91 -8.33
N ALA A 277 3.51 -7.55 -8.88
CA ALA A 277 2.15 -7.03 -8.81
C ALA A 277 1.39 -7.73 -7.69
N LYS A 278 0.60 -6.98 -6.93
CA LYS A 278 -0.14 -7.54 -5.81
C LYS A 278 -1.57 -7.95 -6.20
N SER A 279 -1.90 -7.83 -7.48
CA SER A 279 -3.23 -8.12 -7.96
C SER A 279 -3.26 -8.33 -9.48
N VAL A 280 -4.24 -9.08 -9.94
CA VAL A 280 -4.45 -9.32 -11.36
C VAL A 280 -4.65 -8.02 -12.13
N GLU A 281 -5.43 -7.09 -11.60
CA GLU A 281 -5.66 -5.85 -12.31
C GLU A 281 -4.35 -5.08 -12.51
N ASP A 282 -3.52 -5.02 -11.48
CA ASP A 282 -2.23 -4.33 -11.61
C ASP A 282 -1.38 -4.95 -12.69
N ALA A 283 -1.22 -6.27 -12.60
CA ALA A 283 -0.44 -7.02 -13.59
C ALA A 283 -0.88 -6.73 -15.01
N PHE A 284 -2.18 -6.80 -15.26
CA PHE A 284 -2.68 -6.59 -16.62
C PHE A 284 -2.57 -5.15 -17.06
N ASP A 285 -2.83 -4.23 -16.15
CA ASP A 285 -2.69 -2.79 -16.44
C ASP A 285 -1.25 -2.45 -16.81
N TRP A 286 -0.29 -2.99 -16.06
CA TRP A 286 1.13 -2.77 -16.33
C TRP A 286 1.55 -3.45 -17.64
N THR A 287 1.19 -4.72 -17.76
CA THR A 287 1.49 -5.52 -18.94
C THR A 287 1.06 -4.76 -20.20
N LYS A 288 -0.13 -4.20 -20.15
CA LYS A 288 -0.67 -3.49 -21.29
C LYS A 288 0.22 -2.30 -21.67
N ALA A 289 0.71 -1.58 -20.67
CA ALA A 289 1.53 -0.40 -20.89
C ALA A 289 2.93 -0.75 -21.38
N LEU A 290 3.53 -1.77 -20.78
CA LEU A 290 4.87 -2.20 -21.17
C LEU A 290 4.84 -2.85 -22.56
N SER A 291 3.72 -3.44 -22.92
CA SER A 291 3.63 -4.13 -24.19
C SER A 291 3.51 -3.17 -25.37
N TRP A 292 3.05 -1.95 -25.11
CA TRP A 292 2.71 -1.01 -26.16
C TRP A 292 3.55 0.24 -26.12
N ASN A 293 4.56 0.26 -25.25
CA ASN A 293 5.40 1.45 -25.10
C ASN A 293 6.86 1.13 -24.83
N PRO A 294 7.76 2.00 -25.33
CA PRO A 294 9.16 1.89 -24.95
C PRO A 294 9.36 2.47 -23.56
N ILE A 295 10.47 2.14 -22.91
CA ILE A 295 10.73 2.70 -21.60
C ILE A 295 11.07 4.19 -21.77
N PRO A 296 10.65 5.04 -20.84
CA PRO A 296 11.03 6.46 -20.93
C PRO A 296 12.55 6.64 -20.88
N GLU A 297 13.06 7.61 -21.63
CA GLU A 297 14.51 7.87 -21.64
C GLU A 297 14.90 8.95 -20.63
N GLY A 298 13.92 9.49 -19.92
CA GLY A 298 14.19 10.52 -18.92
C GLY A 298 13.04 10.71 -17.97
N GLU A 299 13.24 11.56 -16.96
CA GLU A 299 12.28 11.74 -15.88
C GLU A 299 11.26 12.83 -16.23
N ARG A 300 11.33 13.37 -17.44
CA ARG A 300 10.46 14.48 -17.84
C ARG A 300 9.04 13.99 -18.17
N LEU A 301 8.32 13.54 -17.16
CA LEU A 301 6.94 13.12 -17.32
C LEU A 301 6.00 14.33 -17.29
N ILE A 302 5.04 14.35 -18.21
CA ILE A 302 4.06 15.44 -18.31
C ILE A 302 2.66 14.87 -18.17
N VAL A 303 1.90 15.42 -17.24
CA VAL A 303 0.51 15.05 -17.12
C VAL A 303 -0.34 16.17 -17.72
N LEU A 304 -1.31 15.78 -18.53
CA LEU A 304 -2.20 16.70 -19.22
C LEU A 304 -3.63 16.39 -18.79
N THR A 305 -4.33 17.37 -18.22
CA THR A 305 -5.67 17.13 -17.67
C THR A 305 -6.61 18.32 -17.88
N ASN A 306 -7.92 18.04 -17.85
CA ASN A 306 -8.93 19.09 -17.83
C ASN A 306 -9.58 19.16 -16.45
N GLY A 307 -9.14 20.11 -15.64
CA GLY A 307 -9.60 20.20 -14.26
C GLY A 307 -8.62 19.51 -13.34
N GLY A 308 -8.41 20.10 -12.17
CA GLY A 308 -7.40 19.62 -11.23
C GLY A 308 -7.74 18.30 -10.54
N GLY A 309 -9.02 17.99 -10.42
CA GLY A 309 -9.45 16.77 -9.76
C GLY A 309 -8.69 15.52 -10.20
N ALA A 310 -8.70 15.24 -11.50
CA ALA A 310 -7.98 14.09 -12.02
C ALA A 310 -6.47 14.27 -11.85
N GLY A 311 -5.99 15.49 -12.07
CA GLY A 311 -4.57 15.78 -11.92
C GLY A 311 -4.06 15.46 -10.52
N VAL A 312 -4.83 15.82 -9.51
CA VAL A 312 -4.41 15.59 -8.13
C VAL A 312 -4.42 14.10 -7.79
N GLN A 313 -5.42 13.37 -8.27
CA GLN A 313 -5.46 11.92 -8.07
C GLN A 313 -4.23 11.28 -8.70
N SER A 314 -3.84 11.79 -9.87
CA SER A 314 -2.70 11.30 -10.61
C SER A 314 -1.39 11.64 -9.88
N THR A 315 -1.30 12.88 -9.37
CA THR A 315 -0.12 13.30 -8.62
C THR A 315 0.07 12.43 -7.39
N ASP A 316 -1.03 12.14 -6.69
CA ASP A 316 -0.98 11.31 -5.51
C ASP A 316 -0.50 9.89 -5.85
N THR A 317 -1.05 9.33 -6.93
CA THR A 317 -0.71 7.97 -7.34
C THR A 317 0.75 7.87 -7.75
N PHE A 318 1.20 8.83 -8.56
CA PHE A 318 2.60 8.85 -9.00
C PHE A 318 3.53 8.94 -7.81
N ALA A 319 3.20 9.78 -6.85
CA ALA A 319 4.04 9.97 -5.68
C ALA A 319 4.09 8.69 -4.84
N ASP A 320 2.95 8.00 -4.73
CA ASP A 320 2.90 6.72 -4.01
C ASP A 320 3.85 5.71 -4.65
N ASN A 321 4.13 5.90 -5.94
CA ASN A 321 5.07 5.06 -6.67
C ASN A 321 6.44 5.72 -6.86
N GLY A 322 6.74 6.73 -6.05
CA GLY A 322 8.05 7.35 -6.02
C GLY A 322 8.37 8.19 -7.26
N ILE A 323 7.33 8.66 -7.93
CA ILE A 323 7.49 9.50 -9.12
C ILE A 323 6.96 10.90 -8.81
N TYR A 324 7.80 11.90 -9.03
CA TYR A 324 7.42 13.27 -8.71
C TYR A 324 7.55 14.15 -9.93
N LEU A 325 6.46 14.81 -10.29
CA LEU A 325 6.44 15.66 -11.47
C LEU A 325 7.31 16.89 -11.28
N SER A 326 7.85 17.39 -12.37
CA SER A 326 8.72 18.56 -12.38
C SER A 326 8.12 19.62 -13.27
N LYS A 327 8.54 20.87 -13.09
CA LYS A 327 8.06 21.96 -13.93
C LYS A 327 8.25 21.61 -15.41
N PRO A 328 7.25 21.93 -16.26
CA PRO A 328 7.39 21.56 -17.67
C PRO A 328 8.35 22.50 -18.40
N PRO A 329 8.90 22.07 -19.55
CA PRO A 329 9.75 22.93 -20.38
C PRO A 329 9.04 24.21 -20.78
N GLU A 330 9.76 25.34 -20.73
CA GLU A 330 9.15 26.63 -21.06
C GLU A 330 8.63 26.62 -22.50
N SER A 331 9.33 25.92 -23.39
CA SER A 331 8.92 25.83 -24.78
C SER A 331 7.51 25.22 -24.89
N LEU A 332 7.24 24.25 -24.02
CA LEU A 332 5.94 23.59 -24.02
C LEU A 332 4.85 24.53 -23.52
N ILE A 333 5.10 25.13 -22.36
CA ILE A 333 4.15 26.09 -21.79
C ILE A 333 3.79 27.15 -22.83
N GLN A 334 4.79 27.66 -23.55
CA GLN A 334 4.56 28.72 -24.52
C GLN A 334 3.77 28.23 -25.72
N GLU A 335 4.02 26.98 -26.11
CA GLU A 335 3.30 26.40 -27.24
C GLU A 335 1.83 26.21 -26.87
N ILE A 336 1.58 25.80 -25.63
CA ILE A 336 0.21 25.57 -25.16
C ILE A 336 -0.51 26.86 -24.82
N LYS A 337 0.21 27.85 -24.31
CA LYS A 337 -0.38 29.11 -23.89
C LYS A 337 -1.04 29.88 -25.04
N LYS A 338 -0.86 29.39 -26.26
CA LYS A 338 -1.41 30.04 -27.44
C LYS A 338 -2.91 29.81 -27.61
N PHE A 339 -3.45 28.76 -26.97
CA PHE A 339 -4.90 28.51 -27.01
C PHE A 339 -5.51 28.39 -25.61
N VAL A 340 -4.69 28.06 -24.62
CA VAL A 340 -5.16 27.94 -23.23
C VAL A 340 -5.22 29.31 -22.55
N PRO A 341 -6.30 29.59 -21.79
CA PRO A 341 -6.40 30.84 -21.04
C PRO A 341 -5.22 31.11 -20.10
N PRO A 342 -4.94 32.39 -19.79
CA PRO A 342 -3.75 32.70 -18.97
C PRO A 342 -3.83 32.17 -17.54
N PHE A 343 -5.04 32.12 -16.97
CA PHE A 343 -5.22 31.75 -15.58
C PHE A 343 -4.96 30.26 -15.31
N ALA A 344 -4.99 29.45 -16.35
CA ALA A 344 -4.79 28.01 -16.24
C ALA A 344 -3.45 27.68 -15.59
N SER A 345 -3.35 26.48 -15.02
CA SER A 345 -2.18 26.04 -14.25
C SER A 345 -1.19 25.23 -15.09
N PHE A 346 0.08 25.64 -15.08
CA PHE A 346 1.15 24.97 -15.82
C PHE A 346 2.20 24.39 -14.88
N ALA A 347 1.79 24.00 -13.69
CA ALA A 347 2.74 23.51 -12.69
C ALA A 347 3.15 22.08 -12.94
N ASN A 348 2.42 21.40 -13.81
CA ASN A 348 2.54 19.96 -14.03
C ASN A 348 1.96 19.23 -12.81
N PRO A 349 0.76 18.63 -12.95
CA PRO A 349 -0.04 18.48 -14.17
C PRO A 349 -0.39 19.79 -14.85
N ILE A 350 -0.47 19.76 -16.18
CA ILE A 350 -0.88 20.91 -16.96
C ILE A 350 -2.39 20.89 -17.10
N ASP A 351 -3.07 21.81 -16.42
CA ASP A 351 -4.53 21.90 -16.45
C ASP A 351 -4.95 22.81 -17.61
N ILE A 352 -5.74 22.27 -18.52
CA ILE A 352 -6.25 23.04 -19.64
C ILE A 352 -7.72 23.43 -19.43
N THR A 353 -8.19 23.32 -18.18
CA THR A 353 -9.55 23.68 -17.75
C THR A 353 -10.60 22.68 -18.21
N GLY A 354 -11.66 22.53 -17.42
CA GLY A 354 -12.68 21.53 -17.70
C GLY A 354 -13.47 21.79 -18.96
N MET A 355 -13.72 23.06 -19.26
CA MET A 355 -14.53 23.44 -20.42
C MET A 355 -13.72 23.44 -21.72
N ALA A 356 -12.55 22.79 -21.69
CA ALA A 356 -11.71 22.70 -22.87
C ALA A 356 -12.38 21.83 -23.94
N PRO A 357 -12.40 22.31 -25.20
CA PRO A 357 -12.97 21.53 -26.31
C PRO A 357 -12.06 20.40 -26.81
N ASP A 358 -12.61 19.56 -27.69
CA ASP A 358 -11.91 18.39 -28.22
C ASP A 358 -10.53 18.71 -28.78
N ASP A 359 -10.46 19.74 -29.61
CA ASP A 359 -9.23 20.07 -30.35
C ASP A 359 -8.06 20.35 -29.42
N TRP A 360 -8.34 20.84 -28.22
CA TRP A 360 -7.28 21.19 -27.28
C TRP A 360 -6.47 19.98 -26.82
N TYR A 361 -7.11 18.83 -26.76
CA TYR A 361 -6.40 17.60 -26.41
C TYR A 361 -5.45 17.22 -27.52
N TYR A 362 -5.88 17.43 -28.75
CA TYR A 362 -5.02 17.16 -29.90
C TYR A 362 -3.80 18.09 -29.85
N MET A 363 -4.06 19.39 -29.84
CA MET A 363 -3.00 20.39 -29.82
C MET A 363 -2.03 20.21 -28.64
N GLY A 364 -2.57 19.94 -27.46
CA GLY A 364 -1.73 19.80 -26.29
C GLY A 364 -0.94 18.51 -26.28
N THR A 365 -1.56 17.43 -26.75
CA THR A 365 -0.88 16.13 -26.83
C THR A 365 0.20 16.19 -27.91
N LEU A 366 -0.13 16.85 -29.01
CA LEU A 366 0.83 16.99 -30.10
C LEU A 366 2.04 17.80 -29.66
N ALA A 367 1.80 18.97 -29.08
CA ALA A 367 2.88 19.83 -28.60
C ALA A 367 3.77 19.10 -27.60
N ALA A 368 3.15 18.33 -26.72
CA ALA A 368 3.88 17.62 -25.68
C ALA A 368 4.80 16.57 -26.27
N LEU A 369 4.28 15.76 -27.20
CA LEU A 369 5.06 14.68 -27.82
C LEU A 369 6.19 15.19 -28.71
N LYS A 370 5.92 16.24 -29.47
CA LYS A 370 6.92 16.81 -30.39
C LYS A 370 8.09 17.44 -29.63
N ASN A 371 7.79 18.06 -28.49
CA ASN A 371 8.80 18.74 -27.71
C ASN A 371 9.93 17.77 -27.30
N PRO A 372 11.19 18.09 -27.66
CA PRO A 372 12.30 17.17 -27.40
C PRO A 372 12.69 17.06 -25.93
N ASP A 373 12.14 17.91 -25.07
CA ASP A 373 12.43 17.87 -23.64
C ASP A 373 11.38 17.09 -22.86
N VAL A 374 10.47 16.43 -23.57
CA VAL A 374 9.43 15.63 -22.92
C VAL A 374 9.67 14.16 -23.19
N ASP A 375 9.76 13.38 -22.12
CA ASP A 375 10.10 11.96 -22.22
C ASP A 375 8.89 11.03 -22.23
N ALA A 376 7.82 11.44 -21.55
CA ALA A 376 6.62 10.62 -21.37
C ALA A 376 5.40 11.49 -21.10
N LEU A 377 4.22 10.98 -21.45
CA LEU A 377 2.99 11.76 -21.36
C LEU A 377 1.81 10.92 -20.85
N THR A 378 1.13 11.42 -19.82
CA THR A 378 -0.13 10.85 -19.37
C THR A 378 -1.22 11.87 -19.59
N VAL A 379 -2.25 11.48 -20.35
CA VAL A 379 -3.39 12.35 -20.67
C VAL A 379 -4.60 11.90 -19.89
N LEU A 380 -5.19 12.83 -19.15
CA LEU A 380 -6.38 12.59 -18.34
C LEU A 380 -7.56 13.41 -18.88
N TYR A 381 -8.72 12.76 -18.96
CA TYR A 381 -9.92 13.37 -19.51
C TYR A 381 -11.12 13.10 -18.63
N CYS A 382 -11.87 14.16 -18.33
CA CYS A 382 -13.12 14.05 -17.59
C CYS A 382 -14.26 14.48 -18.50
N GLN A 383 -15.21 13.59 -18.73
CA GLN A 383 -16.27 13.85 -19.68
C GLN A 383 -17.16 15.02 -19.24
N THR A 384 -17.47 15.88 -20.19
CA THR A 384 -18.41 16.99 -19.99
C THR A 384 -19.19 17.18 -21.28
N ALA A 385 -20.27 17.95 -21.24
CA ALA A 385 -21.12 18.13 -22.41
C ALA A 385 -20.40 18.90 -23.52
N VAL A 386 -19.30 19.55 -23.16
CA VAL A 386 -18.51 20.36 -24.10
C VAL A 386 -17.68 19.51 -25.07
N THR A 387 -17.32 18.30 -24.65
CA THR A 387 -16.47 17.41 -25.45
C THR A 387 -17.20 16.16 -25.91
N THR A 388 -16.55 15.39 -26.76
CA THR A 388 -17.01 14.04 -27.09
C THR A 388 -15.87 13.07 -26.77
N PRO A 389 -16.13 12.07 -25.91
CA PRO A 389 -15.07 11.12 -25.55
C PRO A 389 -14.36 10.51 -26.76
N ILE A 390 -15.10 10.19 -27.81
CA ILE A 390 -14.49 9.59 -29.00
C ILE A 390 -13.65 10.62 -29.76
N GLY A 391 -14.13 11.86 -29.81
CA GLY A 391 -13.40 12.92 -30.48
C GLY A 391 -12.10 13.21 -29.77
N VAL A 392 -12.08 13.00 -28.46
CA VAL A 392 -10.88 13.20 -27.67
C VAL A 392 -9.90 12.08 -27.96
N ALA A 393 -10.41 10.86 -27.98
CA ALA A 393 -9.61 9.67 -28.26
C ALA A 393 -8.97 9.78 -29.64
N LYS A 394 -9.76 10.21 -30.63
CA LYS A 394 -9.25 10.36 -31.99
C LYS A 394 -8.23 11.47 -32.10
N GLY A 395 -8.43 12.53 -31.33
CA GLY A 395 -7.47 13.62 -31.27
C GLY A 395 -6.13 13.12 -30.75
N ILE A 396 -6.18 12.20 -29.79
CA ILE A 396 -4.97 11.63 -29.21
C ILE A 396 -4.28 10.69 -30.20
N VAL A 397 -5.07 9.89 -30.90
CA VAL A 397 -4.55 9.00 -31.94
C VAL A 397 -3.82 9.81 -33.01
N ASP A 398 -4.46 10.87 -33.49
CA ASP A 398 -3.88 11.71 -34.52
C ASP A 398 -2.57 12.36 -34.07
N ALA A 399 -2.54 12.82 -32.83
CA ALA A 399 -1.36 13.50 -32.30
C ALA A 399 -0.19 12.55 -32.14
N ILE A 400 -0.47 11.29 -31.83
CA ILE A 400 0.59 10.29 -31.69
C ILE A 400 1.21 9.99 -33.06
N LYS A 401 0.34 9.84 -34.05
CA LYS A 401 0.75 9.52 -35.41
C LYS A 401 1.52 10.66 -36.04
N GLU A 402 1.09 11.88 -35.73
CA GLU A 402 1.66 13.07 -36.32
C GLU A 402 2.90 13.56 -35.58
N ALA A 403 3.09 13.07 -34.36
CA ALA A 403 4.31 13.37 -33.62
C ALA A 403 5.47 12.61 -34.23
N GLY A 404 5.14 11.57 -34.98
CA GLY A 404 6.10 10.79 -35.72
C GLY A 404 7.23 10.24 -34.88
N ASN A 405 6.94 9.99 -33.60
CA ASN A 405 7.93 9.37 -32.71
C ASN A 405 7.29 8.32 -31.83
N SER A 406 8.06 7.77 -30.89
CA SER A 406 7.56 6.72 -30.01
C SER A 406 7.96 7.03 -28.59
N LYS A 407 7.12 7.83 -27.92
CA LYS A 407 7.31 8.16 -26.53
C LYS A 407 6.21 7.48 -25.74
N PRO A 408 6.52 7.04 -24.53
CA PRO A 408 5.50 6.36 -23.71
C PRO A 408 4.26 7.22 -23.46
N VAL A 409 3.09 6.61 -23.57
CA VAL A 409 1.83 7.32 -23.37
C VAL A 409 0.77 6.44 -22.71
N THR A 410 0.17 6.95 -21.63
CA THR A 410 -1.03 6.33 -21.02
C THR A 410 -2.16 7.33 -21.03
N VAL A 411 -3.39 6.83 -21.10
CA VAL A 411 -4.57 7.69 -21.08
C VAL A 411 -5.54 7.26 -19.98
N GLY A 412 -6.08 8.24 -19.27
CA GLY A 412 -7.10 7.99 -18.27
C GLY A 412 -8.36 8.77 -18.63
N MET A 413 -9.47 8.05 -18.79
CA MET A 413 -10.73 8.67 -19.16
C MET A 413 -11.83 8.33 -18.16
N VAL A 414 -12.52 9.36 -17.67
CA VAL A 414 -13.61 9.19 -16.70
C VAL A 414 -14.94 9.70 -17.25
N GLY A 415 -15.95 8.83 -17.24
CA GLY A 415 -17.28 9.25 -17.66
C GLY A 415 -18.25 8.10 -17.86
N GLY A 416 -19.31 8.38 -18.61
CA GLY A 416 -20.36 7.41 -18.83
C GLY A 416 -20.01 6.43 -19.92
N PRO A 417 -21.03 5.74 -20.47
CA PRO A 417 -20.90 4.73 -21.52
C PRO A 417 -20.07 5.19 -22.73
N GLU A 418 -20.18 6.46 -23.08
CA GLU A 418 -19.43 7.01 -24.19
C GLU A 418 -17.93 6.95 -23.92
N VAL A 419 -17.54 7.12 -22.65
CA VAL A 419 -16.14 6.98 -22.27
C VAL A 419 -15.70 5.52 -22.33
N ALA A 420 -16.58 4.62 -21.90
CA ALA A 420 -16.25 3.20 -21.95
C ALA A 420 -15.90 2.77 -23.37
N GLU A 421 -16.59 3.32 -24.35
CA GLU A 421 -16.33 3.00 -25.76
C GLU A 421 -15.03 3.63 -26.24
N ALA A 422 -14.83 4.90 -25.91
CA ALA A 422 -13.59 5.60 -26.26
C ALA A 422 -12.37 4.87 -25.69
N VAL A 423 -12.46 4.43 -24.44
CA VAL A 423 -11.33 3.70 -23.84
C VAL A 423 -11.08 2.41 -24.59
N SER A 424 -12.15 1.67 -24.86
CA SER A 424 -12.06 0.43 -25.64
C SER A 424 -11.42 0.72 -27.00
N PHE A 425 -11.86 1.79 -27.65
CA PHE A 425 -11.32 2.22 -28.94
C PHE A 425 -9.79 2.43 -28.89
N LEU A 426 -9.32 3.14 -27.86
CA LEU A 426 -7.90 3.40 -27.73
C LEU A 426 -7.11 2.12 -27.49
N ASN A 427 -7.61 1.25 -26.62
CA ASN A 427 -6.90 -0.01 -26.36
C ASN A 427 -6.90 -0.90 -27.61
N LYS A 428 -7.93 -0.72 -28.43
CA LYS A 428 -8.04 -1.46 -29.68
C LYS A 428 -6.90 -1.06 -30.62
N GLN A 429 -6.36 0.15 -30.42
CA GLN A 429 -5.25 0.59 -31.24
C GLN A 429 -3.94 0.55 -30.48
N ARG A 430 -3.88 -0.31 -29.47
CA ARG A 430 -2.69 -0.49 -28.64
C ARG A 430 -2.19 0.85 -28.09
N ILE A 431 -3.14 1.65 -27.57
CA ILE A 431 -2.82 2.82 -26.76
C ILE A 431 -3.37 2.56 -25.36
N ALA A 432 -2.50 2.52 -24.36
CA ALA A 432 -2.91 2.13 -23.01
C ALA A 432 -3.88 3.15 -22.42
N ALA A 433 -5.15 2.76 -22.35
CA ALA A 433 -6.20 3.63 -21.84
C ALA A 433 -6.92 2.94 -20.69
N TYR A 434 -7.37 3.73 -19.72
CA TYR A 434 -7.97 3.20 -18.50
C TYR A 434 -9.15 4.07 -18.06
N PRO A 435 -10.10 3.48 -17.32
CA PRO A 435 -11.30 4.22 -16.92
C PRO A 435 -11.13 5.12 -15.68
N THR A 436 -9.94 5.21 -15.10
CA THR A 436 -9.69 6.14 -13.99
C THR A 436 -8.27 6.74 -14.07
N PRO A 437 -8.09 7.94 -13.52
CA PRO A 437 -6.77 8.59 -13.54
C PRO A 437 -5.73 7.83 -12.73
N GLU A 438 -6.13 7.22 -11.62
CA GLU A 438 -5.19 6.48 -10.79
C GLU A 438 -4.61 5.28 -11.55
N ARG A 439 -5.44 4.56 -12.30
CA ARG A 439 -4.98 3.38 -13.04
C ARG A 439 -4.09 3.75 -14.23
N ALA A 440 -4.39 4.87 -14.88
CA ALA A 440 -3.56 5.39 -15.95
C ALA A 440 -2.22 5.83 -15.39
N SER A 441 -2.24 6.43 -14.20
CA SER A 441 -1.01 6.90 -13.56
C SER A 441 -0.21 5.72 -13.02
N SER A 442 -0.92 4.65 -12.68
CA SER A 442 -0.28 3.42 -12.20
C SER A 442 0.39 2.69 -13.38
N ALA A 443 -0.20 2.81 -14.55
CA ALA A 443 0.33 2.17 -15.74
C ALA A 443 1.64 2.84 -16.14
N MET A 444 1.60 4.17 -16.24
CA MET A 444 2.79 4.95 -16.54
C MET A 444 3.87 4.72 -15.48
N SER A 445 3.47 4.51 -14.24
CA SER A 445 4.41 4.27 -13.16
C SER A 445 5.15 2.95 -13.36
N ALA A 446 4.52 2.02 -14.06
CA ALA A 446 5.12 0.72 -14.33
C ALA A 446 6.22 0.85 -15.37
N LEU A 447 6.05 1.75 -16.32
CA LEU A 447 7.12 2.03 -17.28
C LEU A 447 8.36 2.54 -16.55
N TYR A 448 8.16 3.49 -15.64
CA TYR A 448 9.28 4.06 -14.89
C TYR A 448 9.85 3.05 -13.90
N ALA A 449 9.00 2.20 -13.36
CA ALA A 449 9.46 1.19 -12.40
C ALA A 449 10.37 0.18 -13.08
N TYR A 450 10.08 -0.11 -14.34
CA TYR A 450 10.86 -1.07 -15.11
C TYR A 450 12.18 -0.43 -15.53
N ALA A 451 12.12 0.82 -15.96
CA ALA A 451 13.36 1.57 -16.24
C ALA A 451 14.29 1.48 -15.05
N ARG A 452 13.78 1.85 -13.87
CA ARG A 452 14.59 1.83 -12.67
C ARG A 452 15.00 0.42 -12.26
N ALA A 453 14.16 -0.56 -12.61
CA ALA A 453 14.49 -1.96 -12.33
C ALA A 453 15.62 -2.43 -13.25
N ARG A 454 15.55 -2.01 -14.51
CA ARG A 454 16.60 -2.33 -15.48
C ARG A 454 17.92 -1.67 -15.06
N SER A 455 17.84 -0.40 -14.65
CA SER A 455 19.00 0.33 -14.17
C SER A 455 19.63 -0.38 -12.97
N TYR A 456 18.79 -0.99 -12.13
CA TYR A 456 19.28 -1.68 -10.94
C TYR A 456 20.16 -2.86 -11.35
N VAL A 457 19.69 -3.64 -12.32
CA VAL A 457 20.40 -4.83 -12.77
C VAL A 457 21.68 -4.45 -13.48
N MET A 458 21.61 -3.39 -14.29
CA MET A 458 22.80 -2.87 -14.97
C MET A 458 23.91 -2.55 -13.97
N LYS A 459 23.57 -1.84 -12.90
CA LYS A 459 24.56 -1.45 -11.89
C LYS A 459 25.10 -2.65 -11.09
N SER A 460 24.26 -3.66 -10.88
CA SER A 460 24.67 -4.83 -10.14
C SER A 460 25.60 -5.68 -10.98
N LEU A 461 25.44 -5.61 -12.31
CA LEU A 461 26.27 -6.37 -13.23
C LEU A 461 27.50 -5.60 -13.73
N ALA A 462 27.60 -4.34 -13.34
CA ALA A 462 28.75 -3.50 -13.68
C ALA A 462 30.04 -4.18 -13.27
N VAL A 463 31.06 -4.05 -14.12
CA VAL A 463 32.35 -4.67 -13.86
C VAL A 463 33.15 -3.79 -12.90
N ARG A 464 33.60 -4.38 -11.80
CA ARG A 464 34.41 -3.65 -10.82
C ARG A 464 35.89 -3.68 -11.22
N SER B 2 45.19 -23.35 5.64
CA SER B 2 44.55 -22.08 5.31
C SER B 2 43.44 -21.78 6.31
N SER B 3 42.56 -20.85 5.97
CA SER B 3 41.38 -20.56 6.79
C SER B 3 40.50 -21.80 6.98
N ARG B 4 40.41 -22.64 5.95
CA ARG B 4 39.55 -23.80 6.01
C ARG B 4 40.04 -24.84 7.03
N ASP B 5 41.28 -24.72 7.46
CA ASP B 5 41.79 -25.61 8.51
C ASP B 5 40.93 -25.53 9.76
N LEU B 6 40.45 -24.32 10.07
CA LEU B 6 39.59 -24.11 11.23
C LEU B 6 38.27 -24.85 11.11
N LEU B 7 37.70 -24.85 9.89
CA LEU B 7 36.44 -25.53 9.62
C LEU B 7 36.62 -27.04 9.58
N LEU B 8 37.80 -27.49 9.17
CA LEU B 8 38.07 -28.92 9.05
C LEU B 8 38.35 -29.56 10.40
N LYS B 9 39.19 -28.90 11.21
CA LYS B 9 39.53 -29.41 12.52
C LYS B 9 38.27 -29.50 13.37
N ALA B 10 37.35 -28.56 13.17
CA ALA B 10 36.10 -28.54 13.90
C ALA B 10 35.22 -29.72 13.54
N LYS B 11 35.04 -29.96 12.24
CA LYS B 11 34.27 -31.10 11.77
C LYS B 11 34.85 -32.41 12.26
N GLU B 12 36.18 -32.44 12.36
CA GLU B 12 36.90 -33.61 12.82
C GLU B 12 36.57 -33.92 14.27
N ASN B 13 36.40 -32.86 15.07
CA ASN B 13 36.17 -33.00 16.50
C ASN B 13 34.69 -32.93 16.86
N GLY B 14 33.84 -33.28 15.91
CA GLY B 14 32.40 -33.36 16.15
C GLY B 14 31.73 -32.05 16.51
N ARG B 15 32.49 -30.95 16.53
CA ARG B 15 31.91 -29.67 16.89
C ARG B 15 31.08 -29.09 15.74
N LYS B 16 29.98 -28.43 16.07
CA LYS B 16 29.06 -27.88 15.08
C LYS B 16 29.08 -26.35 15.11
N SER B 17 30.17 -25.79 15.59
CA SER B 17 30.34 -24.35 15.54
C SER B 17 31.81 -24.02 15.78
N LEU B 18 32.19 -22.79 15.49
CA LEU B 18 33.56 -22.34 15.71
C LEU B 18 33.62 -21.56 17.03
N LEU B 19 34.70 -21.77 17.77
CA LEU B 19 34.94 -21.03 19.00
C LEU B 19 35.05 -19.55 18.68
N GLU B 20 34.80 -18.68 19.65
CA GLU B 20 34.74 -17.24 19.41
C GLU B 20 35.96 -16.72 18.67
N HIS B 21 37.14 -17.19 19.05
CA HIS B 21 38.36 -16.67 18.46
C HIS B 21 38.58 -17.25 17.06
N GLU B 22 38.27 -18.53 16.89
CA GLU B 22 38.39 -19.18 15.59
C GLU B 22 37.47 -18.52 14.56
N ALA B 23 36.31 -18.06 15.03
CA ALA B 23 35.34 -17.41 14.15
C ALA B 23 35.90 -16.09 13.66
N LYS B 24 36.60 -15.37 14.53
CA LYS B 24 37.15 -14.07 14.18
C LYS B 24 38.35 -14.19 13.26
N TYR B 25 39.25 -15.14 13.53
CA TYR B 25 40.38 -15.40 12.64
C TYR B 25 39.87 -15.67 11.23
N PHE B 26 38.79 -16.45 11.14
CA PHE B 26 38.24 -16.84 9.86
C PHE B 26 37.68 -15.66 9.06
N ILE B 27 36.82 -14.85 9.67
CA ILE B 27 36.23 -13.74 8.95
C ILE B 27 37.26 -12.66 8.69
N SER B 28 38.31 -12.64 9.50
CA SER B 28 39.38 -11.67 9.30
C SER B 28 40.17 -12.02 8.06
N SER B 29 40.27 -13.32 7.77
CA SER B 29 41.00 -13.80 6.60
C SER B 29 40.28 -13.44 5.31
N TYR B 30 39.02 -13.04 5.42
CA TYR B 30 38.23 -12.62 4.27
C TYR B 30 38.19 -11.10 4.16
N GLY B 31 38.92 -10.41 5.02
CA GLY B 31 39.06 -8.97 4.92
C GLY B 31 37.97 -8.20 5.63
N ILE B 32 37.31 -8.86 6.57
CA ILE B 32 36.32 -8.18 7.41
C ILE B 32 37.03 -7.74 8.69
N PRO B 33 37.18 -6.41 8.91
CA PRO B 33 37.89 -5.97 10.11
C PRO B 33 37.22 -6.46 11.40
N VAL B 34 38.03 -6.90 12.36
CA VAL B 34 37.51 -7.38 13.63
C VAL B 34 38.18 -6.67 14.79
N THR B 35 37.57 -6.80 15.96
CA THR B 35 38.17 -6.35 17.19
C THR B 35 39.39 -7.23 17.43
N ASN B 36 40.51 -6.62 17.79
CA ASN B 36 41.78 -7.32 17.89
C ASN B 36 41.77 -8.30 19.06
N ILE B 37 42.33 -9.49 18.87
CA ILE B 37 42.30 -10.53 19.91
C ILE B 37 43.55 -11.39 19.86
N ARG B 38 43.85 -12.06 20.97
CA ARG B 38 44.93 -13.05 21.00
C ARG B 38 44.55 -14.18 21.95
N LEU B 39 45.11 -15.38 21.74
CA LEU B 39 44.79 -16.51 22.62
C LEU B 39 45.92 -16.73 23.63
N ALA B 40 45.58 -16.54 24.91
CA ALA B 40 46.54 -16.72 26.00
C ALA B 40 46.65 -18.19 26.38
N LYS B 41 47.87 -18.70 26.44
CA LYS B 41 48.12 -20.07 26.89
C LYS B 41 48.62 -20.10 28.33
N SER B 42 48.82 -18.93 28.93
CA SER B 42 49.27 -18.85 30.31
C SER B 42 48.96 -17.50 30.95
N GLU B 43 49.52 -17.28 32.13
CA GLU B 43 49.45 -15.97 32.77
C GLU B 43 50.40 -15.00 32.08
N GLU B 44 51.61 -15.47 31.78
CA GLU B 44 52.64 -14.62 31.20
C GLU B 44 52.25 -14.12 29.81
N GLU B 45 51.72 -15.00 28.97
CA GLU B 45 51.32 -14.64 27.62
C GLU B 45 50.19 -13.63 27.63
N ALA B 46 49.29 -13.76 28.59
CA ALA B 46 48.15 -12.86 28.70
C ALA B 46 48.64 -11.42 28.86
N VAL B 47 49.64 -11.22 29.72
CA VAL B 47 50.18 -9.89 30.00
C VAL B 47 50.83 -9.25 28.77
N ASN B 48 51.64 -10.01 28.04
CA ASN B 48 52.32 -9.48 26.86
C ASN B 48 51.35 -9.14 25.72
N PHE B 49 50.33 -9.96 25.53
CA PHE B 49 49.32 -9.70 24.52
C PHE B 49 48.53 -8.43 24.82
N SER B 50 48.17 -8.23 26.09
CA SER B 50 47.46 -7.02 26.53
C SER B 50 48.34 -5.78 26.34
N ARG B 51 49.63 -5.94 26.63
CA ARG B 51 50.62 -4.92 26.35
C ARG B 51 50.66 -4.61 24.86
N GLU B 52 50.52 -5.68 24.08
CA GLU B 52 50.60 -5.63 22.62
C GLU B 52 49.30 -5.09 22.00
N ILE B 53 48.17 -5.50 22.57
CA ILE B 53 46.87 -5.13 22.03
C ILE B 53 46.48 -3.75 22.51
N GLY B 54 46.95 -3.39 23.70
CA GLY B 54 46.65 -2.08 24.27
C GLY B 54 45.57 -2.20 25.32
N PHE B 55 45.58 -1.31 26.31
CA PHE B 55 44.61 -1.35 27.40
C PHE B 55 43.54 -0.31 27.12
N PRO B 56 42.32 -0.51 27.66
CA PRO B 56 41.96 -1.67 28.48
C PRO B 56 41.69 -2.91 27.64
N VAL B 57 41.58 -4.06 28.30
CA VAL B 57 41.41 -5.33 27.65
C VAL B 57 40.31 -6.12 28.37
N VAL B 58 39.63 -6.99 27.64
CA VAL B 58 38.64 -7.87 28.25
C VAL B 58 39.17 -9.28 28.15
N LEU B 59 38.91 -10.10 29.16
CA LEU B 59 39.33 -11.51 29.13
C LEU B 59 38.17 -12.47 29.22
N LYS B 60 38.32 -13.60 28.54
CA LYS B 60 37.32 -14.65 28.51
C LYS B 60 38.01 -16.00 28.51
N ILE B 61 37.32 -17.02 28.98
CA ILE B 61 37.79 -18.40 28.81
C ILE B 61 37.41 -18.88 27.41
N VAL B 62 38.29 -19.67 26.82
CA VAL B 62 38.01 -20.29 25.54
C VAL B 62 37.99 -21.78 25.76
N SER B 63 36.77 -22.30 25.86
CA SER B 63 36.54 -23.70 26.06
C SER B 63 35.24 -24.12 25.36
N PRO B 64 35.27 -25.25 24.63
CA PRO B 64 34.09 -25.77 23.93
C PRO B 64 32.93 -26.18 24.85
N GLN B 65 33.22 -26.44 26.12
CA GLN B 65 32.20 -26.90 27.05
C GLN B 65 31.21 -25.83 27.49
N VAL B 66 31.67 -24.74 28.10
CA VAL B 66 30.71 -23.75 28.61
C VAL B 66 30.22 -22.90 27.43
N VAL B 67 28.90 -22.89 27.23
CA VAL B 67 28.33 -22.20 26.08
C VAL B 67 28.23 -20.70 26.32
N HIS B 68 27.93 -20.30 27.55
CA HIS B 68 27.90 -18.87 27.87
C HIS B 68 28.81 -18.50 29.05
N LYS B 69 29.66 -17.53 28.77
CA LYS B 69 30.81 -17.20 29.60
C LYS B 69 30.48 -16.11 30.62
N SER B 70 29.46 -15.32 30.32
CA SER B 70 29.16 -14.14 31.13
C SER B 70 28.72 -14.49 32.55
N ASP B 71 27.83 -15.47 32.70
CA ASP B 71 27.25 -15.78 34.01
C ASP B 71 27.94 -16.95 34.72
N VAL B 72 28.74 -17.73 33.99
CA VAL B 72 29.57 -18.75 34.63
C VAL B 72 30.64 -18.06 35.46
N GLY B 73 30.94 -16.82 35.09
CA GLY B 73 31.94 -16.01 35.77
C GLY B 73 33.29 -16.22 35.14
N GLY B 74 33.30 -16.33 33.81
CA GLY B 74 34.53 -16.59 33.08
C GLY B 74 34.93 -15.41 32.21
N VAL B 75 34.36 -14.25 32.51
CA VAL B 75 34.65 -13.02 31.78
C VAL B 75 34.93 -11.88 32.76
N LYS B 76 36.00 -11.14 32.47
CA LYS B 76 36.38 -9.96 33.25
C LYS B 76 36.53 -8.75 32.34
N VAL B 77 35.65 -7.76 32.49
CA VAL B 77 35.65 -6.57 31.65
C VAL B 77 36.57 -5.48 32.22
N ASN B 78 36.99 -4.58 31.34
CA ASN B 78 37.76 -3.38 31.69
C ASN B 78 38.95 -3.64 32.63
N LEU B 79 39.93 -4.36 32.13
CA LEU B 79 41.20 -4.54 32.82
C LEU B 79 42.23 -3.57 32.26
N ARG B 80 42.63 -2.59 33.06
CA ARG B 80 43.43 -1.46 32.59
C ARG B 80 44.94 -1.66 32.76
N SER B 81 45.33 -2.54 33.67
CA SER B 81 46.72 -2.69 34.08
C SER B 81 47.14 -4.15 34.07
N GLU B 82 48.44 -4.40 33.92
CA GLU B 82 48.97 -5.76 33.87
C GLU B 82 48.73 -6.42 35.22
N GLU B 83 48.66 -5.62 36.27
CA GLU B 83 48.27 -6.12 37.57
C GLU B 83 46.80 -6.50 37.56
N GLU B 84 45.96 -5.72 36.87
CA GLU B 84 44.54 -6.04 36.82
C GLU B 84 44.28 -7.36 36.06
N VAL B 85 45.03 -7.63 34.99
CA VAL B 85 44.77 -8.84 34.21
C VAL B 85 45.09 -10.10 35.01
N ARG B 86 46.21 -10.10 35.74
CA ARG B 86 46.62 -11.28 36.50
C ARG B 86 45.55 -11.62 37.54
N LYS B 87 45.00 -10.57 38.15
CA LYS B 87 43.94 -10.72 39.14
C LYS B 87 42.74 -11.35 38.46
N ALA B 88 42.38 -10.78 37.31
CA ALA B 88 41.21 -11.20 36.56
C ALA B 88 41.47 -12.57 35.92
N TYR B 89 42.73 -12.81 35.56
CA TYR B 89 43.12 -14.05 34.92
C TYR B 89 42.88 -15.23 35.87
N ARG B 90 43.41 -15.13 37.09
CA ARG B 90 43.28 -16.19 38.08
C ARG B 90 41.83 -16.36 38.54
N GLU B 91 41.10 -15.25 38.71
CA GLU B 91 39.69 -15.31 39.12
C GLU B 91 38.86 -16.12 38.12
N ILE B 92 39.16 -15.97 36.84
CA ILE B 92 38.47 -16.72 35.80
C ILE B 92 38.83 -18.21 35.90
N ILE B 93 40.12 -18.51 35.99
CA ILE B 93 40.53 -19.91 36.16
C ILE B 93 40.05 -20.45 37.51
N GLU B 94 39.68 -19.59 38.45
CA GLU B 94 39.07 -20.05 39.70
C GLU B 94 37.56 -20.27 39.57
N ASN B 95 36.88 -19.35 38.90
CA ASN B 95 35.44 -19.49 38.67
C ASN B 95 35.15 -20.71 37.82
N VAL B 96 36.02 -20.95 36.84
CA VAL B 96 35.79 -21.98 35.84
C VAL B 96 35.80 -23.38 36.49
N LYS B 97 36.79 -23.65 37.33
CA LYS B 97 37.00 -25.00 37.86
C LYS B 97 35.82 -25.39 38.74
N ARG B 98 35.39 -24.47 39.58
CA ARG B 98 34.28 -24.73 40.48
C ARG B 98 32.94 -24.87 39.75
N ASN B 99 32.70 -24.01 38.76
CA ASN B 99 31.45 -24.08 38.01
C ASN B 99 31.47 -25.27 37.06
N VAL B 100 32.63 -25.57 36.47
CA VAL B 100 32.81 -26.80 35.69
C VAL B 100 34.24 -27.34 35.90
N PRO B 101 34.38 -28.55 36.46
CA PRO B 101 35.74 -29.00 36.79
C PRO B 101 36.51 -29.49 35.57
N ASN B 102 35.83 -30.17 34.66
CA ASN B 102 36.51 -30.92 33.61
C ASN B 102 36.27 -30.35 32.22
N ALA B 103 36.00 -29.05 32.14
CA ALA B 103 35.99 -28.38 30.85
C ALA B 103 37.42 -28.40 30.30
N GLU B 104 37.54 -28.45 28.99
CA GLU B 104 38.82 -28.33 28.31
C GLU B 104 39.14 -26.87 28.00
N ILE B 105 40.16 -26.32 28.68
CA ILE B 105 40.51 -24.92 28.51
C ILE B 105 41.64 -24.76 27.50
N GLU B 106 41.27 -24.29 26.32
CA GLU B 106 42.22 -24.01 25.26
C GLU B 106 43.06 -22.78 25.60
N GLY B 107 42.50 -21.94 26.47
CA GLY B 107 43.20 -20.77 26.96
C GLY B 107 42.28 -19.64 27.38
N ILE B 108 42.86 -18.45 27.56
CA ILE B 108 42.10 -17.25 27.88
C ILE B 108 42.21 -16.24 26.74
N LEU B 109 41.07 -15.71 26.33
CA LEU B 109 41.03 -14.74 25.23
C LEU B 109 41.27 -13.32 25.73
N VAL B 110 42.15 -12.57 25.06
CA VAL B 110 42.36 -11.16 25.34
C VAL B 110 41.73 -10.26 24.26
N GLN B 111 40.70 -9.51 24.61
CA GLN B 111 39.97 -8.70 23.62
C GLN B 111 40.35 -7.23 23.72
N GLU B 112 40.51 -6.61 22.56
CA GLU B 112 40.73 -5.17 22.50
C GLU B 112 39.43 -4.47 22.91
N PHE B 113 39.54 -3.39 23.67
CA PHE B 113 38.35 -2.62 24.01
C PHE B 113 37.87 -1.97 22.72
N ALA B 114 36.56 -1.95 22.52
CA ALA B 114 35.97 -1.39 21.31
C ALA B 114 35.19 -0.15 21.67
N PRO B 115 35.60 1.02 21.12
CA PRO B 115 34.88 2.26 21.42
C PRO B 115 33.40 2.16 21.10
N PRO B 116 32.56 2.96 21.79
CA PRO B 116 31.12 2.94 21.49
C PRO B 116 30.83 3.53 20.12
N GLY B 117 29.77 3.04 19.48
CA GLY B 117 29.39 3.54 18.17
C GLY B 117 27.99 3.07 17.81
N VAL B 118 27.68 3.11 16.53
CA VAL B 118 26.40 2.60 16.06
C VAL B 118 26.49 1.09 15.84
N GLU B 119 25.72 0.32 16.59
CA GLU B 119 25.76 -1.14 16.50
C GLU B 119 25.00 -1.64 15.27
N LEU B 120 25.56 -2.64 14.60
CA LEU B 120 24.97 -3.24 13.41
C LEU B 120 24.88 -4.75 13.55
N ILE B 121 24.06 -5.35 12.69
CA ILE B 121 23.98 -6.80 12.54
C ILE B 121 24.17 -7.20 11.09
N ILE B 122 25.08 -8.13 10.85
CA ILE B 122 25.27 -8.71 9.53
C ILE B 122 25.13 -10.22 9.67
N GLY B 123 24.20 -10.79 8.91
CA GLY B 123 23.88 -12.19 9.04
C GLY B 123 24.06 -12.95 7.75
N LEU B 124 24.23 -14.26 7.88
CA LEU B 124 24.33 -15.14 6.74
C LEU B 124 23.50 -16.38 7.03
N LEU B 125 22.49 -16.61 6.19
CA LEU B 125 21.63 -17.79 6.32
C LEU B 125 21.50 -18.48 4.96
N ARG B 126 21.02 -19.72 4.97
CA ARG B 126 20.84 -20.47 3.73
C ARG B 126 19.37 -20.74 3.51
N ASP B 127 18.79 -20.05 2.54
CA ASP B 127 17.38 -20.22 2.19
C ASP B 127 17.24 -21.44 1.26
N PRO B 128 16.21 -22.28 1.48
CA PRO B 128 16.01 -23.48 0.63
C PRO B 128 15.96 -23.17 -0.86
N GLN B 129 15.24 -22.12 -1.22
CA GLN B 129 15.10 -21.71 -2.63
C GLN B 129 16.36 -21.05 -3.18
N PHE B 130 16.85 -20.03 -2.49
CA PHE B 130 17.86 -19.14 -3.06
C PHE B 130 19.27 -19.34 -2.51
N GLY B 131 19.44 -20.28 -1.58
CA GLY B 131 20.77 -20.55 -1.05
C GLY B 131 21.30 -19.41 -0.16
N PRO B 132 22.62 -19.21 -0.13
CA PRO B 132 23.21 -18.24 0.80
C PRO B 132 22.66 -16.82 0.64
N THR B 133 22.16 -16.28 1.74
CA THR B 133 21.53 -14.96 1.75
C THR B 133 22.12 -14.10 2.86
N VAL B 134 22.44 -12.84 2.53
CA VAL B 134 22.98 -11.93 3.53
C VAL B 134 21.85 -11.11 4.15
N MET B 135 21.90 -10.96 5.47
CA MET B 135 20.94 -10.12 6.19
C MET B 135 21.62 -8.91 6.81
N PHE B 136 20.92 -7.79 6.83
CA PHE B 136 21.45 -6.58 7.44
C PHE B 136 20.38 -5.89 8.26
N GLY B 137 20.82 -5.15 9.28
CA GLY B 137 19.92 -4.40 10.12
C GLY B 137 20.69 -3.74 11.25
N LEU B 138 20.11 -2.73 11.86
CA LEU B 138 20.78 -2.06 12.97
C LEU B 138 20.54 -2.81 14.27
N GLY B 139 21.53 -2.76 15.15
CA GLY B 139 21.52 -3.57 16.35
C GLY B 139 20.56 -3.05 17.39
N GLY B 140 20.59 -3.69 18.56
CA GLY B 140 19.70 -3.33 19.65
C GLY B 140 18.28 -3.78 19.38
N VAL B 141 17.34 -2.89 19.71
CA VAL B 141 15.93 -3.19 19.60
C VAL B 141 15.46 -3.25 18.15
N PHE B 142 16.22 -2.67 17.23
CA PHE B 142 15.74 -2.49 15.85
C PHE B 142 15.65 -3.78 15.06
N VAL B 143 16.32 -4.83 15.54
CA VAL B 143 16.24 -6.14 14.91
C VAL B 143 15.64 -7.14 15.88
N GLU B 144 16.09 -7.11 17.13
CA GLU B 144 15.61 -8.04 18.14
C GLU B 144 14.12 -7.85 18.43
N LEU B 145 13.66 -6.60 18.36
CA LEU B 145 12.29 -6.25 18.75
C LEU B 145 11.42 -5.92 17.55
N PHE B 146 11.84 -4.94 16.75
CA PHE B 146 11.05 -4.49 15.59
C PHE B 146 11.24 -5.37 14.36
N ARG B 147 12.28 -6.20 14.37
CA ARG B 147 12.59 -7.09 13.23
C ARG B 147 12.82 -6.30 11.94
N ASP B 148 13.52 -5.17 12.03
CA ASP B 148 13.81 -4.34 10.87
C ASP B 148 15.10 -4.78 10.21
N VAL B 149 14.98 -5.72 9.27
CA VAL B 149 16.13 -6.24 8.56
C VAL B 149 15.88 -6.20 7.05
N SER B 150 16.94 -6.31 6.28
CA SER B 150 16.84 -6.42 4.83
C SER B 150 17.60 -7.65 4.38
N PHE B 151 17.23 -8.18 3.22
CA PHE B 151 17.87 -9.39 2.68
C PHE B 151 18.34 -9.20 1.24
N ARG B 152 19.47 -9.81 0.93
CA ARG B 152 19.96 -9.90 -0.44
C ARG B 152 20.57 -11.27 -0.63
N VAL B 153 20.31 -11.86 -1.80
CA VAL B 153 20.84 -13.19 -2.15
C VAL B 153 22.27 -13.05 -2.67
N ALA B 154 23.20 -13.81 -2.11
CA ALA B 154 24.60 -13.75 -2.53
C ALA B 154 24.82 -14.50 -3.84
N PRO B 155 25.83 -14.11 -4.63
CA PRO B 155 26.83 -13.06 -4.32
C PRO B 155 26.28 -11.64 -4.48
N LEU B 156 26.75 -10.75 -3.61
CA LEU B 156 26.31 -9.37 -3.56
C LEU B 156 27.16 -8.46 -4.43
N SER B 157 26.51 -7.69 -5.28
CA SER B 157 27.18 -6.60 -5.99
C SER B 157 27.24 -5.40 -5.07
N GLU B 158 28.01 -4.38 -5.46
CA GLU B 158 28.06 -3.15 -4.71
C GLU B 158 26.68 -2.49 -4.67
N GLN B 159 25.93 -2.67 -5.75
CA GLN B 159 24.58 -2.14 -5.86
C GLN B 159 23.62 -2.79 -4.85
N ASP B 160 23.73 -4.12 -4.72
CA ASP B 160 22.92 -4.85 -3.76
C ASP B 160 23.22 -4.36 -2.33
N ALA B 161 24.50 -4.30 -2.01
CA ALA B 161 24.93 -3.89 -0.68
C ALA B 161 24.40 -2.51 -0.32
N GLU B 162 24.60 -1.53 -1.20
CA GLU B 162 24.18 -0.17 -0.92
C GLU B 162 22.67 -0.03 -0.73
N SER B 163 21.89 -0.69 -1.59
CA SER B 163 20.44 -0.51 -1.55
C SER B 163 19.80 -1.23 -0.36
N MET B 164 20.37 -2.36 0.05
CA MET B 164 19.84 -3.10 1.19
C MET B 164 20.11 -2.36 2.48
N ILE B 165 21.14 -1.51 2.48
CA ILE B 165 21.40 -0.67 3.64
C ILE B 165 20.35 0.42 3.75
N LYS B 166 19.99 1.01 2.61
CA LYS B 166 19.01 2.10 2.60
C LYS B 166 17.60 1.58 2.73
N GLU B 167 17.42 0.29 2.47
CA GLU B 167 16.13 -0.38 2.59
C GLU B 167 15.55 -0.32 4.01
N VAL B 168 16.38 -0.60 5.01
CA VAL B 168 15.89 -0.66 6.38
C VAL B 168 15.34 0.69 6.85
N LYS B 169 14.34 0.63 7.73
CA LYS B 169 13.65 1.82 8.22
C LYS B 169 14.49 2.60 9.22
N ALA B 170 15.51 1.95 9.79
CA ALA B 170 16.39 2.59 10.76
C ALA B 170 17.62 3.21 10.09
N TYR B 171 17.61 3.26 8.77
CA TYR B 171 18.73 3.76 8.00
C TYR B 171 19.28 5.09 8.52
N LYS B 172 18.39 6.00 8.90
CA LYS B 172 18.77 7.34 9.33
C LYS B 172 19.70 7.35 10.55
N LEU B 173 19.84 6.23 11.24
CA LEU B 173 20.79 6.14 12.33
C LEU B 173 22.23 6.05 11.82
N LEU B 174 22.40 6.01 10.50
CA LEU B 174 23.73 5.91 9.90
C LEU B 174 24.16 7.23 9.26
N THR B 175 23.19 8.11 9.06
CA THR B 175 23.43 9.36 8.36
C THR B 175 23.56 10.53 9.35
N GLY B 176 23.90 10.22 10.59
CA GLY B 176 24.10 11.24 11.60
C GLY B 176 22.82 11.62 12.33
N PHE B 177 22.93 11.71 13.64
CA PHE B 177 21.81 12.12 14.47
C PHE B 177 22.34 12.64 15.80
N ARG B 178 21.45 13.01 16.70
CA ARG B 178 21.81 13.61 17.98
C ARG B 178 22.96 12.88 18.70
N GLY B 179 24.11 13.53 18.76
CA GLY B 179 25.28 13.01 19.48
C GLY B 179 26.03 11.91 18.75
N MET B 180 25.85 11.84 17.43
CA MET B 180 26.44 10.79 16.62
C MET B 180 26.68 11.24 15.20
N GLU B 181 27.95 11.25 14.79
CA GLU B 181 28.30 11.62 13.43
C GLU B 181 27.95 10.49 12.46
N PRO B 182 27.79 10.83 11.17
CA PRO B 182 27.51 9.78 10.18
C PRO B 182 28.62 8.74 10.18
N VAL B 183 28.29 7.49 9.84
CA VAL B 183 29.27 6.41 9.87
C VAL B 183 29.68 6.03 8.46
N ASP B 184 30.75 5.24 8.36
CA ASP B 184 31.32 4.82 7.09
C ASP B 184 30.44 3.78 6.41
N ILE B 185 29.60 4.22 5.48
CA ILE B 185 28.71 3.33 4.77
C ILE B 185 29.47 2.43 3.81
N GLU B 186 30.57 2.95 3.26
CA GLU B 186 31.39 2.18 2.32
C GLU B 186 31.97 0.94 2.99
N ALA B 187 32.38 1.08 4.24
CA ALA B 187 32.96 -0.04 4.98
C ALA B 187 31.89 -1.12 5.25
N ILE B 188 30.65 -0.67 5.47
CA ILE B 188 29.53 -1.59 5.69
C ILE B 188 29.25 -2.36 4.41
N LYS B 189 29.19 -1.65 3.29
CA LYS B 189 29.00 -2.27 1.99
C LYS B 189 30.07 -3.32 1.76
N ASP B 190 31.31 -2.97 2.05
CA ASP B 190 32.42 -3.89 1.87
C ASP B 190 32.16 -5.18 2.67
N ALA B 191 31.87 -5.03 3.95
CA ALA B 191 31.65 -6.17 4.84
C ALA B 191 30.48 -7.06 4.39
N LEU B 192 29.40 -6.44 3.94
CA LEU B 192 28.24 -7.18 3.45
C LEU B 192 28.60 -8.06 2.26
N ILE B 193 29.46 -7.54 1.38
CA ILE B 193 29.83 -8.28 0.18
C ILE B 193 30.72 -9.46 0.55
N ARG B 194 31.60 -9.26 1.51
CA ARG B 194 32.54 -10.30 1.90
C ARG B 194 31.81 -11.38 2.69
N ALA B 195 30.78 -10.97 3.44
CA ALA B 195 29.92 -11.91 4.16
C ALA B 195 29.25 -12.87 3.20
N GLY B 196 28.68 -12.32 2.12
CA GLY B 196 28.05 -13.14 1.09
C GLY B 196 29.05 -14.08 0.43
N ARG B 197 30.26 -13.59 0.21
CA ARG B 197 31.32 -14.40 -0.40
C ARG B 197 31.63 -15.61 0.47
N ILE B 198 31.67 -15.39 1.78
CA ILE B 198 31.92 -16.47 2.73
C ILE B 198 30.86 -17.55 2.62
N GLY B 199 29.62 -17.14 2.39
CA GLY B 199 28.51 -18.07 2.32
C GLY B 199 28.56 -18.89 1.05
N VAL B 200 28.86 -18.22 -0.06
CA VAL B 200 28.95 -18.86 -1.37
C VAL B 200 30.06 -19.89 -1.41
N GLU B 201 31.22 -19.53 -0.86
CA GLU B 201 32.42 -20.35 -1.02
C GLU B 201 32.50 -21.54 -0.07
N ASN B 202 32.03 -21.35 1.17
CA ASN B 202 32.10 -22.39 2.19
C ASN B 202 30.77 -23.09 2.42
N GLU B 203 30.56 -24.19 1.72
CA GLU B 203 29.31 -24.94 1.84
C GLU B 203 29.11 -25.50 3.24
N GLU B 204 30.19 -25.70 3.99
CA GLU B 204 30.10 -26.32 5.30
C GLU B 204 29.66 -25.32 6.38
N ILE B 205 29.42 -24.07 5.99
CA ILE B 205 28.87 -23.08 6.91
C ILE B 205 27.37 -22.99 6.74
N ALA B 206 26.65 -23.28 7.82
CA ALA B 206 25.18 -23.30 7.80
C ALA B 206 24.60 -21.94 8.09
N GLU B 207 25.28 -21.16 8.92
CA GLU B 207 24.80 -19.84 9.30
C GLU B 207 25.93 -19.05 9.93
N MET B 208 25.84 -17.73 9.86
CA MET B 208 26.87 -16.87 10.44
C MET B 208 26.25 -15.58 10.95
N ASP B 209 26.57 -15.23 12.19
CA ASP B 209 26.01 -14.05 12.82
C ASP B 209 27.13 -13.10 13.23
N LEU B 210 27.16 -11.91 12.61
CA LEU B 210 28.13 -10.88 12.99
C LEU B 210 27.41 -9.89 13.88
N ASN B 211 27.53 -10.10 15.18
CA ASN B 211 26.70 -9.37 16.14
C ASN B 211 27.34 -9.34 17.52
N PRO B 212 27.70 -8.13 18.03
CA PRO B 212 27.52 -6.82 17.40
C PRO B 212 28.64 -6.42 16.45
N VAL B 213 28.28 -5.60 15.47
CA VAL B 213 29.27 -4.95 14.62
C VAL B 213 29.13 -3.45 14.87
N ILE B 214 30.24 -2.80 15.20
CA ILE B 214 30.19 -1.38 15.52
C ILE B 214 30.67 -0.55 14.33
N ALA B 215 29.94 0.51 14.04
CA ALA B 215 30.23 1.37 12.89
C ALA B 215 30.72 2.74 13.35
N TYR B 216 31.86 3.16 12.80
CA TYR B 216 32.48 4.44 13.14
C TYR B 216 32.49 5.34 11.91
N PRO B 217 32.78 6.64 12.09
CA PRO B 217 32.94 7.55 10.96
C PRO B 217 33.90 7.02 9.89
N LYS B 218 34.90 6.24 10.31
CA LYS B 218 35.82 5.57 9.40
C LYS B 218 36.01 4.11 9.78
N GLY B 219 35.55 3.21 8.92
CA GLY B 219 35.71 1.79 9.16
C GLY B 219 34.68 1.19 10.10
N ILE B 220 34.75 -0.12 10.27
CA ILE B 220 33.87 -0.81 11.19
C ILE B 220 34.67 -1.89 11.90
N LYS B 221 34.12 -2.44 12.97
CA LYS B 221 34.74 -3.56 13.66
C LYS B 221 33.73 -4.58 14.12
N VAL B 222 33.93 -5.84 13.74
CA VAL B 222 33.16 -6.96 14.26
C VAL B 222 33.65 -7.26 15.67
N VAL B 223 32.75 -7.24 16.64
CA VAL B 223 33.13 -7.48 18.03
C VAL B 223 32.90 -8.94 18.42
N ASP B 224 31.81 -9.53 17.94
CA ASP B 224 31.52 -10.94 18.18
C ASP B 224 31.06 -11.63 16.90
N ALA B 225 31.52 -12.85 16.68
CA ALA B 225 31.14 -13.60 15.49
C ALA B 225 30.77 -15.04 15.84
N ARG B 226 29.66 -15.50 15.28
CA ARG B 226 29.16 -16.85 15.51
C ARG B 226 29.07 -17.57 14.17
N ILE B 227 29.77 -18.68 14.04
CA ILE B 227 29.73 -19.47 12.82
C ILE B 227 29.29 -20.88 13.15
N ILE B 228 28.09 -21.22 12.70
CA ILE B 228 27.53 -22.55 12.88
C ILE B 228 27.87 -23.40 11.67
N LEU B 229 28.17 -24.67 11.92
CA LEU B 229 28.59 -25.60 10.87
C LEU B 229 27.51 -26.61 10.51
N ARG B 230 27.81 -27.44 9.52
CA ARG B 230 26.90 -28.51 9.11
C ARG B 230 27.67 -29.56 8.31
N ASN C 2 -29.07 25.08 10.10
CA ASN C 2 -30.13 25.57 9.21
C ASN C 2 -30.62 24.43 8.31
N ASP C 3 -31.93 24.33 8.17
CA ASP C 3 -32.58 23.22 7.47
C ASP C 3 -32.46 23.34 5.94
N LEU C 4 -32.03 22.26 5.30
CA LEU C 4 -31.84 22.21 3.85
C LEU C 4 -32.95 21.45 3.12
N GLU C 5 -34.08 21.25 3.81
CA GLU C 5 -35.22 20.55 3.21
C GLU C 5 -35.68 21.21 1.91
N ARG C 6 -35.72 22.53 1.92
CA ARG C 6 -36.26 23.27 0.77
C ARG C 6 -35.25 23.37 -0.37
N LEU C 7 -33.98 23.08 -0.10
CA LEU C 7 -32.97 23.08 -1.16
C LEU C 7 -33.11 21.82 -2.01
N PHE C 8 -33.25 20.67 -1.35
CA PHE C 8 -33.37 19.40 -2.05
C PHE C 8 -34.80 19.12 -2.50
N ASN C 9 -35.79 19.68 -1.78
CA ASN C 9 -37.20 19.50 -2.11
C ASN C 9 -37.89 20.86 -2.29
N PRO C 10 -37.46 21.65 -3.27
CA PRO C 10 -38.05 22.97 -3.47
C PRO C 10 -39.40 22.89 -4.16
N SER C 11 -40.31 23.82 -3.84
CA SER C 11 -41.57 23.94 -4.54
C SER C 11 -41.35 24.65 -5.86
N ALA C 12 -40.47 25.66 -5.83
CA ALA C 12 -40.17 26.46 -7.02
C ALA C 12 -38.67 26.72 -7.12
N ILE C 13 -38.16 26.64 -8.34
CA ILE C 13 -36.76 26.89 -8.59
C ILE C 13 -36.63 27.83 -9.79
N ALA C 14 -35.70 28.79 -9.68
CA ALA C 14 -35.43 29.73 -10.77
C ALA C 14 -34.06 29.49 -11.38
N VAL C 15 -33.99 29.57 -12.71
CA VAL C 15 -32.73 29.45 -13.43
C VAL C 15 -32.33 30.79 -14.03
N VAL C 16 -31.38 31.46 -13.38
CA VAL C 16 -30.89 32.75 -13.87
C VAL C 16 -29.68 32.54 -14.78
N GLY C 17 -29.82 32.92 -16.04
CA GLY C 17 -28.76 32.77 -17.01
C GLY C 17 -29.16 31.90 -18.19
N ALA C 18 -30.39 31.39 -18.16
CA ALA C 18 -30.91 30.65 -19.30
C ALA C 18 -30.99 31.58 -20.51
N SER C 19 -30.83 31.03 -21.70
CA SER C 19 -30.79 31.84 -22.90
C SER C 19 -31.45 31.13 -24.07
N LYS C 20 -31.76 31.91 -25.12
CA LYS C 20 -32.28 31.33 -26.36
C LYS C 20 -31.23 30.42 -26.96
N ASP C 21 -29.96 30.72 -26.70
CA ASP C 21 -28.85 29.87 -27.12
C ASP C 21 -28.83 28.61 -26.27
N PRO C 22 -29.11 27.44 -26.87
CA PRO C 22 -29.17 26.20 -26.07
C PRO C 22 -27.81 25.68 -25.61
N SER C 23 -26.73 26.28 -26.14
CA SER C 23 -25.39 25.83 -25.83
C SER C 23 -24.91 26.37 -24.49
N LYS C 24 -25.36 27.56 -24.13
CA LYS C 24 -24.92 28.19 -22.89
C LYS C 24 -25.28 27.31 -21.69
N ILE C 25 -24.49 27.42 -20.63
CA ILE C 25 -24.63 26.51 -19.49
C ILE C 25 -25.98 26.65 -18.80
N GLY C 26 -26.46 27.88 -18.64
CA GLY C 26 -27.76 28.12 -18.04
C GLY C 26 -28.88 27.36 -18.74
N SER C 27 -28.75 27.19 -20.05
CA SER C 27 -29.77 26.49 -20.82
C SER C 27 -29.64 24.98 -20.65
N GLN C 28 -28.40 24.51 -20.48
CA GLN C 28 -28.17 23.10 -20.25
C GLN C 28 -28.81 22.65 -18.94
N ILE C 29 -28.66 23.48 -17.91
CA ILE C 29 -29.29 23.24 -16.62
C ILE C 29 -30.80 23.17 -16.79
N LEU C 30 -31.37 24.22 -17.38
CA LEU C 30 -32.80 24.26 -17.61
C LEU C 30 -33.31 23.01 -18.30
N ARG C 31 -32.57 22.50 -19.27
CA ARG C 31 -32.97 21.30 -20.01
C ARG C 31 -32.95 20.05 -19.15
N ASN C 32 -31.99 19.98 -18.23
CA ASN C 32 -31.89 18.82 -17.35
C ASN C 32 -33.00 18.79 -16.32
N LEU C 33 -33.36 19.95 -15.79
CA LEU C 33 -34.48 20.05 -14.87
C LEU C 33 -35.74 19.44 -15.48
N LEU C 34 -36.04 19.88 -16.70
CA LEU C 34 -37.27 19.49 -17.36
C LEU C 34 -37.25 18.03 -17.79
N SER C 35 -36.13 17.57 -18.34
CA SER C 35 -36.05 16.19 -18.83
C SER C 35 -36.08 15.19 -17.69
N TYR C 36 -35.39 15.48 -16.59
CA TYR C 36 -35.34 14.57 -15.46
C TYR C 36 -36.70 14.50 -14.77
N GLY C 37 -37.54 15.49 -15.04
CA GLY C 37 -38.94 15.43 -14.64
C GLY C 37 -39.28 16.12 -13.35
N PHE C 38 -38.74 17.32 -13.15
CA PHE C 38 -39.06 18.10 -11.96
C PHE C 38 -40.55 18.42 -11.92
N LYS C 39 -41.20 18.03 -10.82
CA LYS C 39 -42.65 18.15 -10.68
C LYS C 39 -43.08 19.50 -10.09
N GLY C 40 -42.12 20.30 -9.63
CA GLY C 40 -42.43 21.62 -9.10
C GLY C 40 -42.45 22.67 -10.20
N LYS C 41 -42.34 23.93 -9.81
CA LYS C 41 -42.32 25.05 -10.76
C LYS C 41 -40.92 25.50 -11.11
N VAL C 42 -40.71 25.74 -12.41
CA VAL C 42 -39.44 26.20 -12.94
C VAL C 42 -39.61 27.56 -13.58
N TYR C 43 -38.78 28.52 -13.17
CA TYR C 43 -38.88 29.90 -13.62
C TYR C 43 -37.58 30.37 -14.27
N PRO C 44 -37.49 30.26 -15.61
CA PRO C 44 -36.32 30.80 -16.32
C PRO C 44 -36.22 32.31 -16.13
N ILE C 45 -35.00 32.83 -15.98
CA ILE C 45 -34.80 34.27 -15.80
C ILE C 45 -33.81 34.77 -16.84
N ASN C 46 -34.25 35.73 -17.66
CA ASN C 46 -33.44 36.29 -18.74
C ASN C 46 -33.86 37.73 -19.04
N PRO C 47 -32.88 38.62 -19.32
CA PRO C 47 -33.22 40.04 -19.50
C PRO C 47 -34.16 40.32 -20.66
N THR C 48 -34.19 39.44 -21.66
CA THR C 48 -34.88 39.71 -22.92
C THR C 48 -35.97 38.69 -23.22
N ALA C 49 -35.65 37.42 -23.11
CA ALA C 49 -36.62 36.39 -23.46
C ALA C 49 -37.85 36.46 -22.55
N ASP C 50 -39.01 36.13 -23.12
CA ASP C 50 -40.26 36.04 -22.37
C ASP C 50 -40.67 34.58 -22.22
N GLU C 51 -40.08 33.72 -23.07
CA GLU C 51 -40.41 32.30 -23.05
C GLU C 51 -39.22 31.45 -23.50
N LEU C 52 -38.78 30.59 -22.58
CA LEU C 52 -37.71 29.61 -22.81
C LEU C 52 -38.17 28.20 -22.50
N MET C 53 -37.89 27.27 -23.41
CA MET C 53 -38.23 25.87 -23.17
C MET C 53 -39.72 25.69 -22.93
N GLY C 54 -40.52 26.59 -23.50
CA GLY C 54 -41.96 26.55 -23.38
C GLY C 54 -42.50 27.04 -22.05
N LEU C 55 -41.67 27.76 -21.30
CA LEU C 55 -42.04 28.27 -19.98
C LEU C 55 -41.93 29.77 -19.93
N LYS C 56 -42.93 30.42 -19.34
CA LYS C 56 -42.91 31.88 -19.18
C LYS C 56 -41.66 32.34 -18.45
N CYS C 57 -40.86 33.14 -19.14
CA CYS C 57 -39.62 33.66 -18.59
C CYS C 57 -39.85 35.05 -17.99
N TYR C 58 -39.02 35.42 -17.02
CA TYR C 58 -39.14 36.71 -16.34
C TYR C 58 -37.80 37.43 -16.37
N PRO C 59 -37.81 38.77 -16.43
CA PRO C 59 -36.55 39.55 -16.44
C PRO C 59 -35.78 39.48 -15.13
N LYS C 60 -36.49 39.26 -14.03
CA LYS C 60 -35.89 39.20 -12.71
C LYS C 60 -36.65 38.23 -11.81
N VAL C 61 -35.95 37.67 -10.83
CA VAL C 61 -36.56 36.70 -9.92
C VAL C 61 -37.68 37.33 -9.12
N SER C 62 -37.47 38.57 -8.70
CA SER C 62 -38.42 39.28 -7.87
C SER C 62 -39.70 39.64 -8.64
N ASP C 63 -39.67 39.50 -9.96
CA ASP C 63 -40.85 39.76 -10.77
C ASP C 63 -41.73 38.51 -10.86
N VAL C 64 -41.25 37.41 -10.29
CA VAL C 64 -41.97 36.15 -10.32
C VAL C 64 -43.10 36.19 -9.28
N PRO C 65 -44.34 35.90 -9.71
CA PRO C 65 -45.48 35.90 -8.78
C PRO C 65 -45.56 34.59 -8.01
N ASP C 66 -44.53 34.30 -7.23
CA ASP C 66 -44.46 33.03 -6.51
C ASP C 66 -43.33 33.10 -5.51
N LYS C 67 -43.35 32.20 -4.53
CA LYS C 67 -42.23 32.07 -3.61
C LYS C 67 -41.20 31.12 -4.20
N VAL C 68 -40.04 31.67 -4.57
CA VAL C 68 -38.96 30.87 -5.16
C VAL C 68 -38.01 30.37 -4.08
N ASP C 69 -37.93 29.05 -3.92
CA ASP C 69 -37.09 28.45 -2.89
C ASP C 69 -35.61 28.48 -3.26
N VAL C 70 -35.31 28.10 -4.49
CA VAL C 70 -33.93 27.98 -4.96
C VAL C 70 -33.75 28.78 -6.24
N ALA C 71 -32.58 29.41 -6.38
CA ALA C 71 -32.20 30.09 -7.61
C ALA C 71 -30.83 29.59 -8.05
N VAL C 72 -30.77 29.03 -9.26
CA VAL C 72 -29.51 28.61 -9.87
C VAL C 72 -28.96 29.76 -10.68
N ILE C 73 -27.83 30.30 -10.26
CA ILE C 73 -27.24 31.47 -10.89
C ILE C 73 -26.15 31.05 -11.86
N SER C 74 -26.38 31.34 -13.14
CA SER C 74 -25.44 31.03 -14.21
C SER C 74 -25.15 32.28 -15.06
N VAL C 75 -24.51 33.26 -14.45
CA VAL C 75 -24.15 34.49 -15.15
C VAL C 75 -22.72 34.88 -14.75
N PRO C 76 -22.05 35.68 -15.60
CA PRO C 76 -20.66 36.06 -15.30
C PRO C 76 -20.51 36.72 -13.94
N SER C 77 -19.33 36.60 -13.33
CA SER C 77 -19.09 37.03 -11.96
C SER C 77 -19.42 38.51 -11.70
N ASP C 78 -19.28 39.35 -12.73
CA ASP C 78 -19.54 40.78 -12.59
C ASP C 78 -21.04 41.09 -12.51
N LYS C 79 -21.86 40.06 -12.68
CA LYS C 79 -23.32 40.22 -12.66
C LYS C 79 -23.97 39.48 -11.50
N VAL C 80 -23.18 38.69 -10.77
CA VAL C 80 -23.70 37.82 -9.72
C VAL C 80 -24.25 38.59 -8.53
N LEU C 81 -23.50 39.56 -8.03
CA LEU C 81 -23.95 40.35 -6.89
C LEU C 81 -25.31 40.99 -7.17
N GLY C 82 -25.48 41.52 -8.38
CA GLY C 82 -26.75 42.11 -8.76
C GLY C 82 -27.90 41.14 -8.61
N VAL C 83 -27.71 39.90 -9.08
CA VAL C 83 -28.74 38.88 -9.00
C VAL C 83 -29.03 38.46 -7.56
N ILE C 84 -27.98 38.42 -6.74
CA ILE C 84 -28.12 38.10 -5.32
C ILE C 84 -29.08 39.05 -4.62
N ASP C 85 -28.96 40.34 -4.90
CA ASP C 85 -29.84 41.33 -4.30
C ASP C 85 -31.28 41.13 -4.72
N ASP C 86 -31.48 40.82 -6.00
CA ASP C 86 -32.82 40.60 -6.49
C ASP C 86 -33.39 39.35 -5.83
N CYS C 87 -32.53 38.35 -5.70
CA CYS C 87 -32.92 37.11 -5.06
C CYS C 87 -33.26 37.33 -3.59
N GLY C 88 -32.41 38.10 -2.90
CA GLY C 88 -32.65 38.44 -1.51
C GLY C 88 -33.95 39.21 -1.32
N LYS C 89 -34.17 40.17 -2.20
CA LYS C 89 -35.40 40.93 -2.22
C LYS C 89 -36.62 40.01 -2.42
N ALA C 90 -36.47 38.98 -3.25
CA ALA C 90 -37.57 38.06 -3.53
C ALA C 90 -37.72 37.00 -2.45
N GLY C 91 -36.83 37.04 -1.46
CA GLY C 91 -36.90 36.13 -0.33
C GLY C 91 -36.54 34.69 -0.66
N VAL C 92 -35.70 34.49 -1.67
CA VAL C 92 -35.24 33.14 -1.99
C VAL C 92 -34.28 32.70 -0.90
N LYS C 93 -34.38 31.45 -0.51
CA LYS C 93 -33.63 30.94 0.64
C LYS C 93 -32.28 30.34 0.27
N PHE C 94 -32.10 29.92 -0.98
CA PHE C 94 -30.87 29.26 -1.42
C PHE C 94 -30.42 29.73 -2.80
N ALA C 95 -29.20 30.28 -2.87
CA ALA C 95 -28.58 30.67 -4.13
C ALA C 95 -27.51 29.65 -4.55
N VAL C 96 -27.78 28.94 -5.64
CA VAL C 96 -26.87 27.93 -6.16
C VAL C 96 -26.03 28.53 -7.26
N VAL C 97 -24.80 28.92 -6.92
CA VAL C 97 -23.99 29.76 -7.80
C VAL C 97 -23.03 28.93 -8.66
N ILE C 98 -23.42 28.73 -9.92
CA ILE C 98 -22.59 28.03 -10.89
C ILE C 98 -21.32 28.80 -11.17
N THR C 99 -21.44 30.12 -11.20
CA THR C 99 -20.40 31.03 -11.67
C THR C 99 -19.01 30.77 -11.11
N SER C 100 -18.00 30.86 -11.98
CA SER C 100 -16.60 30.77 -11.56
C SER C 100 -15.97 32.15 -11.51
N GLY C 101 -14.72 32.22 -11.05
CA GLY C 101 -13.99 33.47 -10.99
C GLY C 101 -13.98 34.09 -9.60
N PHE C 102 -13.87 33.26 -8.58
CA PHE C 102 -13.87 33.72 -7.19
C PHE C 102 -12.56 33.33 -6.49
N LYS C 103 -12.66 32.65 -5.35
CA LYS C 103 -11.49 32.33 -4.55
C LYS C 103 -10.50 31.44 -5.28
N GLU C 104 -10.98 30.64 -6.22
CA GLU C 104 -10.12 29.68 -6.91
C GLU C 104 -9.16 30.37 -7.87
N VAL C 105 -9.49 31.61 -8.25
CA VAL C 105 -8.64 32.41 -9.14
C VAL C 105 -8.04 33.62 -8.41
N GLY C 106 -8.17 33.65 -7.09
CA GLY C 106 -7.50 34.67 -6.29
C GLY C 106 -8.39 35.80 -5.80
N ASN C 107 -9.56 35.94 -6.39
CA ASN C 107 -10.49 36.99 -6.00
C ASN C 107 -11.31 36.56 -4.79
N GLU C 108 -10.65 36.45 -3.65
CA GLU C 108 -11.31 36.03 -2.41
C GLU C 108 -12.23 37.13 -1.88
N GLU C 109 -11.86 38.38 -2.17
CA GLU C 109 -12.63 39.52 -1.70
C GLU C 109 -14.07 39.44 -2.21
N LEU C 110 -14.22 39.09 -3.48
CA LEU C 110 -15.54 39.03 -4.11
C LEU C 110 -16.39 37.93 -3.50
N GLU C 111 -15.76 36.79 -3.23
CA GLU C 111 -16.44 35.65 -2.64
C GLU C 111 -17.02 35.99 -1.26
N GLU C 112 -16.21 36.61 -0.42
CA GLU C 112 -16.64 36.97 0.93
C GLU C 112 -17.79 37.98 0.89
N GLU C 113 -17.83 38.78 -0.17
CA GLU C 113 -18.91 39.73 -0.33
C GLU C 113 -20.20 39.03 -0.76
N LEU C 114 -20.06 38.09 -1.70
CA LEU C 114 -21.19 37.29 -2.15
C LEU C 114 -21.93 36.66 -0.96
N VAL C 115 -21.18 35.98 -0.10
CA VAL C 115 -21.75 35.32 1.06
C VAL C 115 -22.35 36.33 2.02
N ARG C 116 -21.66 37.45 2.23
CA ARG C 116 -22.12 38.45 3.18
C ARG C 116 -23.48 39.00 2.79
N ARG C 117 -23.60 39.40 1.52
CA ARG C 117 -24.84 39.98 1.01
C ARG C 117 -25.96 38.96 1.03
N ALA C 118 -25.63 37.69 0.78
CA ALA C 118 -26.61 36.63 0.84
C ALA C 118 -27.18 36.49 2.26
N HIS C 119 -26.30 36.38 3.24
CA HIS C 119 -26.72 36.22 4.62
C HIS C 119 -27.60 37.37 5.09
N SER C 120 -27.35 38.58 4.60
CA SER C 120 -28.12 39.75 5.03
C SER C 120 -29.59 39.61 4.66
N TYR C 121 -29.88 38.75 3.69
CA TYR C 121 -31.25 38.44 3.31
C TYR C 121 -31.71 37.10 3.87
N GLY C 122 -30.91 36.50 4.75
CA GLY C 122 -31.22 35.19 5.29
C GLY C 122 -31.16 34.12 4.21
N MET C 123 -30.27 34.33 3.24
CA MET C 123 -30.10 33.43 2.11
C MET C 123 -28.79 32.68 2.19
N ARG C 124 -28.81 31.41 1.81
CA ARG C 124 -27.64 30.55 1.89
C ARG C 124 -27.04 30.33 0.49
N VAL C 125 -25.73 30.12 0.44
CA VAL C 125 -25.03 29.97 -0.83
C VAL C 125 -24.40 28.60 -0.97
N LEU C 126 -24.67 27.96 -2.09
CA LEU C 126 -23.97 26.74 -2.48
C LEU C 126 -22.91 27.11 -3.50
N GLY C 127 -21.67 26.67 -3.27
CA GLY C 127 -20.57 27.01 -4.14
C GLY C 127 -19.82 28.24 -3.64
N PRO C 128 -19.47 29.17 -4.55
CA PRO C 128 -19.75 29.17 -5.99
C PRO C 128 -18.81 28.21 -6.71
N ASN C 129 -18.70 28.33 -8.03
CA ASN C 129 -17.79 27.50 -8.80
C ASN C 129 -18.20 26.01 -8.72
N ILE C 130 -19.44 25.74 -9.10
CA ILE C 130 -19.99 24.39 -9.02
C ILE C 130 -20.73 24.02 -10.29
N PHE C 131 -21.06 22.73 -10.44
CA PHE C 131 -21.82 22.29 -11.61
C PHE C 131 -23.27 21.99 -11.25
N GLY C 132 -23.69 22.45 -10.07
CA GLY C 132 -25.06 22.31 -9.63
C GLY C 132 -25.24 21.16 -8.66
N TYR C 133 -26.46 20.62 -8.61
CA TYR C 133 -26.75 19.50 -7.75
C TYR C 133 -27.96 18.72 -8.25
N LEU C 134 -28.10 17.48 -7.78
CA LEU C 134 -29.20 16.61 -8.19
C LEU C 134 -29.77 15.91 -6.98
N TYR C 135 -31.09 15.73 -6.97
CA TYR C 135 -31.76 14.98 -5.92
C TYR C 135 -32.83 14.10 -6.56
N ALA C 136 -32.58 12.79 -6.58
CA ALA C 136 -33.46 11.85 -7.27
C ALA C 136 -34.86 11.76 -6.65
N PRO C 137 -34.94 11.74 -5.30
CA PRO C 137 -36.26 11.62 -4.67
C PRO C 137 -37.19 12.80 -4.96
N ALA C 138 -36.68 13.86 -5.57
CA ALA C 138 -37.48 15.02 -5.93
C ALA C 138 -37.48 15.25 -7.44
N ARG C 139 -36.95 14.27 -8.17
CA ARG C 139 -36.80 14.35 -9.62
C ARG C 139 -36.20 15.68 -10.03
N LEU C 140 -35.12 16.05 -9.34
CA LEU C 140 -34.49 17.36 -9.51
C LEU C 140 -33.07 17.22 -10.01
N ASN C 141 -32.84 17.61 -11.26
CA ASN C 141 -31.50 17.63 -11.85
C ASN C 141 -31.11 19.04 -12.23
N ALA C 142 -30.49 19.75 -11.28
CA ALA C 142 -30.06 21.12 -11.52
C ALA C 142 -28.58 21.18 -11.83
N THR C 143 -28.15 20.41 -12.82
CA THR C 143 -26.74 20.37 -13.23
C THR C 143 -26.65 20.49 -14.73
N PHE C 144 -25.44 20.70 -15.24
CA PHE C 144 -25.18 20.60 -16.68
C PHE C 144 -24.34 19.37 -16.98
N GLY C 145 -24.53 18.32 -16.19
CA GLY C 145 -23.91 17.03 -16.44
C GLY C 145 -24.88 16.13 -17.18
N PRO C 146 -24.65 14.80 -17.09
CA PRO C 146 -25.58 13.85 -17.69
C PRO C 146 -27.02 14.15 -17.32
N LYS C 147 -27.96 13.82 -18.19
CA LYS C 147 -29.35 14.14 -17.93
C LYS C 147 -29.98 13.12 -16.95
N ASP C 148 -29.27 12.04 -16.66
CA ASP C 148 -29.83 10.94 -15.90
C ASP C 148 -28.82 10.25 -14.99
N VAL C 149 -29.32 9.52 -14.00
CA VAL C 149 -28.50 8.64 -13.18
C VAL C 149 -29.38 7.48 -12.77
N LEU C 150 -28.78 6.39 -12.29
CA LEU C 150 -29.55 5.27 -11.74
C LEU C 150 -30.03 5.67 -10.35
N SER C 151 -31.28 5.32 -10.05
CA SER C 151 -31.84 5.63 -8.75
C SER C 151 -31.32 4.65 -7.69
N GLY C 152 -31.04 5.18 -6.50
CA GLY C 152 -30.56 4.37 -5.40
C GLY C 152 -30.38 5.19 -4.13
N ASN C 153 -29.51 4.71 -3.24
CA ASN C 153 -29.37 5.33 -1.94
C ASN C 153 -28.01 5.97 -1.70
N VAL C 154 -27.25 6.24 -2.76
CA VAL C 154 -25.90 6.83 -2.59
C VAL C 154 -25.89 8.34 -2.84
N ALA C 155 -25.40 9.08 -1.84
CA ALA C 155 -25.18 10.51 -1.99
C ALA C 155 -23.73 10.79 -2.30
N PHE C 156 -23.49 11.60 -3.33
CA PHE C 156 -22.14 11.93 -3.74
C PHE C 156 -21.91 13.45 -3.61
N ILE C 157 -20.93 13.82 -2.78
CA ILE C 157 -20.57 15.22 -2.59
C ILE C 157 -19.19 15.47 -3.20
N SER C 158 -19.09 16.41 -4.13
CA SER C 158 -17.85 16.67 -4.85
C SER C 158 -17.35 18.10 -4.71
N GLN C 159 -16.11 18.22 -4.27
CA GLN C 159 -15.43 19.51 -4.20
C GLN C 159 -14.73 19.81 -5.54
N SER C 160 -14.63 18.80 -6.40
CA SER C 160 -14.03 18.94 -7.73
C SER C 160 -15.09 19.12 -8.80
N GLY C 161 -14.82 19.99 -9.77
CA GLY C 161 -15.77 20.29 -10.83
C GLY C 161 -15.79 19.24 -11.91
N ALA C 162 -14.77 19.24 -12.75
CA ALA C 162 -14.71 18.36 -13.90
C ALA C 162 -14.72 16.88 -13.51
N LEU C 163 -13.97 16.51 -12.48
CA LEU C 163 -13.93 15.13 -12.03
C LEU C 163 -15.31 14.72 -11.48
N GLY C 164 -15.89 15.60 -10.67
CA GLY C 164 -17.18 15.35 -10.08
C GLY C 164 -18.25 15.11 -11.12
N ILE C 165 -18.27 15.96 -12.15
CA ILE C 165 -19.30 15.87 -13.17
C ILE C 165 -19.08 14.63 -14.02
N ALA C 166 -17.82 14.22 -14.15
CA ALA C 166 -17.46 13.01 -14.87
C ALA C 166 -17.86 11.76 -14.08
N LEU C 167 -17.52 11.75 -12.79
CA LEU C 167 -17.86 10.65 -11.91
C LEU C 167 -19.37 10.44 -11.84
N MET C 168 -20.11 11.54 -11.95
CA MET C 168 -21.57 11.47 -12.01
C MET C 168 -22.00 10.53 -13.13
N GLY C 169 -21.36 10.64 -14.28
CA GLY C 169 -21.62 9.76 -15.40
C GLY C 169 -21.05 8.37 -15.18
N TYR C 170 -19.95 8.29 -14.44
CA TYR C 170 -19.31 7.01 -14.19
C TYR C 170 -20.17 6.08 -13.34
N THR C 171 -20.98 6.66 -12.46
CA THR C 171 -21.85 5.89 -11.57
C THR C 171 -22.76 4.95 -12.36
N VAL C 172 -23.18 5.39 -13.55
CA VAL C 172 -24.04 4.60 -14.41
C VAL C 172 -23.32 3.35 -14.89
N VAL C 173 -22.07 3.53 -15.34
CA VAL C 173 -21.26 2.43 -15.85
C VAL C 173 -20.99 1.39 -14.76
N GLU C 174 -20.80 1.87 -13.53
CA GLU C 174 -20.53 0.99 -12.41
C GLU C 174 -21.80 0.55 -11.70
N ASN C 175 -22.96 0.87 -12.26
CA ASN C 175 -24.27 0.43 -11.74
C ASN C 175 -24.54 0.89 -10.30
N ILE C 176 -24.09 2.11 -9.96
CA ILE C 176 -24.33 2.66 -8.64
C ILE C 176 -25.59 3.51 -8.65
N GLY C 177 -26.49 3.17 -7.72
CA GLY C 177 -27.73 3.91 -7.56
C GLY C 177 -27.50 5.18 -6.77
N ILE C 178 -27.94 6.30 -7.32
CA ILE C 178 -27.72 7.61 -6.73
C ILE C 178 -29.00 8.20 -6.15
N SER C 179 -28.87 8.82 -4.99
CA SER C 179 -29.97 9.57 -4.40
C SER C 179 -29.70 11.05 -4.59
N SER C 180 -28.44 11.42 -4.62
CA SER C 180 -28.08 12.82 -4.77
C SER C 180 -26.67 13.04 -5.29
N ILE C 181 -26.51 14.07 -6.11
CA ILE C 181 -25.20 14.56 -6.53
C ILE C 181 -25.13 16.00 -6.08
N VAL C 182 -24.09 16.37 -5.33
CA VAL C 182 -23.94 17.76 -4.87
C VAL C 182 -22.53 18.28 -5.13
N SER C 183 -22.45 19.24 -6.05
CA SER C 183 -21.21 19.98 -6.28
C SER C 183 -21.11 21.09 -5.25
N VAL C 184 -20.08 21.07 -4.42
CA VAL C 184 -19.93 22.06 -3.36
C VAL C 184 -18.89 23.12 -3.72
N GLY C 185 -18.02 22.80 -4.68
CA GLY C 185 -17.06 23.77 -5.21
C GLY C 185 -16.18 24.47 -4.19
N ASN C 186 -16.32 25.79 -4.12
CA ASN C 186 -15.44 26.60 -3.28
C ASN C 186 -15.83 26.60 -1.81
N LYS C 187 -17.00 26.04 -1.49
CA LYS C 187 -17.49 25.97 -0.12
C LYS C 187 -17.43 27.31 0.61
N ALA C 188 -17.86 28.36 -0.07
CA ALA C 188 -17.81 29.69 0.49
C ALA C 188 -18.74 29.79 1.69
N ASP C 189 -19.76 28.95 1.71
CA ASP C 189 -20.78 29.01 2.75
C ASP C 189 -21.22 27.59 3.15
N LEU C 190 -22.12 26.99 2.38
CA LEU C 190 -22.54 25.61 2.64
C LEU C 190 -21.40 24.65 2.34
N ASP C 191 -21.14 23.74 3.29
CA ASP C 191 -20.05 22.76 3.15
C ASP C 191 -20.52 21.35 3.48
N ASP C 192 -19.55 20.45 3.68
CA ASP C 192 -19.84 19.03 3.90
C ASP C 192 -20.58 18.78 5.20
N VAL C 193 -20.31 19.61 6.20
CA VAL C 193 -20.95 19.49 7.51
C VAL C 193 -22.46 19.73 7.40
N ASP C 194 -22.83 20.78 6.67
CA ASP C 194 -24.24 21.10 6.48
C ASP C 194 -24.95 19.99 5.73
N LEU C 195 -24.28 19.44 4.73
CA LEU C 195 -24.84 18.39 3.89
C LEU C 195 -24.93 17.08 4.64
N LEU C 196 -23.89 16.75 5.40
CA LEU C 196 -23.91 15.54 6.20
C LEU C 196 -25.09 15.56 7.17
N ASP C 197 -25.41 16.75 7.68
CA ASP C 197 -26.54 16.88 8.59
C ASP C 197 -27.83 16.55 7.86
N PHE C 198 -27.94 16.97 6.60
CA PHE C 198 -29.15 16.70 5.84
C PHE C 198 -29.26 15.21 5.48
N PHE C 199 -28.17 14.63 4.99
CA PHE C 199 -28.18 13.24 4.55
C PHE C 199 -28.25 12.28 5.73
N ASP C 200 -27.91 12.77 6.91
CA ASP C 200 -28.13 12.03 8.15
C ASP C 200 -29.61 11.74 8.33
N LYS C 201 -30.43 12.77 8.10
CA LYS C 201 -31.88 12.71 8.31
C LYS C 201 -32.61 12.05 7.15
N ASP C 202 -31.98 12.07 5.98
CA ASP C 202 -32.61 11.63 4.74
C ASP C 202 -32.81 10.10 4.65
N PRO C 203 -34.07 9.64 4.67
CA PRO C 203 -34.29 8.19 4.59
C PRO C 203 -33.97 7.61 3.21
N ASN C 204 -33.76 8.47 2.21
CA ASN C 204 -33.44 8.02 0.86
C ASN C 204 -31.95 7.74 0.66
N THR C 205 -31.12 8.31 1.54
CA THR C 205 -29.68 8.15 1.45
C THR C 205 -29.20 7.14 2.49
N GLY C 206 -28.44 6.15 2.04
CA GLY C 206 -27.93 5.11 2.92
C GLY C 206 -26.41 5.09 2.98
N VAL C 207 -25.78 5.61 1.92
CA VAL C 207 -24.32 5.73 1.84
C VAL C 207 -23.97 7.14 1.40
N ILE C 208 -22.85 7.65 1.91
CA ILE C 208 -22.39 8.98 1.54
C ILE C 208 -20.94 8.93 1.08
N MET C 209 -20.72 9.39 -0.15
CA MET C 209 -19.39 9.39 -0.73
C MET C 209 -18.96 10.84 -0.98
N ILE C 210 -17.73 11.16 -0.58
CA ILE C 210 -17.26 12.54 -0.67
C ILE C 210 -15.89 12.64 -1.34
N TYR C 211 -15.79 13.48 -2.35
CA TYR C 211 -14.48 13.88 -2.87
C TYR C 211 -14.09 15.16 -2.15
N LEU C 212 -13.08 15.06 -1.30
CA LEU C 212 -12.72 16.14 -0.37
C LEU C 212 -11.28 16.57 -0.53
N GLU C 213 -11.08 17.85 -0.86
CA GLU C 213 -9.73 18.40 -1.02
C GLU C 213 -9.30 19.07 0.29
N GLY C 214 -10.24 19.74 0.95
CA GLY C 214 -9.99 20.40 2.21
C GLY C 214 -11.26 20.97 2.83
N ILE C 215 -11.20 21.24 4.13
CA ILE C 215 -12.32 21.87 4.83
C ILE C 215 -11.85 23.22 5.38
N ALA C 216 -12.81 24.13 5.61
CA ALA C 216 -12.49 25.50 6.04
C ALA C 216 -11.85 25.52 7.43
N PRO C 217 -10.97 26.51 7.68
CA PRO C 217 -10.39 26.70 9.00
C PRO C 217 -11.43 26.79 10.12
N GLY C 218 -11.15 26.11 11.23
CA GLY C 218 -12.03 26.15 12.39
C GLY C 218 -13.30 25.36 12.20
N ARG C 219 -13.33 24.51 11.19
CA ARG C 219 -14.53 23.75 10.84
C ARG C 219 -14.36 22.27 11.14
N GLY C 220 -13.12 21.84 11.37
CA GLY C 220 -12.81 20.42 11.52
C GLY C 220 -13.40 19.72 12.72
N ARG C 221 -13.45 20.39 13.86
CA ARG C 221 -14.01 19.81 15.06
C ARG C 221 -15.48 19.46 14.85
N MET C 222 -16.23 20.40 14.28
CA MET C 222 -17.63 20.22 14.00
C MET C 222 -17.80 19.10 12.98
N PHE C 223 -16.86 19.02 12.03
CA PHE C 223 -16.88 17.99 11.01
C PHE C 223 -16.82 16.60 11.64
N ILE C 224 -16.01 16.46 12.69
CA ILE C 224 -15.87 15.17 13.34
C ILE C 224 -17.14 14.83 14.11
N ASP C 225 -17.65 15.80 14.86
CA ASP C 225 -18.86 15.59 15.66
C ASP C 225 -20.03 15.11 14.80
N VAL C 226 -20.21 15.76 13.65
CA VAL C 226 -21.30 15.43 12.75
C VAL C 226 -21.04 14.12 12.01
N ALA C 227 -19.87 14.00 11.39
CA ALA C 227 -19.56 12.81 10.61
C ALA C 227 -19.61 11.59 11.50
N SER C 228 -19.08 11.73 12.70
CA SER C 228 -19.01 10.63 13.64
C SER C 228 -20.39 10.05 13.97
N ARG C 229 -21.37 10.92 14.19
CA ARG C 229 -22.72 10.48 14.53
C ARG C 229 -23.41 9.84 13.32
N VAL C 230 -23.10 10.34 12.13
CA VAL C 230 -23.65 9.81 10.90
C VAL C 230 -23.11 8.41 10.65
N SER C 231 -21.82 8.22 10.89
CA SER C 231 -21.15 6.94 10.66
C SER C 231 -21.79 5.80 11.46
N LEU C 232 -22.48 6.15 12.54
CA LEU C 232 -23.15 5.15 13.37
C LEU C 232 -24.27 4.43 12.60
N ARG C 233 -24.84 5.10 11.63
CA ARG C 233 -25.97 4.55 10.90
C ARG C 233 -25.73 4.46 9.38
N LYS C 234 -24.83 5.30 8.87
CA LYS C 234 -24.55 5.34 7.44
C LYS C 234 -23.05 5.44 7.14
N PRO C 235 -22.52 4.54 6.30
CA PRO C 235 -21.08 4.62 6.03
C PRO C 235 -20.72 5.84 5.19
N ILE C 236 -19.57 6.42 5.52
CA ILE C 236 -19.04 7.58 4.81
C ILE C 236 -17.72 7.19 4.17
N ILE C 237 -17.64 7.37 2.86
CA ILE C 237 -16.40 7.15 2.14
C ILE C 237 -15.85 8.47 1.67
N VAL C 238 -14.59 8.74 1.99
CA VAL C 238 -13.93 9.97 1.55
C VAL C 238 -12.80 9.62 0.59
N ILE C 239 -12.86 10.23 -0.59
CA ILE C 239 -11.75 10.20 -1.52
C ILE C 239 -10.92 11.45 -1.24
N LYS C 240 -9.83 11.29 -0.51
CA LYS C 240 -9.02 12.44 -0.12
C LYS C 240 -8.10 12.89 -1.23
N ALA C 241 -8.33 14.09 -1.73
CA ALA C 241 -7.41 14.69 -2.68
C ALA C 241 -6.29 15.41 -1.90
N GLY C 242 -5.07 14.92 -2.06
CA GLY C 242 -3.95 15.43 -1.29
C GLY C 242 -3.62 14.51 -0.13
N ARG C 243 -3.36 13.25 -0.45
CA ARG C 243 -2.95 12.26 0.55
C ARG C 243 -1.44 12.28 0.72
N THR C 244 -0.77 13.03 -0.15
CA THR C 244 0.67 13.18 -0.13
C THR C 244 1.01 14.66 -0.01
N GLU C 245 2.23 14.96 0.42
CA GLU C 245 2.69 16.34 0.54
C GLU C 245 2.60 17.05 -0.81
N VAL C 246 3.10 16.39 -1.84
CA VAL C 246 3.16 16.97 -3.17
C VAL C 246 1.76 17.11 -3.77
N GLY C 247 0.89 16.17 -3.44
CA GLY C 247 -0.49 16.20 -3.91
C GLY C 247 -1.33 17.22 -3.17
N ALA C 248 -1.04 17.40 -1.88
CA ALA C 248 -1.71 18.40 -1.07
C ALA C 248 -1.51 19.79 -1.65
N ARG C 249 -0.27 20.10 -2.01
CA ARG C 249 0.05 21.39 -2.60
C ARG C 249 -0.61 21.56 -3.97
N ALA C 250 -0.68 20.48 -4.74
CA ALA C 250 -1.33 20.52 -6.06
C ALA C 250 -2.82 20.82 -5.92
N ALA C 251 -3.44 20.24 -4.89
CA ALA C 251 -4.85 20.45 -4.60
C ALA C 251 -5.09 21.86 -4.07
N ALA C 252 -4.15 22.33 -3.26
CA ALA C 252 -4.21 23.68 -2.69
C ALA C 252 -4.26 24.74 -3.79
N SER C 253 -3.47 24.54 -4.85
CA SER C 253 -3.43 25.48 -5.96
C SER C 253 -4.75 25.54 -6.70
N THR C 255 -7.53 24.69 -5.79
CA THR C 255 -8.60 25.12 -4.89
C THR C 255 -8.50 26.60 -4.54
N GLY C 256 -7.27 27.08 -4.35
CA GLY C 256 -7.04 28.46 -3.97
C GLY C 256 -7.06 28.64 -2.46
N SER C 257 -6.62 27.61 -1.75
CA SER C 257 -6.57 27.64 -0.28
C SER C 257 -5.29 26.97 0.21
N ILE C 258 -4.97 27.17 1.49
CA ILE C 258 -3.76 26.57 2.07
C ILE C 258 -4.00 25.08 2.33
N ALA C 259 -2.92 24.30 2.25
CA ALA C 259 -3.00 22.85 2.44
C ALA C 259 -2.84 22.49 3.92
N GLY C 260 -3.77 21.66 4.42
CA GLY C 260 -3.74 21.23 5.80
C GLY C 260 -2.84 20.04 6.00
N SER C 261 -2.68 19.63 7.26
CA SER C 261 -1.78 18.52 7.58
C SER C 261 -2.36 17.17 7.16
N VAL C 262 -1.57 16.40 6.42
CA VAL C 262 -2.03 15.11 5.94
C VAL C 262 -2.29 14.15 7.11
N ALA C 263 -1.37 14.09 8.06
CA ALA C 263 -1.47 13.15 9.17
C ALA C 263 -2.70 13.45 10.03
N ILE C 264 -3.02 14.73 10.17
CA ILE C 264 -4.11 15.12 11.04
C ILE C 264 -5.47 14.86 10.38
N TYR C 265 -5.55 15.03 9.07
CA TYR C 265 -6.75 14.67 8.32
C TYR C 265 -7.03 13.18 8.47
N GLU C 266 -5.98 12.36 8.41
CA GLU C 266 -6.14 10.91 8.52
C GLU C 266 -6.69 10.53 9.90
N SER C 267 -6.21 11.22 10.93
CA SER C 267 -6.68 10.99 12.29
C SER C 267 -8.15 11.37 12.43
N ALA C 268 -8.50 12.55 11.92
CA ALA C 268 -9.88 13.02 11.94
C ALA C 268 -10.82 12.00 11.27
N PHE C 269 -10.37 11.41 10.17
CA PHE C 269 -11.20 10.43 9.48
C PHE C 269 -11.40 9.18 10.34
N LYS C 270 -10.36 8.75 11.05
CA LYS C 270 -10.48 7.61 11.93
C LYS C 270 -11.45 7.93 13.08
N GLN C 271 -11.31 9.11 13.66
CA GLN C 271 -12.19 9.51 14.76
C GLN C 271 -13.65 9.69 14.31
N SER C 272 -13.86 9.84 13.01
CA SER C 272 -15.21 10.03 12.46
C SER C 272 -15.81 8.74 11.96
N GLY C 273 -15.04 7.65 12.02
CA GLY C 273 -15.48 6.37 11.49
C GLY C 273 -15.60 6.36 9.97
N ILE C 274 -14.77 7.18 9.33
CA ILE C 274 -14.78 7.33 7.89
C ILE C 274 -13.78 6.39 7.23
N LEU C 275 -14.21 5.78 6.13
CA LEU C 275 -13.32 5.00 5.28
C LEU C 275 -12.66 5.91 4.26
N MET C 276 -11.32 5.92 4.25
CA MET C 276 -10.58 6.72 3.28
C MET C 276 -10.13 5.86 2.09
N ALA C 277 -10.57 6.25 0.90
CA ALA C 277 -10.20 5.56 -0.32
C ALA C 277 -9.06 6.30 -1.01
N LYS C 278 -8.10 5.55 -1.54
CA LYS C 278 -6.94 6.15 -2.20
C LYS C 278 -7.15 6.33 -3.70
N SER C 279 -8.33 5.96 -4.17
CA SER C 279 -8.60 5.96 -5.61
C SER C 279 -10.08 5.91 -5.89
N VAL C 280 -10.47 6.38 -7.07
CA VAL C 280 -11.85 6.33 -7.52
C VAL C 280 -12.38 4.91 -7.55
N GLU C 281 -11.60 3.96 -8.07
CA GLU C 281 -12.07 2.59 -8.19
C GLU C 281 -12.37 1.99 -6.83
N ASP C 282 -11.50 2.23 -5.85
CA ASP C 282 -11.74 1.71 -4.51
C ASP C 282 -13.03 2.29 -3.96
N ALA C 283 -13.17 3.60 -4.03
CA ALA C 283 -14.38 4.25 -3.54
C ALA C 283 -15.63 3.62 -4.14
N PHE C 284 -15.67 3.48 -5.46
CA PHE C 284 -16.87 2.96 -6.10
C PHE C 284 -17.11 1.47 -5.80
N ASP C 285 -16.03 0.69 -5.73
CA ASP C 285 -16.14 -0.71 -5.38
C ASP C 285 -16.69 -0.88 -3.96
N TRP C 286 -16.20 -0.09 -3.02
CA TRP C 286 -16.68 -0.13 -1.64
C TRP C 286 -18.12 0.36 -1.56
N THR C 287 -18.38 1.51 -2.19
CA THR C 287 -19.70 2.12 -2.22
C THR C 287 -20.76 1.12 -2.66
N LYS C 288 -20.43 0.39 -3.70
CA LYS C 288 -21.35 -0.57 -4.26
C LYS C 288 -21.68 -1.64 -3.22
N ALA C 289 -20.65 -2.08 -2.50
CA ALA C 289 -20.83 -3.15 -1.53
C ALA C 289 -21.60 -2.67 -0.30
N LEU C 290 -21.29 -1.48 0.19
CA LEU C 290 -21.97 -0.93 1.35
C LEU C 290 -23.43 -0.54 1.05
N SER C 291 -23.70 -0.20 -0.22
CA SER C 291 -25.03 0.21 -0.63
C SER C 291 -25.99 -0.97 -0.78
N TRP C 292 -25.44 -2.16 -0.92
CA TRP C 292 -26.23 -3.34 -1.24
C TRP C 292 -26.16 -4.44 -0.19
N ASN C 293 -25.52 -4.15 0.94
CA ASN C 293 -25.34 -5.18 1.95
C ASN C 293 -25.45 -4.63 3.38
N PRO C 294 -25.93 -5.48 4.30
CA PRO C 294 -25.87 -5.16 5.72
C PRO C 294 -24.46 -5.43 6.26
N ILE C 295 -24.15 -4.87 7.42
CA ILE C 295 -22.83 -5.05 8.01
C ILE C 295 -22.72 -6.48 8.53
N PRO C 296 -21.55 -7.11 8.36
CA PRO C 296 -21.39 -8.45 8.95
C PRO C 296 -21.55 -8.42 10.47
N GLU C 297 -22.20 -9.45 11.02
CA GLU C 297 -22.46 -9.51 12.45
C GLU C 297 -21.34 -10.27 13.18
N GLY C 298 -20.38 -10.80 12.43
CA GLY C 298 -19.27 -11.51 13.02
C GLY C 298 -18.15 -11.75 12.02
N GLU C 299 -17.05 -12.32 12.50
CA GLU C 299 -15.87 -12.53 11.66
C GLU C 299 -15.83 -13.88 10.92
N ARG C 300 -16.90 -14.68 11.02
CA ARG C 300 -16.91 -15.95 10.32
C ARG C 300 -17.17 -15.72 8.84
N LEU C 301 -16.16 -15.16 8.18
CA LEU C 301 -16.17 -14.95 6.73
C LEU C 301 -15.79 -16.24 6.03
N ILE C 302 -16.53 -16.55 4.96
CA ILE C 302 -16.28 -17.76 4.16
C ILE C 302 -15.99 -17.36 2.73
N VAL C 303 -14.87 -17.86 2.20
CA VAL C 303 -14.53 -17.69 0.79
C VAL C 303 -14.78 -19.00 0.06
N LEU C 304 -15.45 -18.90 -1.09
CA LEU C 304 -15.81 -20.06 -1.91
C LEU C 304 -15.19 -19.90 -3.29
N THR C 305 -14.38 -20.87 -3.70
CA THR C 305 -13.66 -20.76 -4.97
C THR C 305 -13.52 -22.11 -5.69
N ASN C 306 -13.31 -22.05 -7.00
CA ASN C 306 -12.95 -23.21 -7.80
C ASN C 306 -11.49 -23.13 -8.22
N GLY C 307 -10.62 -23.82 -7.50
CA GLY C 307 -9.19 -23.71 -7.73
C GLY C 307 -8.56 -22.73 -6.76
N GLY C 308 -7.37 -23.05 -6.27
CA GLY C 308 -6.72 -22.27 -5.23
C GLY C 308 -6.21 -20.91 -5.66
N GLY C 309 -5.90 -20.75 -6.94
CA GLY C 309 -5.39 -19.49 -7.46
C GLY C 309 -6.15 -18.27 -6.97
N ALA C 310 -7.46 -18.24 -7.23
CA ALA C 310 -8.28 -17.10 -6.82
C ALA C 310 -8.38 -16.98 -5.28
N GLY C 311 -8.46 -18.12 -4.62
CA GLY C 311 -8.50 -18.15 -3.17
C GLY C 311 -7.28 -17.51 -2.51
N VAL C 312 -6.10 -17.81 -3.04
CA VAL C 312 -4.86 -17.29 -2.49
C VAL C 312 -4.73 -15.78 -2.73
N GLN C 313 -5.14 -15.33 -3.90
CA GLN C 313 -5.17 -13.89 -4.18
C GLN C 313 -6.11 -13.21 -3.19
N SER C 314 -7.22 -13.87 -2.91
CA SER C 314 -8.23 -13.35 -1.99
C SER C 314 -7.70 -13.33 -0.56
N THR C 315 -7.05 -14.41 -0.14
CA THR C 315 -6.47 -14.51 1.19
C THR C 315 -5.42 -13.43 1.41
N ASP C 316 -4.59 -13.17 0.40
CA ASP C 316 -3.58 -12.12 0.47
C ASP C 316 -4.22 -10.73 0.58
N THR C 317 -5.25 -10.49 -0.23
CA THR C 317 -5.93 -9.21 -0.23
C THR C 317 -6.59 -8.95 1.13
N PHE C 318 -7.30 -9.95 1.63
CA PHE C 318 -7.96 -9.84 2.92
C PHE C 318 -6.94 -9.54 4.03
N ALA C 319 -5.82 -10.24 3.98
CA ALA C 319 -4.79 -10.08 5.01
C ALA C 319 -4.20 -8.66 4.98
N ASP C 320 -4.05 -8.12 3.77
CA ASP C 320 -3.58 -6.74 3.62
C ASP C 320 -4.54 -5.76 4.29
N ASN C 321 -5.80 -6.15 4.44
CA ASN C 321 -6.80 -5.33 5.11
C ASN C 321 -7.08 -5.83 6.52
N GLY C 322 -6.17 -6.63 7.07
CA GLY C 322 -6.28 -7.09 8.44
C GLY C 322 -7.41 -8.08 8.68
N ILE C 323 -7.82 -8.79 7.64
CA ILE C 323 -8.86 -9.80 7.76
C ILE C 323 -8.26 -11.18 7.54
N TYR C 324 -8.48 -12.07 8.49
CA TYR C 324 -7.90 -13.41 8.46
C TYR C 324 -8.98 -14.46 8.57
N LEU C 325 -9.01 -15.35 7.58
CA LEU C 325 -10.01 -16.40 7.53
C LEU C 325 -9.76 -17.48 8.58
N SER C 326 -10.84 -18.10 9.04
CA SER C 326 -10.77 -19.15 10.06
C SER C 326 -11.40 -20.41 9.50
N LYS C 327 -11.05 -21.56 10.06
CA LYS C 327 -11.60 -22.84 9.62
C LYS C 327 -13.12 -22.78 9.60
N PRO C 328 -13.75 -23.40 8.59
CA PRO C 328 -15.21 -23.32 8.51
C PRO C 328 -15.93 -24.24 9.49
N PRO C 329 -17.22 -23.95 9.79
CA PRO C 329 -18.07 -24.81 10.63
C PRO C 329 -18.15 -26.23 10.09
N GLU C 330 -18.08 -27.23 10.96
CA GLU C 330 -18.16 -28.62 10.53
C GLU C 330 -19.49 -28.91 9.83
N SER C 331 -20.55 -28.25 10.30
CA SER C 331 -21.87 -28.41 9.70
C SER C 331 -21.85 -28.01 8.23
N LEU C 332 -21.07 -26.99 7.90
CA LEU C 332 -20.93 -26.53 6.52
C LEU C 332 -20.11 -27.50 5.66
N ILE C 333 -18.93 -27.85 6.15
CA ILE C 333 -18.05 -28.78 5.47
C ILE C 333 -18.79 -30.06 5.09
N GLN C 334 -19.55 -30.60 6.04
CA GLN C 334 -20.23 -31.87 5.82
C GLN C 334 -21.38 -31.70 4.83
N GLU C 335 -22.00 -30.53 4.84
CA GLU C 335 -23.03 -30.23 3.85
C GLU C 335 -22.44 -30.18 2.45
N ILE C 336 -21.25 -29.60 2.33
CA ILE C 336 -20.59 -29.48 1.04
C ILE C 336 -19.99 -30.81 0.60
N LYS C 337 -19.52 -31.59 1.57
CA LYS C 337 -18.87 -32.87 1.30
C LYS C 337 -19.81 -33.88 0.62
N LYS C 338 -21.08 -33.50 0.47
CA LYS C 338 -22.06 -34.38 -0.15
C LYS C 338 -21.90 -34.46 -1.66
N PHE C 339 -21.30 -33.45 -2.26
CA PHE C 339 -21.07 -33.43 -3.71
C PHE C 339 -19.62 -33.17 -4.09
N VAL C 340 -18.86 -32.57 -3.18
CA VAL C 340 -17.47 -32.27 -3.44
C VAL C 340 -16.58 -33.50 -3.19
N PRO C 341 -15.61 -33.77 -4.08
CA PRO C 341 -14.65 -34.86 -3.90
C PRO C 341 -13.91 -34.78 -2.57
N PRO C 342 -13.43 -35.92 -2.05
CA PRO C 342 -12.79 -35.91 -0.72
C PRO C 342 -11.48 -35.14 -0.66
N PHE C 343 -10.72 -35.14 -1.76
CA PHE C 343 -9.39 -34.52 -1.76
C PHE C 343 -9.43 -33.00 -1.72
N ALA C 344 -10.58 -32.41 -2.02
CA ALA C 344 -10.75 -30.96 -2.02
C ALA C 344 -10.38 -30.33 -0.67
N SER C 345 -10.05 -29.04 -0.68
CA SER C 345 -9.59 -28.32 0.50
C SER C 345 -10.71 -27.55 1.21
N PHE C 346 -10.84 -27.76 2.52
CA PHE C 346 -11.84 -27.08 3.32
C PHE C 346 -11.20 -26.19 4.38
N ALA C 347 -10.02 -25.65 4.06
CA ALA C 347 -9.27 -24.84 5.02
C ALA C 347 -9.80 -23.42 5.13
N ASN C 348 -10.66 -23.03 4.19
CA ASN C 348 -11.13 -21.65 4.04
C ASN C 348 -9.95 -20.78 3.54
N PRO C 349 -9.98 -20.38 2.25
CA PRO C 349 -11.06 -20.55 1.27
C PRO C 349 -11.44 -22.01 1.05
N ILE C 350 -12.72 -22.24 0.77
CA ILE C 350 -13.21 -23.58 0.45
C ILE C 350 -13.05 -23.79 -1.05
N ASP C 351 -12.13 -24.67 -1.43
CA ASP C 351 -11.89 -24.97 -2.85
C ASP C 351 -12.77 -26.14 -3.27
N ILE C 352 -13.64 -25.91 -4.25
CA ILE C 352 -14.52 -26.97 -4.78
C ILE C 352 -13.99 -27.52 -6.11
N THR C 353 -12.72 -27.28 -6.39
CA THR C 353 -12.03 -27.76 -7.59
C THR C 353 -12.47 -27.01 -8.85
N GLY C 354 -11.54 -26.88 -9.80
CA GLY C 354 -11.78 -26.11 -11.01
C GLY C 354 -12.82 -26.70 -11.92
N MET C 355 -12.86 -28.04 -11.97
CA MET C 355 -13.76 -28.73 -12.87
C MET C 355 -15.19 -28.85 -12.32
N ALA C 356 -15.49 -28.03 -11.31
CA ALA C 356 -16.82 -28.01 -10.70
C ALA C 356 -17.89 -27.44 -11.65
N PRO C 357 -19.05 -28.12 -11.78
CA PRO C 357 -20.16 -27.65 -12.63
C PRO C 357 -20.98 -26.52 -11.99
N ASP C 358 -21.89 -25.94 -12.78
CA ASP C 358 -22.66 -24.77 -12.35
C ASP C 358 -23.40 -24.96 -11.01
N ASP C 359 -24.16 -26.04 -10.88
CA ASP C 359 -25.02 -26.24 -9.71
C ASP C 359 -24.21 -26.29 -8.41
N TRP C 360 -22.94 -26.64 -8.47
CA TRP C 360 -22.12 -26.69 -7.26
C TRP C 360 -21.99 -25.31 -6.62
N TYR C 361 -22.03 -24.27 -7.44
CA TYR C 361 -22.00 -22.90 -6.92
C TYR C 361 -23.29 -22.57 -6.19
N TYR C 362 -24.39 -23.06 -6.75
CA TYR C 362 -25.68 -22.89 -6.12
C TYR C 362 -25.72 -23.61 -4.77
N MET C 363 -25.45 -24.92 -4.78
CA MET C 363 -25.47 -25.71 -3.55
C MET C 363 -24.53 -25.16 -2.47
N GLY C 364 -23.31 -24.79 -2.87
CA GLY C 364 -22.31 -24.32 -1.94
C GLY C 364 -22.61 -22.94 -1.39
N THR C 365 -23.14 -22.06 -2.24
CA THR C 365 -23.52 -20.72 -1.82
C THR C 365 -24.73 -20.79 -0.91
N LEU C 366 -25.69 -21.66 -1.24
CA LEU C 366 -26.87 -21.86 -0.43
C LEU C 366 -26.50 -22.39 0.96
N ALA C 367 -25.72 -23.47 0.98
CA ALA C 367 -25.31 -24.10 2.22
C ALA C 367 -24.63 -23.10 3.14
N ALA C 368 -23.79 -22.24 2.57
CA ALA C 368 -23.03 -21.25 3.33
C ALA C 368 -23.92 -20.20 3.98
N LEU C 369 -24.86 -19.66 3.21
CA LEU C 369 -25.76 -18.62 3.71
C LEU C 369 -26.74 -19.13 4.77
N LYS C 370 -27.26 -20.33 4.57
CA LYS C 370 -28.21 -20.91 5.52
C LYS C 370 -27.54 -21.18 6.86
N ASN C 371 -26.28 -21.60 6.82
CA ASN C 371 -25.57 -21.97 8.04
C ASN C 371 -25.50 -20.79 9.02
N PRO C 372 -25.98 -20.99 10.27
CA PRO C 372 -26.04 -19.91 11.26
C PRO C 372 -24.68 -19.46 11.81
N ASP C 373 -23.64 -20.23 11.50
CA ASP C 373 -22.29 -19.91 11.96
C ASP C 373 -21.49 -19.17 10.89
N VAL C 374 -22.17 -18.76 9.81
CA VAL C 374 -21.54 -18.00 8.74
C VAL C 374 -22.10 -16.58 8.69
N ASP C 375 -21.22 -15.58 8.79
CA ASP C 375 -21.63 -14.18 8.85
C ASP C 375 -21.59 -13.50 7.49
N ALA C 376 -20.69 -13.94 6.62
CA ALA C 376 -20.46 -13.28 5.35
C ALA C 376 -19.84 -14.26 4.36
N LEU C 377 -20.05 -14.00 3.07
CA LEU C 377 -19.63 -14.91 2.02
C LEU C 377 -19.03 -14.17 0.81
N THR C 378 -17.85 -14.60 0.38
CA THR C 378 -17.29 -14.13 -0.89
C THR C 378 -17.19 -15.35 -1.81
N VAL C 379 -17.80 -15.23 -2.99
CA VAL C 379 -17.76 -16.30 -3.98
C VAL C 379 -16.85 -15.91 -5.13
N LEU C 380 -15.88 -16.78 -5.43
CA LEU C 380 -14.93 -16.57 -6.52
C LEU C 380 -15.13 -17.61 -7.61
N TYR C 381 -15.10 -17.15 -8.86
CA TYR C 381 -15.31 -18.02 -10.01
C TYR C 381 -14.26 -17.78 -11.10
N CYS C 382 -13.68 -18.86 -11.57
CA CYS C 382 -12.74 -18.82 -12.68
C CYS C 382 -13.34 -19.58 -13.84
N GLN C 383 -13.56 -18.89 -14.97
CA GLN C 383 -14.24 -19.48 -16.10
C GLN C 383 -13.44 -20.63 -16.69
N THR C 384 -14.16 -21.70 -17.03
CA THR C 384 -13.63 -22.86 -17.72
C THR C 384 -14.72 -23.40 -18.66
N ALA C 385 -14.36 -24.33 -19.51
CA ALA C 385 -15.29 -24.86 -20.50
C ALA C 385 -16.39 -25.68 -19.83
N VAL C 386 -16.15 -26.11 -18.59
CA VAL C 386 -17.09 -26.95 -17.85
C VAL C 386 -18.31 -26.18 -17.36
N THR C 387 -18.16 -24.88 -17.13
CA THR C 387 -19.24 -24.05 -16.59
C THR C 387 -19.72 -23.02 -17.59
N THR C 388 -20.80 -22.33 -17.24
CA THR C 388 -21.27 -21.17 -17.99
C THR C 388 -21.31 -20.01 -16.99
N PRO C 389 -20.62 -18.89 -17.30
CA PRO C 389 -20.61 -17.78 -16.35
C PRO C 389 -22.02 -17.33 -15.91
N ILE C 390 -22.96 -17.28 -16.82
CA ILE C 390 -24.30 -16.81 -16.48
C ILE C 390 -25.03 -17.83 -15.59
N GLY C 391 -24.82 -19.10 -15.86
CA GLY C 391 -25.42 -20.15 -15.05
C GLY C 391 -24.91 -20.10 -13.63
N VAL C 392 -23.67 -19.66 -13.47
CA VAL C 392 -23.09 -19.52 -12.15
C VAL C 392 -23.72 -18.33 -11.43
N ALA C 393 -23.84 -17.22 -12.14
CA ALA C 393 -24.46 -16.02 -11.58
C ALA C 393 -25.89 -16.31 -11.15
N LYS C 394 -26.65 -17.00 -12.00
CA LYS C 394 -28.04 -17.31 -11.68
C LYS C 394 -28.11 -18.25 -10.49
N GLY C 395 -27.17 -19.18 -10.41
CA GLY C 395 -27.09 -20.08 -9.27
C GLY C 395 -26.87 -19.30 -7.99
N ILE C 396 -26.08 -18.23 -8.08
CA ILE C 396 -25.81 -17.40 -6.91
C ILE C 396 -27.04 -16.56 -6.55
N VAL C 397 -27.70 -15.99 -7.55
CA VAL C 397 -28.94 -15.24 -7.32
C VAL C 397 -29.98 -16.12 -6.62
N ASP C 398 -30.18 -17.33 -7.14
CA ASP C 398 -31.17 -18.25 -6.58
C ASP C 398 -30.84 -18.60 -5.13
N ALA C 399 -29.55 -18.83 -4.86
CA ALA C 399 -29.12 -19.19 -3.51
C ALA C 399 -29.32 -18.03 -2.54
N ILE C 400 -29.21 -16.80 -3.02
CA ILE C 400 -29.44 -15.65 -2.15
C ILE C 400 -30.92 -15.57 -1.76
N LYS C 401 -31.79 -15.71 -2.76
CA LYS C 401 -33.22 -15.59 -2.58
C LYS C 401 -33.80 -16.77 -1.78
N GLU C 402 -33.23 -17.95 -1.96
CA GLU C 402 -33.72 -19.15 -1.27
C GLU C 402 -33.15 -19.31 0.13
N ALA C 403 -32.09 -18.56 0.42
CA ALA C 403 -31.54 -18.53 1.78
C ALA C 403 -32.50 -17.74 2.68
N GLY C 404 -33.34 -16.93 2.05
CA GLY C 404 -34.38 -16.20 2.74
C GLY C 404 -33.85 -15.32 3.86
N ASN C 405 -32.62 -14.86 3.72
CA ASN C 405 -32.01 -13.98 4.70
C ASN C 405 -31.24 -12.85 4.05
N SER C 406 -30.50 -12.10 4.86
CA SER C 406 -29.72 -10.98 4.36
C SER C 406 -28.31 -10.96 4.98
N LYS C 407 -27.39 -11.71 4.36
CA LYS C 407 -25.99 -11.69 4.78
C LYS C 407 -25.14 -11.04 3.71
N PRO C 408 -24.08 -10.32 4.13
CA PRO C 408 -23.20 -9.66 3.15
C PRO C 408 -22.57 -10.65 2.19
N VAL C 409 -22.56 -10.32 0.90
CA VAL C 409 -21.99 -11.20 -0.10
C VAL C 409 -21.40 -10.40 -1.26
N THR C 410 -20.15 -10.74 -1.61
CA THR C 410 -19.48 -10.19 -2.80
C THR C 410 -19.11 -11.33 -3.74
N VAL C 411 -19.02 -11.02 -5.03
CA VAL C 411 -18.65 -12.02 -6.04
C VAL C 411 -17.47 -11.55 -6.91
N GLY C 412 -16.52 -12.43 -7.15
CA GLY C 412 -15.41 -12.16 -8.06
C GLY C 412 -15.41 -13.17 -9.20
N MET C 413 -15.49 -12.67 -10.43
CA MET C 413 -15.53 -13.54 -11.61
C MET C 413 -14.42 -13.20 -12.60
N VAL C 414 -13.65 -14.21 -12.99
CA VAL C 414 -12.54 -14.04 -13.92
C VAL C 414 -12.76 -14.84 -15.21
N GLY C 415 -12.72 -14.15 -16.34
CA GLY C 415 -12.84 -14.80 -17.63
C GLY C 415 -13.06 -13.87 -18.80
N GLY C 416 -13.56 -14.42 -19.90
CA GLY C 416 -13.75 -13.69 -21.13
C GLY C 416 -15.01 -12.84 -21.19
N PRO C 417 -15.44 -12.49 -22.42
CA PRO C 417 -16.62 -11.67 -22.63
C PRO C 417 -17.87 -12.14 -21.90
N GLU C 418 -18.03 -13.46 -21.78
CA GLU C 418 -19.18 -14.03 -21.08
C GLU C 418 -19.17 -13.70 -19.59
N VAL C 419 -17.99 -13.62 -18.99
CA VAL C 419 -17.88 -13.23 -17.59
C VAL C 419 -18.23 -11.76 -17.39
N ALA C 420 -17.81 -10.91 -18.33
CA ALA C 420 -18.15 -9.51 -18.26
C ALA C 420 -19.68 -9.34 -18.22
N GLU C 421 -20.37 -10.21 -18.95
CA GLU C 421 -21.83 -10.17 -19.01
C GLU C 421 -22.45 -10.63 -17.69
N ALA C 422 -21.97 -11.76 -17.18
CA ALA C 422 -22.42 -12.30 -15.90
C ALA C 422 -22.21 -11.30 -14.77
N VAL C 423 -21.05 -10.64 -14.74
CA VAL C 423 -20.76 -9.65 -13.73
C VAL C 423 -21.76 -8.51 -13.85
N SER C 424 -21.96 -8.02 -15.08
CA SER C 424 -22.93 -6.97 -15.31
C SER C 424 -24.29 -7.40 -14.81
N PHE C 425 -24.68 -8.61 -15.16
CA PHE C 425 -25.97 -9.18 -14.76
C PHE C 425 -26.17 -9.13 -13.24
N LEU C 426 -25.16 -9.55 -12.49
CA LEU C 426 -25.24 -9.57 -11.03
C LEU C 426 -25.36 -8.17 -10.46
N ASN C 427 -24.60 -7.22 -10.99
CA ASN C 427 -24.66 -5.85 -10.51
C ASN C 427 -26.02 -5.20 -10.82
N LYS C 428 -26.66 -5.64 -11.90
CA LYS C 428 -27.98 -5.12 -12.25
C LYS C 428 -29.01 -5.50 -11.18
N GLN C 429 -28.70 -6.55 -10.43
CA GLN C 429 -29.55 -7.03 -9.35
C GLN C 429 -28.98 -6.65 -7.99
N ARG C 430 -28.15 -5.61 -7.98
CA ARG C 430 -27.56 -5.11 -6.74
C ARG C 430 -26.90 -6.22 -5.93
N ILE C 431 -26.14 -7.06 -6.63
CA ILE C 431 -25.22 -8.00 -5.99
C ILE C 431 -23.81 -7.60 -6.38
N ALA C 432 -23.00 -7.26 -5.38
CA ALA C 432 -21.67 -6.71 -5.65
C ALA C 432 -20.80 -7.75 -6.33
N ALA C 433 -20.57 -7.55 -7.62
CA ALA C 433 -19.78 -8.46 -8.44
C ALA C 433 -18.64 -7.70 -9.11
N TYR C 434 -17.49 -8.35 -9.26
CA TYR C 434 -16.27 -7.72 -9.76
C TYR C 434 -15.49 -8.67 -10.68
N PRO C 435 -14.71 -8.11 -11.62
CA PRO C 435 -13.98 -8.92 -12.60
C PRO C 435 -12.66 -9.54 -12.09
N THR C 436 -12.32 -9.35 -10.82
CA THR C 436 -11.14 -10.00 -10.25
C THR C 436 -11.41 -10.41 -8.82
N PRO C 437 -10.69 -11.43 -8.32
CA PRO C 437 -10.85 -11.86 -6.93
C PRO C 437 -10.39 -10.81 -5.91
N GLU C 438 -9.36 -10.04 -6.23
CA GLU C 438 -8.85 -9.03 -5.31
C GLU C 438 -9.88 -7.95 -5.05
N ARG C 439 -10.56 -7.52 -6.12
CA ARG C 439 -11.52 -6.44 -6.01
C ARG C 439 -12.75 -6.87 -5.24
N ALA C 440 -13.16 -8.12 -5.43
CA ALA C 440 -14.26 -8.69 -4.68
C ALA C 440 -13.89 -8.80 -3.21
N SER C 441 -12.62 -9.15 -2.96
CA SER C 441 -12.13 -9.29 -1.59
C SER C 441 -11.95 -7.91 -0.95
N SER C 442 -11.65 -6.91 -1.78
CA SER C 442 -11.49 -5.54 -1.30
C SER C 442 -12.87 -4.97 -0.93
N ALA C 443 -13.89 -5.37 -1.68
CA ALA C 443 -15.24 -4.89 -1.41
C ALA C 443 -15.74 -5.42 -0.07
N MET C 444 -15.63 -6.74 0.11
CA MET C 444 -16.01 -7.37 1.36
C MET C 444 -15.21 -6.76 2.51
N SER C 445 -13.97 -6.41 2.24
CA SER C 445 -13.11 -5.84 3.27
C SER C 445 -13.63 -4.49 3.72
N ALA C 446 -14.36 -3.81 2.85
CA ALA C 446 -14.89 -2.49 3.16
C ALA C 446 -16.07 -2.63 4.12
N LEU C 447 -16.84 -3.70 3.95
CA LEU C 447 -17.93 -3.98 4.87
C LEU C 447 -17.38 -4.17 6.26
N TYR C 448 -16.30 -4.95 6.39
CA TYR C 448 -15.66 -5.17 7.68
C TYR C 448 -14.95 -3.93 8.19
N ALA C 449 -14.40 -3.13 7.28
CA ALA C 449 -13.70 -1.91 7.67
C ALA C 449 -14.68 -0.92 8.27
N TYR C 450 -15.91 -0.92 7.76
CA TYR C 450 -16.93 -0.01 8.26
C TYR C 450 -17.44 -0.48 9.61
N ALA C 451 -17.70 -1.78 9.73
CA ALA C 451 -18.08 -2.38 11.00
C ALA C 451 -17.09 -1.93 12.09
N ARG C 452 -15.81 -2.14 11.83
CA ARG C 452 -14.77 -1.79 12.79
C ARG C 452 -14.68 -0.27 13.00
N ALA C 453 -15.01 0.50 11.97
CA ALA C 453 -15.01 1.95 12.07
C ALA C 453 -16.18 2.42 12.92
N ARG C 454 -17.32 1.78 12.76
CA ARG C 454 -18.51 2.09 13.55
C ARG C 454 -18.24 1.78 15.02
N SER C 455 -17.66 0.62 15.26
CA SER C 455 -17.28 0.19 16.60
C SER C 455 -16.31 1.19 17.24
N TYR C 456 -15.44 1.79 16.43
CA TYR C 456 -14.48 2.74 16.97
C TYR C 456 -15.22 3.94 17.53
N VAL C 457 -16.18 4.42 16.77
CA VAL C 457 -16.94 5.59 17.17
C VAL C 457 -17.81 5.28 18.38
N MET C 458 -18.44 4.11 18.39
CA MET C 458 -19.25 3.69 19.53
C MET C 458 -18.44 3.70 20.82
N LYS C 459 -17.23 3.15 20.78
CA LYS C 459 -16.39 3.14 21.97
C LYS C 459 -15.95 4.56 22.32
N SER C 460 -15.80 5.38 21.30
CA SER C 460 -15.34 6.75 21.49
C SER C 460 -16.41 7.61 22.16
N LEU C 461 -17.68 7.27 21.93
CA LEU C 461 -18.81 7.94 22.56
C LEU C 461 -19.31 7.29 23.84
N ALA C 462 -18.71 6.16 24.23
CA ALA C 462 -19.08 5.52 25.48
C ALA C 462 -19.00 6.53 26.61
N VAL C 463 -19.99 6.49 27.49
CA VAL C 463 -20.12 7.47 28.56
C VAL C 463 -19.23 7.10 29.74
N ARG C 464 -18.57 8.11 30.32
CA ARG C 464 -17.64 7.92 31.44
C ARG C 464 -18.35 7.39 32.67
N SER D 2 -7.81 29.68 39.20
CA SER D 2 -6.71 30.44 39.75
C SER D 2 -5.40 29.91 39.22
N SER D 3 -5.42 28.69 38.68
CA SER D 3 -4.27 28.16 37.95
C SER D 3 -4.00 29.10 36.76
N ARG D 4 -5.07 29.69 36.24
CA ARG D 4 -5.00 30.61 35.12
C ARG D 4 -4.26 31.89 35.47
N ASP D 5 -4.05 32.14 36.76
CA ASP D 5 -3.29 33.31 37.17
C ASP D 5 -1.92 33.28 36.52
N LEU D 6 -1.35 32.09 36.35
CA LEU D 6 -0.05 31.91 35.73
C LEU D 6 -0.03 32.38 34.27
N LEU D 7 -1.10 32.10 33.53
CA LEU D 7 -1.21 32.57 32.16
C LEU D 7 -1.51 34.06 32.09
N LEU D 8 -2.20 34.57 33.09
CA LEU D 8 -2.58 35.97 33.07
C LEU D 8 -1.39 36.84 33.45
N LYS D 9 -0.64 36.44 34.48
CA LYS D 9 0.54 37.18 34.90
C LYS D 9 1.59 37.21 33.79
N ALA D 10 1.67 36.12 33.04
CA ALA D 10 2.60 36.05 31.93
C ALA D 10 2.19 37.00 30.81
N LYS D 11 0.92 36.95 30.41
CA LYS D 11 0.41 37.84 29.38
C LYS D 11 0.58 39.31 29.78
N GLU D 12 0.44 39.58 31.08
CA GLU D 12 0.59 40.92 31.61
C GLU D 12 2.04 41.41 31.45
N ASN D 13 2.98 40.48 31.57
CA ASN D 13 4.41 40.80 31.52
C ASN D 13 5.01 40.56 30.14
N GLY D 14 4.17 40.66 29.12
CA GLY D 14 4.62 40.58 27.74
C GLY D 14 5.27 39.29 27.33
N ARG D 15 5.34 38.32 28.24
CA ARG D 15 5.99 37.04 27.95
C ARG D 15 5.07 36.16 27.11
N LYS D 16 5.67 35.41 26.18
CA LYS D 16 4.90 34.56 25.28
C LYS D 16 5.18 33.09 25.56
N SER D 17 5.58 32.80 26.79
CA SER D 17 5.75 31.42 27.23
C SER D 17 5.83 31.38 28.76
N LEU D 18 5.69 30.19 29.34
CA LEU D 18 5.81 30.03 30.78
C LEU D 18 7.18 29.54 31.17
N LEU D 19 7.69 30.05 32.29
CA LEU D 19 8.96 29.60 32.83
C LEU D 19 8.83 28.12 33.18
N GLU D 20 9.95 27.41 33.24
CA GLU D 20 9.91 25.96 33.38
C GLU D 20 9.07 25.52 34.58
N HIS D 21 9.18 26.23 35.69
CA HIS D 21 8.46 25.83 36.90
C HIS D 21 6.98 26.18 36.82
N GLU D 22 6.65 27.34 36.28
CA GLU D 22 5.25 27.72 36.14
C GLU D 22 4.52 26.75 35.22
N ALA D 23 5.22 26.24 34.22
CA ALA D 23 4.62 25.32 33.28
C ALA D 23 4.25 24.01 33.95
N LYS D 24 5.10 23.54 34.85
CA LYS D 24 4.85 22.28 35.54
C LYS D 24 3.73 22.42 36.55
N TYR D 25 3.74 23.52 37.30
CA TYR D 25 2.67 23.81 38.25
C TYR D 25 1.32 23.75 37.55
N PHE D 26 1.29 24.30 36.36
CA PHE D 26 0.07 24.39 35.58
C PHE D 26 -0.44 23.01 35.18
N ILE D 27 0.42 22.18 34.59
CA ILE D 27 -0.05 20.88 34.12
C ILE D 27 -0.33 19.97 35.32
N SER D 28 0.30 20.27 36.46
CA SER D 28 0.08 19.51 37.67
C SER D 28 -1.31 19.81 38.22
N SER D 29 -1.78 21.02 38.00
CA SER D 29 -3.11 21.41 38.45
C SER D 29 -4.20 20.70 37.63
N TYR D 30 -3.80 20.10 36.50
CA TYR D 30 -4.73 19.36 35.65
C TYR D 30 -4.61 17.84 35.88
N GLY D 31 -3.78 17.46 36.84
CA GLY D 31 -3.66 16.06 37.25
C GLY D 31 -2.64 15.25 36.46
N ILE D 32 -1.73 15.94 35.79
CA ILE D 32 -0.63 15.27 35.10
C ILE D 32 0.58 15.22 36.03
N PRO D 33 1.03 14.02 36.42
CA PRO D 33 2.17 13.91 37.35
C PRO D 33 3.45 14.59 36.84
N VAL D 34 4.15 15.30 37.71
CA VAL D 34 5.41 15.95 37.35
C VAL D 34 6.49 15.63 38.37
N THR D 35 7.76 15.82 37.97
CA THR D 35 8.86 15.77 38.92
C THR D 35 8.76 17.01 39.79
N ASN D 36 8.91 16.83 41.09
CA ASN D 36 8.66 17.89 42.05
C ASN D 36 9.76 18.95 41.97
N ILE D 37 9.39 20.22 42.09
CA ILE D 37 10.36 21.31 41.96
C ILE D 37 10.02 22.53 42.78
N ARG D 38 11.04 23.34 43.04
CA ARG D 38 10.85 24.71 43.51
C ARG D 38 11.96 25.56 42.93
N LEU D 39 11.68 26.85 42.81
CA LEU D 39 12.58 27.80 42.19
C LEU D 39 13.37 28.57 43.25
N ALA D 40 14.69 28.53 43.11
CA ALA D 40 15.59 29.16 44.07
C ALA D 40 15.60 30.67 43.94
N LYS D 41 15.43 31.37 45.07
CA LYS D 41 15.54 32.82 45.08
C LYS D 41 16.93 33.24 45.57
N SER D 42 17.70 32.28 46.05
CA SER D 42 19.11 32.46 46.41
C SER D 42 19.73 31.09 46.59
N GLU D 43 20.93 31.03 47.15
CA GLU D 43 21.49 29.75 47.55
C GLU D 43 20.78 29.28 48.81
N GLU D 44 20.57 30.20 49.74
CA GLU D 44 19.98 29.86 51.04
C GLU D 44 18.57 29.30 50.85
N GLU D 45 17.80 29.94 50.00
CA GLU D 45 16.44 29.49 49.72
C GLU D 45 16.52 28.13 49.04
N ALA D 46 17.46 28.02 48.09
CA ALA D 46 17.66 26.80 47.29
C ALA D 46 18.03 25.58 48.09
N VAL D 47 19.02 25.75 48.96
CA VAL D 47 19.55 24.65 49.74
C VAL D 47 18.47 24.13 50.66
N ASN D 48 17.76 25.06 51.28
CA ASN D 48 16.64 24.71 52.14
C ASN D 48 15.53 24.13 51.27
N PHE D 49 15.33 24.71 50.09
CA PHE D 49 14.36 24.18 49.16
C PHE D 49 14.80 22.78 48.75
N SER D 50 16.11 22.63 48.50
CA SER D 50 16.68 21.33 48.17
C SER D 50 16.50 20.42 49.37
N ARG D 51 16.69 20.98 50.55
CA ARG D 51 16.39 20.29 51.82
C ARG D 51 14.91 19.95 51.90
N GLU D 52 14.07 20.83 51.33
CA GLU D 52 12.62 20.71 51.44
C GLU D 52 11.99 19.60 50.59
N ILE D 53 12.39 19.47 49.33
CA ILE D 53 11.75 18.52 48.41
C ILE D 53 12.39 17.11 48.40
N GLY D 54 13.62 16.99 48.88
CA GLY D 54 14.33 15.72 48.91
C GLY D 54 15.48 15.56 47.94
N PHE D 55 16.47 14.75 48.34
CA PHE D 55 17.72 14.58 47.61
C PHE D 55 17.84 13.26 46.83
N PRO D 56 18.69 13.23 45.78
CA PRO D 56 19.53 14.34 45.34
C PRO D 56 18.73 15.35 44.54
N VAL D 57 19.37 16.49 44.26
CA VAL D 57 18.70 17.57 43.57
C VAL D 57 19.58 18.11 42.46
N VAL D 58 18.94 18.60 41.40
CA VAL D 58 19.61 19.22 40.26
C VAL D 58 19.24 20.70 40.11
N LEU D 59 20.19 21.49 39.60
CA LEU D 59 20.00 22.93 39.42
C LEU D 59 20.06 23.28 37.93
N LYS D 60 19.36 24.34 37.53
CA LYS D 60 19.29 24.76 36.13
C LYS D 60 19.45 26.28 36.03
N ILE D 61 18.76 26.92 35.08
CA ILE D 61 18.64 28.37 35.08
C ILE D 61 17.19 28.74 34.71
N VAL D 62 16.62 29.67 35.47
CA VAL D 62 15.25 30.15 35.20
C VAL D 62 15.21 31.65 35.01
N SER D 63 15.15 32.10 33.76
CA SER D 63 15.08 33.52 33.42
C SER D 63 14.29 33.68 32.14
N PRO D 64 13.45 34.74 32.04
CA PRO D 64 12.74 34.86 30.76
C PRO D 64 13.71 35.01 29.58
N GLN D 65 14.89 35.55 29.87
CA GLN D 65 15.95 35.67 28.87
C GLN D 65 16.60 34.29 28.86
N VAL D 66 16.88 33.75 27.67
CA VAL D 66 17.34 32.36 27.48
C VAL D 66 16.14 31.43 27.52
N VAL D 72 24.36 25.87 26.77
CA VAL D 72 24.93 27.13 27.24
C VAL D 72 25.77 26.90 28.51
N GLY D 73 25.52 25.80 29.21
CA GLY D 73 26.26 25.48 30.42
C GLY D 73 25.60 25.95 31.70
N GLY D 74 24.28 25.81 31.76
CA GLY D 74 23.51 26.28 32.90
C GLY D 74 22.85 25.16 33.69
N VAL D 75 23.40 23.95 33.60
CA VAL D 75 22.79 22.78 34.25
C VAL D 75 23.82 22.02 35.11
N LYS D 76 23.38 21.55 36.28
CA LYS D 76 24.23 20.77 37.19
C LYS D 76 23.64 19.38 37.40
N VAL D 77 24.17 18.63 38.37
CA VAL D 77 23.72 17.26 38.64
C VAL D 77 24.07 16.80 40.08
N ASN D 78 23.25 15.89 40.60
CA ASN D 78 23.53 15.17 41.86
C ASN D 78 24.14 15.99 42.98
N LEU D 79 23.33 16.84 43.61
CA LEU D 79 23.76 17.52 44.82
C LEU D 79 23.27 16.70 46.01
N ARG D 80 24.23 16.13 46.75
CA ARG D 80 23.94 15.11 47.74
C ARG D 80 23.67 15.68 49.11
N SER D 81 24.32 16.80 49.40
CA SER D 81 24.36 17.29 50.76
C SER D 81 24.04 18.76 50.80
N GLU D 82 23.39 19.14 51.88
CA GLU D 82 22.89 20.49 52.09
C GLU D 82 24.05 21.47 52.27
N GLU D 83 25.14 20.99 52.85
CA GLU D 83 26.37 21.75 52.92
C GLU D 83 27.03 21.83 51.53
N GLU D 84 26.97 20.73 50.79
CA GLU D 84 27.56 20.64 49.45
C GLU D 84 26.89 21.53 48.41
N VAL D 85 25.59 21.75 48.57
CA VAL D 85 24.76 22.41 47.56
C VAL D 85 25.37 23.74 47.14
N ARG D 86 25.95 24.42 48.11
CA ARG D 86 26.50 25.76 47.93
C ARG D 86 27.48 25.92 46.77
N LYS D 87 28.27 24.90 46.48
CA LYS D 87 29.22 25.00 45.38
C LYS D 87 28.55 25.22 44.01
N ALA D 88 27.51 24.46 43.68
CA ALA D 88 26.97 24.47 42.31
C ALA D 88 26.19 25.73 41.87
N TYR D 89 25.44 26.35 42.78
CA TYR D 89 24.69 27.57 42.45
C TYR D 89 25.60 28.70 42.02
N ARG D 90 26.62 28.95 42.82
CA ARG D 90 27.51 30.05 42.57
C ARG D 90 28.17 29.81 41.23
N GLU D 91 28.55 28.56 41.01
CA GLU D 91 29.20 28.14 39.79
C GLU D 91 28.33 28.43 38.56
N ILE D 92 27.02 28.25 38.67
CA ILE D 92 26.13 28.58 37.56
C ILE D 92 26.09 30.08 37.33
N ILE D 93 25.84 30.85 38.38
CA ILE D 93 25.81 32.30 38.27
C ILE D 93 27.20 32.80 37.94
N GLU D 94 28.20 31.97 38.24
CA GLU D 94 29.57 32.24 37.87
C GLU D 94 29.75 31.85 36.41
N ASN D 95 29.14 30.72 36.04
CA ASN D 95 29.16 30.24 34.65
C ASN D 95 28.40 31.15 33.69
N VAL D 96 27.24 31.66 34.11
CA VAL D 96 26.38 32.40 33.19
C VAL D 96 27.03 33.71 32.74
N LYS D 97 27.55 34.49 33.69
CA LYS D 97 28.06 35.82 33.39
C LYS D 97 29.25 35.80 32.44
N ARG D 98 30.17 34.86 32.65
CA ARG D 98 31.35 34.77 31.81
C ARG D 98 30.95 34.36 30.38
N ASN D 99 30.02 33.40 30.27
CA ASN D 99 29.49 32.99 28.97
C ASN D 99 28.44 33.92 28.33
N VAL D 100 27.55 34.49 29.15
CA VAL D 100 26.48 35.37 28.65
C VAL D 100 26.15 36.50 29.64
N PRO D 101 26.14 37.76 29.18
CA PRO D 101 26.09 38.88 30.13
C PRO D 101 24.74 39.24 30.77
N ASN D 102 23.66 39.35 30.01
CA ASN D 102 22.44 39.99 30.53
C ASN D 102 21.21 39.10 30.65
N ALA D 103 20.51 39.22 31.77
CA ALA D 103 19.21 38.60 31.97
C ALA D 103 18.59 38.94 33.33
N GLU D 104 17.26 38.97 33.37
CA GLU D 104 16.50 39.06 34.62
C GLU D 104 16.37 37.64 35.11
N ILE D 105 17.05 37.31 36.22
CA ILE D 105 17.09 35.93 36.68
C ILE D 105 16.03 35.76 37.77
N GLU D 106 14.95 35.06 37.45
CA GLU D 106 13.90 34.81 38.43
C GLU D 106 14.47 33.88 39.49
N GLY D 107 15.49 33.12 39.10
CA GLY D 107 16.19 32.25 40.02
C GLY D 107 16.77 31.04 39.35
N ILE D 108 17.15 30.06 40.17
CA ILE D 108 17.67 28.79 39.70
C ILE D 108 16.70 27.69 40.12
N LEU D 109 16.40 26.78 39.22
CA LEU D 109 15.41 25.77 39.52
C LEU D 109 16.01 24.69 40.39
N VAL D 110 15.33 24.33 41.46
CA VAL D 110 15.73 23.22 42.31
C VAL D 110 14.81 22.06 41.88
N GLN D 111 15.38 21.09 41.18
CA GLN D 111 14.58 20.02 40.58
C GLN D 111 14.76 18.65 41.22
N GLU D 112 13.66 17.93 41.37
CA GLU D 112 13.68 16.56 41.86
C GLU D 112 14.31 15.63 40.85
N PHE D 113 15.09 14.67 41.35
CA PHE D 113 15.69 13.63 40.53
C PHE D 113 14.66 12.64 39.99
N ALA D 114 14.80 12.27 38.72
CA ALA D 114 13.90 11.34 38.05
C ALA D 114 14.64 10.05 37.65
N PRO D 115 14.20 8.89 38.19
CA PRO D 115 14.83 7.62 37.79
C PRO D 115 14.77 7.39 36.27
N PRO D 116 15.71 6.61 35.72
CA PRO D 116 15.64 6.32 34.28
C PRO D 116 14.44 5.43 33.95
N GLY D 117 13.92 5.60 32.74
CA GLY D 117 12.78 4.81 32.28
C GLY D 117 12.61 4.94 30.78
N VAL D 118 11.42 4.59 30.29
CA VAL D 118 11.10 4.75 28.87
C VAL D 118 10.62 6.16 28.63
N GLU D 119 11.34 6.90 27.80
CA GLU D 119 11.01 8.29 27.52
C GLU D 119 9.86 8.40 26.52
N LEU D 120 8.96 9.35 26.77
CA LEU D 120 7.80 9.60 25.91
C LEU D 120 7.73 11.05 25.48
N ILE D 121 6.93 11.30 24.45
CA ILE D 121 6.63 12.66 24.01
C ILE D 121 5.12 12.81 23.96
N ILE D 122 4.62 13.86 24.61
CA ILE D 122 3.22 14.23 24.52
C ILE D 122 3.16 15.69 24.10
N GLY D 123 2.48 15.96 23.00
CA GLY D 123 2.43 17.29 22.42
C GLY D 123 1.02 17.82 22.29
N LEU D 124 0.94 19.15 22.20
CA LEU D 124 -0.33 19.82 21.98
C LEU D 124 -0.08 20.92 20.97
N LEU D 125 -0.78 20.86 19.84
CA LEU D 125 -0.68 21.89 18.81
C LEU D 125 -2.08 22.32 18.40
N ARG D 126 -2.16 23.44 17.68
CA ARG D 126 -3.44 23.91 17.17
C ARG D 126 -3.45 23.88 15.65
N ASP D 127 -4.19 22.92 15.10
CA ASP D 127 -4.32 22.80 13.66
C ASP D 127 -5.41 23.77 13.17
N PRO D 128 -5.15 24.50 12.07
CA PRO D 128 -6.13 25.48 11.58
C PRO D 128 -7.52 24.86 11.35
N GLN D 129 -7.54 23.66 10.79
CA GLN D 129 -8.82 23.00 10.50
C GLN D 129 -9.47 22.46 11.75
N PHE D 130 -8.72 21.68 12.52
CA PHE D 130 -9.32 20.86 13.57
C PHE D 130 -9.09 21.38 14.99
N GLY D 131 -8.41 22.51 15.12
CA GLY D 131 -8.16 23.11 16.43
C GLY D 131 -7.20 22.28 17.25
N PRO D 132 -7.37 22.27 18.59
CA PRO D 132 -6.40 21.58 19.46
C PRO D 132 -6.25 20.09 19.15
N THR D 133 -5.00 19.68 18.92
CA THR D 133 -4.68 18.31 18.55
C THR D 133 -3.56 17.79 19.45
N VAL D 134 -3.74 16.57 19.97
CA VAL D 134 -2.73 15.94 20.81
C VAL D 134 -1.82 15.04 19.96
N MET D 135 -0.53 15.12 20.21
CA MET D 135 0.47 14.27 19.56
C MET D 135 1.13 13.35 20.57
N PHE D 136 1.47 12.14 20.12
CA PHE D 136 2.13 11.16 20.98
C PHE D 136 3.24 10.46 20.20
N GLY D 137 4.24 9.98 20.93
CA GLY D 137 5.34 9.26 20.35
C GLY D 137 6.36 8.96 21.42
N LEU D 138 7.25 8.01 21.15
CA LEU D 138 8.31 7.69 22.11
C LEU D 138 9.50 8.63 21.94
N GLY D 139 10.19 8.91 23.05
CA GLY D 139 11.23 9.92 23.06
C GLY D 139 12.48 9.46 22.35
N GLY D 140 13.52 10.28 22.42
CA GLY D 140 14.78 9.99 21.76
C GLY D 140 14.70 10.16 20.25
N VAL D 141 15.30 9.21 19.54
CA VAL D 141 15.37 9.27 18.08
C VAL D 141 14.02 9.00 17.41
N PHE D 142 13.10 8.42 18.15
CA PHE D 142 11.88 7.94 17.55
C PHE D 142 10.92 9.04 17.11
N VAL D 143 11.10 10.28 17.58
CA VAL D 143 10.34 11.41 17.03
C VAL D 143 11.28 12.41 16.39
N GLU D 144 12.41 12.69 17.03
CA GLU D 144 13.37 13.67 16.51
C GLU D 144 13.92 13.25 15.15
N LEU D 145 14.09 11.94 14.96
CA LEU D 145 14.75 11.43 13.77
C LEU D 145 13.79 10.73 12.81
N PHE D 146 13.10 9.71 13.30
CA PHE D 146 12.19 8.91 12.47
C PHE D 146 10.81 9.56 12.28
N ARG D 147 10.46 10.51 13.14
CA ARG D 147 9.16 11.18 13.08
C ARG D 147 8.01 10.18 13.25
N ASP D 148 8.17 9.23 14.16
CA ASP D 148 7.15 8.23 14.44
C ASP D 148 6.19 8.77 15.52
N VAL D 149 5.17 9.49 15.06
CA VAL D 149 4.19 10.08 15.97
C VAL D 149 2.77 9.77 15.52
N SER D 150 1.83 9.91 16.45
CA SER D 150 0.42 9.77 16.15
C SER D 150 -0.34 11.02 16.59
N PHE D 151 -1.49 11.28 15.98
CA PHE D 151 -2.29 12.45 16.26
C PHE D 151 -3.74 12.09 16.54
N ARG D 152 -4.35 12.82 17.48
CA ARG D 152 -5.78 12.74 17.72
C ARG D 152 -6.31 14.14 18.02
N VAL D 153 -7.47 14.47 17.46
CA VAL D 153 -8.09 15.77 17.68
C VAL D 153 -8.85 15.77 19.00
N ALA D 154 -8.58 16.76 19.85
CA ALA D 154 -9.19 16.86 21.17
C ALA D 154 -10.63 17.40 21.08
N PRO D 155 -11.49 17.05 22.06
CA PRO D 155 -11.19 16.26 23.26
C PRO D 155 -11.03 14.78 22.99
N LEU D 156 -10.14 14.14 23.73
CA LEU D 156 -9.84 12.72 23.54
C LEU D 156 -10.70 11.81 24.42
N SER D 157 -11.31 10.81 23.80
CA SER D 157 -11.95 9.74 24.54
C SER D 157 -10.89 8.75 24.97
N GLU D 158 -11.24 7.84 25.87
CA GLU D 158 -10.31 6.79 26.30
C GLU D 158 -9.93 5.91 25.10
N GLN D 159 -10.87 5.74 24.18
CA GLN D 159 -10.64 4.96 22.97
C GLN D 159 -9.59 5.62 22.09
N ASP D 160 -9.70 6.93 21.93
CA ASP D 160 -8.74 7.71 21.15
C ASP D 160 -7.34 7.55 21.75
N ALA D 161 -7.25 7.74 23.06
CA ALA D 161 -5.97 7.65 23.76
C ALA D 161 -5.34 6.27 23.55
N GLU D 162 -6.11 5.22 23.81
CA GLU D 162 -5.59 3.87 23.73
C GLU D 162 -5.08 3.55 22.35
N SER D 163 -5.84 3.93 21.32
CA SER D 163 -5.49 3.55 19.95
C SER D 163 -4.31 4.36 19.38
N MET D 164 -4.19 5.62 19.75
CA MET D 164 -3.09 6.44 19.22
C MET D 164 -1.77 5.98 19.81
N ILE D 165 -1.83 5.35 20.99
CA ILE D 165 -0.64 4.79 21.59
C ILE D 165 -0.18 3.57 20.80
N LYS D 166 -1.13 2.72 20.40
CA LYS D 166 -0.80 1.50 19.66
C LYS D 166 -0.49 1.78 18.19
N GLU D 167 -0.90 2.94 17.70
CA GLU D 167 -0.61 3.36 16.33
C GLU D 167 0.89 3.41 16.03
N VAL D 168 1.68 4.02 16.92
CA VAL D 168 3.10 4.25 16.64
C VAL D 168 3.85 2.96 16.47
N LYS D 169 4.86 2.99 15.60
CA LYS D 169 5.63 1.80 15.26
C LYS D 169 6.56 1.39 16.39
N ALA D 170 6.84 2.32 17.30
CA ALA D 170 7.70 2.07 18.45
C ALA D 170 6.90 1.58 19.66
N TYR D 171 5.62 1.30 19.46
CA TYR D 171 4.74 0.86 20.55
C TYR D 171 5.35 -0.25 21.41
N LYS D 172 6.02 -1.20 20.77
CA LYS D 172 6.57 -2.36 21.48
C LYS D 172 7.56 -1.98 22.58
N LEU D 173 8.03 -0.74 22.56
CA LEU D 173 8.93 -0.27 23.62
C LEU D 173 8.16 -0.04 24.93
N LEU D 174 6.84 -0.22 24.89
CA LEU D 174 6.00 -0.02 26.05
C LEU D 174 5.55 -1.34 26.64
N THR D 175 5.68 -2.40 25.85
CA THR D 175 5.17 -3.72 26.22
C THR D 175 6.28 -4.65 26.71
N GLY D 176 7.40 -4.08 27.15
CA GLY D 176 8.48 -4.87 27.69
C GLY D 176 9.47 -5.34 26.63
N PHE D 177 10.76 -5.17 26.92
CA PHE D 177 11.83 -5.61 26.04
C PHE D 177 13.11 -5.78 26.83
N ARG D 178 14.21 -6.12 26.14
CA ARG D 178 15.49 -6.41 26.79
C ARG D 178 15.88 -5.38 27.86
N GLY D 179 15.86 -5.82 29.11
CA GLY D 179 16.28 -4.98 30.21
C GLY D 179 15.27 -3.91 30.57
N MET D 180 14.01 -4.13 30.19
CA MET D 180 12.97 -3.14 30.46
C MET D 180 11.60 -3.78 30.56
N GLU D 181 10.99 -3.70 31.74
CA GLU D 181 9.66 -4.26 31.95
C GLU D 181 8.61 -3.34 31.34
N PRO D 182 7.41 -3.88 31.07
CA PRO D 182 6.30 -3.08 30.50
C PRO D 182 5.92 -1.90 31.37
N VAL D 183 5.44 -0.83 30.76
CA VAL D 183 5.07 0.39 31.51
C VAL D 183 3.56 0.58 31.61
N ASP D 184 3.17 1.49 32.50
CA ASP D 184 1.78 1.76 32.80
C ASP D 184 1.11 2.50 31.65
N ILE D 185 0.42 1.76 30.78
CA ILE D 185 -0.26 2.35 29.64
C ILE D 185 -1.45 3.18 30.09
N GLU D 186 -2.10 2.76 31.16
CA GLU D 186 -3.26 3.50 31.68
C GLU D 186 -2.87 4.92 32.09
N ALA D 187 -1.70 5.08 32.69
CA ALA D 187 -1.25 6.41 33.11
C ALA D 187 -0.98 7.29 31.91
N ILE D 188 -0.49 6.69 30.82
CA ILE D 188 -0.25 7.43 29.59
C ILE D 188 -1.55 7.90 28.98
N LYS D 189 -2.53 6.99 28.91
CA LYS D 189 -3.85 7.33 28.41
C LYS D 189 -4.42 8.48 29.20
N ASP D 190 -4.28 8.40 30.53
CA ASP D 190 -4.78 9.46 31.41
C ASP D 190 -4.13 10.79 31.02
N ALA D 191 -2.80 10.80 30.91
CA ALA D 191 -2.07 12.03 30.58
C ALA D 191 -2.48 12.61 29.21
N LEU D 192 -2.65 11.74 28.21
CA LEU D 192 -3.03 12.20 26.87
C LEU D 192 -4.38 12.89 26.87
N ILE D 193 -5.33 12.39 27.66
CA ILE D 193 -6.67 12.96 27.72
C ILE D 193 -6.65 14.32 28.43
N ARG D 194 -5.84 14.44 29.46
CA ARG D 194 -5.75 15.68 30.22
C ARG D 194 -5.00 16.72 29.40
N ALA D 195 -4.05 16.27 28.59
CA ALA D 195 -3.35 17.16 27.67
C ALA D 195 -4.33 17.79 26.70
N GLY D 196 -5.19 16.97 26.12
CA GLY D 196 -6.21 17.44 25.21
C GLY D 196 -7.16 18.41 25.91
N ARG D 197 -7.48 18.13 27.17
CA ARG D 197 -8.34 19.00 27.94
C ARG D 197 -7.72 20.39 28.14
N ILE D 198 -6.41 20.43 28.39
CA ILE D 198 -5.69 21.70 28.54
C ILE D 198 -5.82 22.56 27.30
N GLY D 199 -5.78 21.92 26.14
CA GLY D 199 -5.84 22.64 24.87
C GLY D 199 -7.22 23.19 24.58
N VAL D 200 -8.23 22.37 24.84
CA VAL D 200 -9.61 22.77 24.59
C VAL D 200 -10.00 23.95 25.46
N GLU D 201 -9.62 23.92 26.73
CA GLU D 201 -10.08 24.90 27.71
C GLU D 201 -9.34 26.24 27.69
N ASN D 202 -8.03 26.19 27.45
CA ASN D 202 -7.20 27.39 27.48
C ASN D 202 -6.88 27.93 26.10
N GLU D 203 -7.71 28.86 25.63
CA GLU D 203 -7.55 29.41 24.29
C GLU D 203 -6.19 30.11 24.12
N GLU D 204 -5.64 30.59 25.24
CA GLU D 204 -4.40 31.38 25.23
C GLU D 204 -3.14 30.52 25.12
N ILE D 205 -3.28 29.21 25.07
CA ILE D 205 -2.13 28.31 24.87
C ILE D 205 -2.01 27.96 23.39
N ALA D 206 -0.87 28.30 22.79
CA ALA D 206 -0.65 28.09 21.36
C ALA D 206 -0.09 26.71 21.07
N GLU D 207 0.73 26.20 21.98
CA GLU D 207 1.30 24.86 21.84
C GLU D 207 1.92 24.43 23.16
N MET D 208 2.04 23.12 23.34
CA MET D 208 2.60 22.58 24.57
C MET D 208 3.40 21.30 24.31
N ASP D 209 4.60 21.27 24.87
CA ASP D 209 5.51 20.15 24.70
C ASP D 209 5.86 19.54 26.05
N LEU D 210 5.44 18.29 26.23
CA LEU D 210 5.83 17.52 27.41
C LEU D 210 6.97 16.61 27.00
N ASN D 211 8.20 17.06 27.26
CA ASN D 211 9.37 16.38 26.73
C ASN D 211 10.62 16.68 27.55
N PRO D 212 11.21 15.66 28.20
CA PRO D 212 10.80 14.24 28.18
C PRO D 212 9.74 13.89 29.22
N VAL D 213 8.95 12.87 28.92
CA VAL D 213 8.03 12.25 29.88
C VAL D 213 8.51 10.82 30.07
N ILE D 214 8.73 10.43 31.32
CA ILE D 214 9.27 9.11 31.61
C ILE D 214 8.14 8.18 32.08
N ALA D 215 8.13 6.96 31.57
CA ALA D 215 7.10 5.98 31.88
C ALA D 215 7.66 4.83 32.71
N TYR D 216 7.00 4.55 33.83
CA TYR D 216 7.43 3.50 34.74
C TYR D 216 6.36 2.40 34.79
N PRO D 217 6.72 1.23 35.35
CA PRO D 217 5.74 0.16 35.52
C PRO D 217 4.45 0.65 36.17
N LYS D 218 4.55 1.65 37.04
CA LYS D 218 3.36 2.28 37.60
C LYS D 218 3.51 3.80 37.62
N GLY D 219 2.65 4.46 36.85
CA GLY D 219 2.65 5.91 36.75
C GLY D 219 3.69 6.43 35.75
N ILE D 220 3.65 7.74 35.54
CA ILE D 220 4.60 8.43 34.67
C ILE D 220 5.02 9.75 35.32
N LYS D 221 6.06 10.38 34.79
CA LYS D 221 6.53 11.68 35.31
C LYS D 221 6.91 12.60 34.17
N VAL D 222 6.30 13.77 34.12
CA VAL D 222 6.76 14.82 33.21
C VAL D 222 8.02 15.43 33.81
N VAL D 223 9.12 15.42 33.06
CA VAL D 223 10.39 15.95 33.56
C VAL D 223 10.60 17.38 33.10
N ASP D 224 10.21 17.68 31.87
CA ASP D 224 10.28 19.04 31.35
C ASP D 224 9.01 19.37 30.60
N ALA D 225 8.52 20.59 30.79
CA ALA D 225 7.28 21.03 30.17
C ALA D 225 7.47 22.41 29.55
N ARG D 226 6.97 22.55 28.33
CA ARG D 226 7.10 23.76 27.55
C ARG D 226 5.72 24.25 27.15
N ILE D 227 5.35 25.46 27.56
CA ILE D 227 4.04 26.03 27.20
C ILE D 227 4.17 27.40 26.55
N ILE D 228 3.86 27.46 25.25
CA ILE D 228 3.90 28.70 24.50
C ILE D 228 2.54 29.39 24.52
N LEU D 229 2.54 30.71 24.59
CA LEU D 229 1.32 31.49 24.69
C LEU D 229 0.98 32.22 23.39
N ARG D 230 -0.15 32.91 23.40
CA ARG D 230 -0.57 33.72 22.26
C ARG D 230 -1.62 34.71 22.71
#